data_6MCP
#
_entry.id   6MCP
#
_cell.length_a   106.860
_cell.length_b   112.430
_cell.length_c   155.220
_cell.angle_alpha   90.000
_cell.angle_beta   105.580
_cell.angle_gamma   90.000
#
_symmetry.space_group_name_H-M   'C 1 2 1'
#
loop_
_entity.id
_entity.type
_entity.pdbx_description
1 polymer LegK7
2 polymer 'MOB kinase activator 1A'
3 non-polymer 'TETRAETHYLENE GLYCOL'
4 non-polymer DI(HYDROXYETHYL)ETHER
5 non-polymer 'HEXAETHYLENE GLYCOL'
6 non-polymer 'ZINC ION'
7 non-polymer 'MANGANESE (II) ION'
8 non-polymer 'PHOSPHOAMINOPHOSPHONIC ACID-ADENYLATE ESTER'
9 water water
#
loop_
_entity_poly.entity_id
_entity_poly.type
_entity_poly.pdbx_seq_one_letter_code
_entity_poly.pdbx_strand_id
1 'polypeptide(L)'
;SNAKNTMPLVIAYNNAPEDDKIQKLFYLQKINYLLNKTQLNDDLFDWINDAEEGGWLNELAKFSINPNASFFLKGMQFAK
AITEEIKNKPEINSSEVNIYHLMQERDQLLKEVEFEKCATRYAEINFLLNELALNDKKTKEIVERQTEILRLVAPKIKAI
KGESIDNLPVIPSYKTKELGNHVNNFNFKFTMSGWEAPFVFRVEDRHELGKEQELHSYGVSKYFIEDYSVFMMRFKAEDG
STVYKPVILSQFANQNNLEEIAKQLKDGSPKNIAPRIGYYFVQLTDFCLKLIETHNYHPDIKLNNFLVHNNRVLVSDRKT
FTTNDNPLASEILTSPLFAPDEFLKCLLFNKEGDPVGYNRNALWKRMNMPQFMAYQLGMALKQFLILTQLDELPDDFRNP
DHSAVSHFKTPSRQIINLSLLVQELTRLDPDKRMTIKQFQTLLNFKNLPPDAFYQKVEEVFPSSQLGIAEDIEALNKVLN
SDLKGEALLKQANPVFTKLSKYDPKETRLTRLAEKLAIRCFNN
;
A,C
2 'polypeptide(L)'
;SNAEATLGSGNLRQAVMLPEGEDLNEWIAVNTVDFFNQINMLYGTITEFCTEASCPVMSAGPRYEYHWADGTNIKKPIKC
SAPKYIDYLMTWVQDQLDDETLFPSKIGVPFPKNFMSVAKTILKRLFRVYAHIYHQHFDSVMQLQEEAHLNTSFKHFIFF
VQEFNLIDRRELAPLQELIEKLGSKDR
;
B,D
#
loop_
_chem_comp.id
_chem_comp.type
_chem_comp.name
_chem_comp.formula
ANP non-polymer 'PHOSPHOAMINOPHOSPHONIC ACID-ADENYLATE ESTER' 'C10 H17 N6 O12 P3'
MN non-polymer 'MANGANESE (II) ION' 'Mn 2'
P6G non-polymer 'HEXAETHYLENE GLYCOL' 'C12 H26 O7'
PEG non-polymer DI(HYDROXYETHYL)ETHER 'C4 H10 O3'
PG4 non-polymer 'TETRAETHYLENE GLYCOL' 'C8 H18 O5'
ZN non-polymer 'ZINC ION' 'Zn 2'
#
# COMPACT_ATOMS: atom_id res chain seq x y z
N ALA A 3 -31.62 -16.79 -3.98
CA ALA A 3 -32.15 -16.72 -5.33
C ALA A 3 -33.41 -15.85 -5.39
N LYS A 4 -33.27 -14.60 -4.94
CA LYS A 4 -34.35 -13.60 -5.00
C LYS A 4 -35.58 -14.06 -4.21
N ASN A 5 -35.36 -14.44 -2.95
CA ASN A 5 -36.41 -14.87 -2.04
C ASN A 5 -37.06 -13.72 -1.29
N THR A 6 -36.80 -12.47 -1.69
CA THR A 6 -37.28 -11.29 -1.00
C THR A 6 -38.67 -10.84 -1.41
N MET A 7 -39.29 -11.50 -2.40
CA MET A 7 -40.53 -10.96 -2.96
C MET A 7 -41.71 -10.97 -1.99
N PRO A 8 -41.88 -11.95 -1.09
CA PRO A 8 -42.95 -11.81 -0.09
C PRO A 8 -42.77 -10.64 0.87
N LEU A 9 -41.54 -10.16 1.08
CA LEU A 9 -41.37 -9.01 1.96
C LEU A 9 -41.55 -7.69 1.24
N VAL A 10 -41.30 -7.63 -0.06
CA VAL A 10 -41.66 -6.45 -0.83
C VAL A 10 -43.19 -6.30 -0.82
N ILE A 11 -43.90 -7.42 -0.91
CA ILE A 11 -45.37 -7.38 -0.88
C ILE A 11 -45.86 -6.87 0.48
N ALA A 12 -45.27 -7.38 1.56
CA ALA A 12 -45.72 -6.97 2.89
C ALA A 12 -45.41 -5.50 3.13
N TYR A 13 -44.24 -5.05 2.69
CA TYR A 13 -43.91 -3.63 2.78
C TYR A 13 -44.92 -2.77 2.04
N ASN A 14 -45.25 -3.16 0.80
CA ASN A 14 -46.20 -2.37 0.03
C ASN A 14 -47.57 -2.38 0.68
N ASN A 15 -47.96 -3.52 1.27
CA ASN A 15 -49.28 -3.66 1.88
C ASN A 15 -49.35 -3.03 3.27
N ALA A 16 -48.23 -2.69 3.86
CA ALA A 16 -48.25 -2.07 5.18
C ALA A 16 -48.85 -0.67 5.08
N PRO A 17 -49.71 -0.28 6.03
CA PRO A 17 -50.20 1.11 6.04
C PRO A 17 -49.02 2.05 6.23
N GLU A 18 -49.16 3.26 5.69
CA GLU A 18 -48.00 4.14 5.69
C GLU A 18 -47.98 5.08 6.89
N ASP A 19 -48.97 5.00 7.77
CA ASP A 19 -48.81 5.50 9.13
C ASP A 19 -47.88 4.61 9.95
N ASP A 20 -47.79 3.33 9.62
CA ASP A 20 -47.00 2.35 10.37
C ASP A 20 -45.63 2.18 9.71
N LYS A 21 -44.83 3.25 9.78
CA LYS A 21 -43.51 3.21 9.18
C LYS A 21 -42.52 2.37 9.96
N ILE A 22 -42.83 1.99 11.20
CA ILE A 22 -41.99 1.00 11.88
C ILE A 22 -42.10 -0.35 11.19
N GLN A 23 -43.31 -0.75 10.82
CA GLN A 23 -43.48 -1.99 10.06
C GLN A 23 -42.78 -1.89 8.71
N LYS A 24 -42.83 -0.71 8.07
CA LYS A 24 -42.10 -0.51 6.84
C LYS A 24 -40.60 -0.71 7.05
N LEU A 25 -40.05 -0.07 8.08
CA LEU A 25 -38.62 -0.19 8.34
C LEU A 25 -38.23 -1.61 8.73
N PHE A 26 -39.11 -2.33 9.43
CA PHE A 26 -38.81 -3.72 9.78
C PHE A 26 -38.63 -4.57 8.53
N TYR A 27 -39.46 -4.35 7.50
CA TYR A 27 -39.34 -5.17 6.29
C TYR A 27 -38.18 -4.70 5.41
N LEU A 28 -37.82 -3.42 5.46
CA LEU A 28 -36.62 -2.99 4.76
C LEU A 28 -35.37 -3.61 5.36
N GLN A 29 -35.30 -3.69 6.69
CA GLN A 29 -34.14 -4.29 7.33
C GLN A 29 -34.17 -5.81 7.18
N LYS A 30 -35.36 -6.40 7.15
CA LYS A 30 -35.48 -7.83 6.91
C LYS A 30 -34.99 -8.20 5.51
N ILE A 31 -35.39 -7.42 4.51
CA ILE A 31 -34.91 -7.65 3.15
C ILE A 31 -33.41 -7.45 3.09
N ASN A 32 -32.90 -6.41 3.73
CA ASN A 32 -31.47 -6.14 3.73
C ASN A 32 -30.70 -7.27 4.40
N TYR A 33 -31.25 -7.85 5.46
CA TYR A 33 -30.59 -8.97 6.11
C TYR A 33 -30.51 -10.18 5.19
N LEU A 34 -31.45 -10.29 4.26
CA LEU A 34 -31.51 -11.43 3.36
C LEU A 34 -30.69 -11.21 2.09
N LEU A 35 -30.53 -9.97 1.63
CA LEU A 35 -29.68 -9.75 0.47
C LEU A 35 -28.23 -10.03 0.81
N ASN A 36 -27.84 -9.84 2.07
CA ASN A 36 -26.49 -10.15 2.50
C ASN A 36 -26.22 -11.64 2.53
N LYS A 37 -27.26 -12.46 2.55
CA LYS A 37 -27.12 -13.91 2.53
C LYS A 37 -27.37 -14.50 1.14
N THR A 38 -27.54 -13.66 0.12
CA THR A 38 -28.01 -14.11 -1.19
C THR A 38 -26.95 -13.88 -2.24
N GLN A 39 -26.66 -14.91 -3.02
CA GLN A 39 -25.80 -14.75 -4.19
C GLN A 39 -26.55 -13.93 -5.23
N LEU A 40 -25.87 -12.93 -5.79
CA LEU A 40 -26.49 -12.02 -6.74
C LEU A 40 -26.43 -12.58 -8.16
N ASN A 41 -27.55 -12.53 -8.86
CA ASN A 41 -27.52 -12.75 -10.30
C ASN A 41 -27.64 -11.39 -10.98
N ASP A 42 -27.75 -11.41 -12.31
CA ASP A 42 -27.77 -10.15 -13.07
C ASP A 42 -28.97 -9.28 -12.68
N ASP A 43 -30.14 -9.88 -12.52
CA ASP A 43 -31.34 -9.08 -12.28
C ASP A 43 -31.35 -8.52 -10.87
N LEU A 44 -30.98 -9.33 -9.87
CA LEU A 44 -30.99 -8.85 -8.49
C LEU A 44 -29.97 -7.72 -8.30
N PHE A 45 -28.90 -7.71 -9.08
CA PHE A 45 -27.93 -6.62 -9.00
C PHE A 45 -28.58 -5.30 -9.39
N ASP A 46 -29.31 -5.29 -10.51
CA ASP A 46 -29.94 -4.05 -10.96
C ASP A 46 -31.07 -3.63 -10.04
N TRP A 47 -31.68 -4.59 -9.34
CA TRP A 47 -32.74 -4.24 -8.39
C TRP A 47 -32.17 -3.53 -7.17
N ILE A 48 -31.11 -4.09 -6.57
CA ILE A 48 -30.50 -3.46 -5.41
C ILE A 48 -29.77 -2.18 -5.78
N ASN A 49 -29.60 -1.90 -7.08
CA ASN A 49 -28.97 -0.67 -7.54
C ASN A 49 -29.96 0.25 -8.27
N ASP A 50 -31.25 0.16 -7.93
CA ASP A 50 -32.28 0.99 -8.57
C ASP A 50 -32.46 2.28 -7.75
N ALA A 51 -32.09 3.42 -8.35
CA ALA A 51 -32.13 4.70 -7.67
C ALA A 51 -33.41 5.49 -7.92
N GLU A 52 -34.15 5.18 -8.99
CA GLU A 52 -35.38 5.88 -9.28
C GLU A 52 -36.52 5.35 -8.40
N GLU A 53 -37.62 6.11 -8.37
CA GLU A 53 -38.73 5.77 -7.48
C GLU A 53 -39.28 4.38 -7.81
N GLY A 54 -39.67 3.66 -6.76
CA GLY A 54 -39.96 2.25 -6.89
C GLY A 54 -38.75 1.35 -6.71
N GLY A 55 -37.57 1.93 -6.51
CA GLY A 55 -36.35 1.15 -6.39
C GLY A 55 -35.90 1.00 -4.95
N TRP A 56 -35.06 -0.02 -4.74
CA TRP A 56 -34.54 -0.31 -3.41
C TRP A 56 -33.74 0.86 -2.85
N LEU A 57 -32.85 1.44 -3.65
CA LEU A 57 -32.03 2.54 -3.13
C LEU A 57 -32.85 3.78 -2.89
N ASN A 58 -33.80 4.09 -3.78
CA ASN A 58 -34.64 5.26 -3.61
C ASN A 58 -35.40 5.21 -2.28
N GLU A 59 -35.89 4.03 -1.91
CA GLU A 59 -36.69 3.91 -0.70
C GLU A 59 -35.83 3.94 0.56
N LEU A 60 -34.57 3.50 0.47
CA LEU A 60 -33.68 3.64 1.62
C LEU A 60 -33.26 5.09 1.81
N ALA A 61 -33.09 5.84 0.72
CA ALA A 61 -32.79 7.27 0.86
C ALA A 61 -33.91 8.01 1.57
N LYS A 62 -35.16 7.57 1.36
CA LYS A 62 -36.30 8.19 2.03
C LYS A 62 -36.15 8.14 3.54
N PHE A 63 -35.55 7.07 4.07
CA PHE A 63 -35.33 6.92 5.49
C PHE A 63 -33.92 7.31 5.93
N SER A 64 -33.17 8.00 5.05
CA SER A 64 -31.79 8.41 5.33
C SER A 64 -30.90 7.22 5.71
N ILE A 65 -31.03 6.13 4.96
CA ILE A 65 -30.26 4.91 5.20
C ILE A 65 -29.35 4.68 4.00
N ASN A 66 -28.04 4.53 4.28
CA ASN A 66 -27.05 4.40 3.22
C ASN A 66 -26.91 2.94 2.81
N PRO A 67 -27.17 2.58 1.56
CA PRO A 67 -27.07 1.17 1.15
C PRO A 67 -25.66 0.62 1.20
N ASN A 68 -24.66 1.49 1.10
CA ASN A 68 -23.27 1.09 1.08
C ASN A 68 -22.60 1.16 2.46
N ALA A 69 -23.39 1.42 3.51
CA ALA A 69 -22.84 1.55 4.85
C ALA A 69 -22.43 0.20 5.41
N SER A 70 -21.49 0.23 6.34
CA SER A 70 -21.04 -0.99 7.00
C SER A 70 -22.20 -1.62 7.75
N PHE A 71 -22.03 -2.89 8.11
CA PHE A 71 -23.10 -3.61 8.81
C PHE A 71 -23.52 -2.86 10.07
N PHE A 72 -22.54 -2.39 10.85
CA PHE A 72 -22.87 -1.73 12.10
C PHE A 72 -23.56 -0.38 11.86
N LEU A 73 -23.04 0.41 10.92
CA LEU A 73 -23.60 1.75 10.77
C LEU A 73 -24.94 1.70 10.04
N LYS A 74 -25.11 0.77 9.10
CA LYS A 74 -26.43 0.60 8.50
C LYS A 74 -27.44 0.16 9.54
N GLY A 75 -27.03 -0.65 10.50
CA GLY A 75 -27.93 -1.00 11.59
C GLY A 75 -28.31 0.20 12.45
N MET A 76 -27.34 1.08 12.73
CA MET A 76 -27.62 2.27 13.55
C MET A 76 -28.44 3.29 12.78
N GLN A 77 -28.33 3.31 11.45
CA GLN A 77 -29.17 4.21 10.66
C GLN A 77 -30.61 3.74 10.65
N PHE A 78 -30.83 2.42 10.59
CA PHE A 78 -32.16 1.88 10.80
C PHE A 78 -32.68 2.26 12.18
N ALA A 79 -31.84 2.11 13.21
CA ALA A 79 -32.25 2.41 14.57
C ALA A 79 -32.65 3.88 14.72
N LYS A 80 -31.96 4.77 14.03
CA LYS A 80 -32.32 6.18 14.08
C LYS A 80 -33.66 6.41 13.40
N ALA A 81 -33.88 5.79 12.23
CA ALA A 81 -35.13 5.99 11.52
C ALA A 81 -36.31 5.41 12.29
N ILE A 82 -36.12 4.24 12.91
CA ILE A 82 -37.21 3.62 13.66
C ILE A 82 -37.57 4.46 14.87
N THR A 83 -36.57 5.04 15.55
CA THR A 83 -36.83 5.83 16.75
C THR A 83 -37.59 7.12 16.44
N GLU A 84 -37.51 7.62 15.21
CA GLU A 84 -38.33 8.78 14.84
C GLU A 84 -39.81 8.45 14.79
N GLU A 85 -40.18 7.17 14.81
CA GLU A 85 -41.57 6.75 14.65
C GLU A 85 -42.17 6.12 15.90
N ILE A 86 -41.40 5.94 16.96
CA ILE A 86 -41.91 5.27 18.15
C ILE A 86 -42.63 6.28 19.04
N LYS A 87 -43.85 5.93 19.46
CA LYS A 87 -44.63 6.81 20.34
C LYS A 87 -44.58 6.40 21.80
N ASN A 88 -44.46 5.11 22.11
CA ASN A 88 -44.34 4.64 23.49
C ASN A 88 -42.87 4.41 23.78
N LYS A 89 -42.31 5.21 24.67
CA LYS A 89 -40.89 5.25 25.00
C LYS A 89 -40.58 4.20 26.06
N PRO A 90 -39.61 3.31 25.83
CA PRO A 90 -39.32 2.25 26.80
C PRO A 90 -38.61 2.81 28.02
N GLU A 91 -38.42 1.94 29.02
CA GLU A 91 -37.65 2.29 30.21
C GLU A 91 -36.19 2.54 29.83
N ILE A 92 -35.76 3.80 29.95
CA ILE A 92 -34.41 4.16 29.55
C ILE A 92 -33.43 3.65 30.59
N ASN A 93 -32.57 2.72 30.18
CA ASN A 93 -31.50 2.19 31.04
C ASN A 93 -30.28 1.95 30.16
N SER A 94 -29.37 2.93 30.13
CA SER A 94 -28.20 2.84 29.26
C SER A 94 -27.07 2.03 29.89
N SER A 95 -26.80 2.22 31.18
CA SER A 95 -25.73 1.49 31.85
C SER A 95 -26.00 -0.01 31.93
N GLU A 96 -27.22 -0.45 31.64
CA GLU A 96 -27.59 -1.86 31.71
C GLU A 96 -27.65 -2.52 30.34
N VAL A 97 -27.28 -1.80 29.28
CA VAL A 97 -27.44 -2.27 27.91
C VAL A 97 -26.10 -2.71 27.33
N ASN A 98 -26.14 -3.83 26.60
CA ASN A 98 -25.00 -4.37 25.86
C ASN A 98 -25.30 -4.27 24.37
N ILE A 99 -24.51 -3.47 23.64
CA ILE A 99 -24.84 -3.21 22.23
C ILE A 99 -24.77 -4.49 21.41
N TYR A 100 -23.85 -5.39 21.73
CA TYR A 100 -23.76 -6.64 20.97
C TYR A 100 -24.96 -7.53 21.22
N HIS A 101 -25.45 -7.56 22.46
CA HIS A 101 -26.64 -8.35 22.76
C HIS A 101 -27.86 -7.80 22.04
N LEU A 102 -27.98 -6.47 21.98
CA LEU A 102 -29.08 -5.86 21.24
C LEU A 102 -29.00 -6.21 19.76
N MET A 103 -27.79 -6.15 19.18
CA MET A 103 -27.65 -6.46 17.77
C MET A 103 -27.97 -7.92 17.48
N GLN A 104 -27.48 -8.82 18.35
CA GLN A 104 -27.72 -10.25 18.15
C GLN A 104 -29.21 -10.57 18.20
N GLU A 105 -29.93 -10.00 19.15
CA GLU A 105 -31.34 -10.32 19.28
C GLU A 105 -32.15 -9.64 18.18
N ARG A 106 -31.70 -8.48 17.70
CA ARG A 106 -32.34 -7.88 16.55
C ARG A 106 -32.15 -8.75 15.31
N ASP A 107 -30.94 -9.28 15.11
CA ASP A 107 -30.69 -10.08 13.91
C ASP A 107 -31.50 -11.37 13.93
N GLN A 108 -31.74 -11.94 15.12
CA GLN A 108 -32.57 -13.14 15.17
C GLN A 108 -34.00 -12.83 14.78
N LEU A 109 -34.49 -11.64 15.11
CA LEU A 109 -35.82 -11.21 14.65
C LEU A 109 -35.86 -11.11 13.13
N LEU A 110 -34.89 -10.41 12.55
CA LEU A 110 -34.82 -10.29 11.09
C LEU A 110 -34.59 -11.63 10.41
N LYS A 111 -34.02 -12.60 11.12
CA LYS A 111 -33.68 -13.87 10.47
C LYS A 111 -34.89 -14.74 10.22
N GLU A 112 -35.81 -14.82 11.19
CA GLU A 112 -36.87 -15.82 11.11
C GLU A 112 -38.19 -15.44 11.78
N VAL A 113 -38.33 -14.26 12.37
CA VAL A 113 -39.53 -13.93 13.14
C VAL A 113 -40.40 -12.98 12.32
N GLU A 114 -41.71 -13.21 12.36
CA GLU A 114 -42.67 -12.33 11.70
C GLU A 114 -42.92 -11.07 12.54
N PHE A 115 -43.37 -10.01 11.85
CA PHE A 115 -43.52 -8.71 12.49
C PHE A 115 -44.56 -8.73 13.59
N GLU A 116 -45.61 -9.54 13.44
CA GLU A 116 -46.70 -9.57 14.41
C GLU A 116 -46.23 -10.12 15.76
N LYS A 117 -45.19 -10.94 15.76
CA LYS A 117 -44.73 -11.61 16.96
C LYS A 117 -43.62 -10.86 17.67
N CYS A 118 -43.16 -9.73 17.12
CA CYS A 118 -42.00 -9.08 17.71
C CYS A 118 -41.99 -7.56 17.54
N ALA A 119 -43.06 -6.94 17.06
CA ALA A 119 -43.04 -5.51 16.74
C ALA A 119 -42.55 -4.67 17.92
N THR A 120 -43.07 -4.92 19.12
CA THR A 120 -42.75 -4.06 20.25
C THR A 120 -41.31 -4.24 20.69
N ARG A 121 -40.84 -5.48 20.81
CA ARG A 121 -39.44 -5.70 21.15
C ARG A 121 -38.51 -5.22 20.04
N TYR A 122 -38.96 -5.29 18.78
CA TYR A 122 -38.16 -4.75 17.69
C TYR A 122 -38.03 -3.24 17.78
N ALA A 123 -39.07 -2.55 18.25
CA ALA A 123 -38.96 -1.10 18.38
C ALA A 123 -38.10 -0.72 19.57
N GLU A 124 -38.24 -1.43 20.70
CA GLU A 124 -37.48 -1.07 21.88
C GLU A 124 -35.98 -1.33 21.68
N ILE A 125 -35.61 -2.43 21.01
CA ILE A 125 -34.19 -2.67 20.74
C ILE A 125 -33.60 -1.54 19.92
N ASN A 126 -34.28 -1.15 18.85
CA ASN A 126 -33.76 -0.07 18.02
C ASN A 126 -33.74 1.26 18.78
N PHE A 127 -34.73 1.48 19.65
CA PHE A 127 -34.70 2.67 20.50
C PHE A 127 -33.46 2.68 21.39
N LEU A 128 -33.13 1.52 21.99
CA LEU A 128 -31.98 1.44 22.87
C LEU A 128 -30.68 1.65 22.08
N LEU A 129 -30.59 1.08 20.88
CA LEU A 129 -29.44 1.31 20.02
C LEU A 129 -29.27 2.79 19.73
N ASN A 130 -30.36 3.46 19.34
CA ASN A 130 -30.26 4.89 19.06
C ASN A 130 -29.87 5.69 20.29
N GLU A 131 -30.30 5.26 21.48
CA GLU A 131 -29.94 5.97 22.70
C GLU A 131 -28.42 5.93 22.92
N LEU A 132 -27.79 4.81 22.58
CA LEU A 132 -26.33 4.72 22.66
C LEU A 132 -25.67 5.67 21.67
N ALA A 133 -26.23 5.77 20.46
CA ALA A 133 -25.68 6.68 19.45
C ALA A 133 -25.81 8.13 19.86
N LEU A 134 -26.76 8.45 20.75
CA LEU A 134 -27.01 9.81 21.20
C LEU A 134 -26.31 10.15 22.51
N ASN A 135 -26.19 9.19 23.43
CA ASN A 135 -25.75 9.46 24.79
C ASN A 135 -24.48 8.71 25.21
N ASP A 136 -24.04 7.73 24.44
CA ASP A 136 -22.79 7.03 24.72
C ASP A 136 -21.69 7.61 23.84
N LYS A 137 -20.65 8.18 24.48
CA LYS A 137 -19.64 8.87 23.71
C LYS A 137 -18.93 7.92 22.76
N LYS A 138 -18.63 6.70 23.22
CA LYS A 138 -17.98 5.72 22.36
C LYS A 138 -18.82 5.46 21.11
N THR A 139 -20.09 5.07 21.30
CA THR A 139 -20.94 4.78 20.14
C THR A 139 -21.13 5.99 19.27
N LYS A 140 -21.29 7.18 19.87
CA LYS A 140 -21.55 8.39 19.10
C LYS A 140 -20.40 8.73 18.17
N GLU A 141 -19.15 8.61 18.66
CA GLU A 141 -18.01 8.96 17.82
C GLU A 141 -17.77 7.91 16.74
N ILE A 142 -18.12 6.65 16.99
CA ILE A 142 -18.05 5.64 15.94
C ILE A 142 -18.99 5.99 14.80
N VAL A 143 -20.23 6.34 15.15
CA VAL A 143 -21.23 6.69 14.14
C VAL A 143 -20.82 7.96 13.43
N GLU A 144 -20.24 8.91 14.15
CA GLU A 144 -19.83 10.16 13.54
C GLU A 144 -18.67 9.97 12.56
N ARG A 145 -17.72 9.09 12.89
CA ARG A 145 -16.57 8.88 12.02
C ARG A 145 -16.95 8.12 10.76
N GLN A 146 -17.71 7.03 10.90
CA GLN A 146 -18.10 6.25 9.73
C GLN A 146 -19.03 7.05 8.82
N THR A 147 -19.91 7.86 9.41
CA THR A 147 -20.79 8.70 8.61
C THR A 147 -19.98 9.70 7.77
N GLU A 148 -18.95 10.30 8.36
CA GLU A 148 -18.14 11.28 7.63
C GLU A 148 -17.32 10.62 6.53
N ILE A 149 -16.66 9.51 6.86
CA ILE A 149 -15.86 8.79 5.86
C ILE A 149 -16.76 8.35 4.71
N LEU A 150 -17.91 7.76 5.04
CA LEU A 150 -18.87 7.34 4.01
C LEU A 150 -19.32 8.52 3.17
N ARG A 151 -19.38 9.72 3.75
CA ARG A 151 -19.79 10.89 2.98
C ARG A 151 -18.68 11.36 2.05
N LEU A 152 -17.42 11.20 2.45
CA LEU A 152 -16.30 11.67 1.64
C LEU A 152 -15.91 10.69 0.55
N VAL A 153 -16.28 9.41 0.69
CA VAL A 153 -15.93 8.40 -0.29
C VAL A 153 -17.09 8.06 -1.23
N ALA A 154 -18.21 8.76 -1.10
CA ALA A 154 -19.34 8.55 -1.99
C ALA A 154 -18.98 8.68 -3.48
N PRO A 155 -18.22 9.70 -3.91
CA PRO A 155 -17.85 9.75 -5.35
C PRO A 155 -17.03 8.55 -5.80
N LYS A 156 -16.10 8.08 -4.97
CA LYS A 156 -15.33 6.89 -5.35
C LYS A 156 -16.23 5.67 -5.47
N ILE A 157 -17.22 5.55 -4.57
CA ILE A 157 -18.12 4.41 -4.62
C ILE A 157 -18.92 4.41 -5.92
N LYS A 158 -19.45 5.58 -6.30
CA LYS A 158 -20.22 5.67 -7.54
C LYS A 158 -19.33 5.48 -8.76
N ALA A 159 -18.07 5.93 -8.70
CA ALA A 159 -17.16 5.70 -9.81
C ALA A 159 -16.82 4.21 -9.95
N ILE A 160 -16.66 3.51 -8.83
CA ILE A 160 -16.42 2.07 -8.88
C ILE A 160 -17.62 1.36 -9.50
N LYS A 161 -18.83 1.70 -9.04
CA LYS A 161 -20.03 1.11 -9.62
C LYS A 161 -20.23 1.55 -11.06
N GLY A 162 -19.78 2.76 -11.40
CA GLY A 162 -19.86 3.29 -12.74
C GLY A 162 -18.76 2.84 -13.68
N GLU A 163 -17.90 1.93 -13.25
CA GLU A 163 -16.78 1.50 -14.08
C GLU A 163 -17.20 0.39 -15.03
N SER A 164 -16.58 0.40 -16.21
CA SER A 164 -16.92 -0.56 -17.26
C SER A 164 -16.60 -1.99 -16.83
N ILE A 165 -17.36 -2.94 -17.37
CA ILE A 165 -17.17 -4.34 -17.00
C ILE A 165 -16.12 -5.00 -17.89
N ASP A 166 -16.03 -4.59 -19.16
CA ASP A 166 -14.93 -5.06 -19.99
C ASP A 166 -13.59 -4.57 -19.44
N ASN A 167 -13.61 -3.44 -18.75
CA ASN A 167 -12.46 -2.85 -18.10
C ASN A 167 -12.31 -3.30 -16.65
N LEU A 168 -13.28 -4.16 -16.12
CA LEU A 168 -13.14 -4.52 -14.71
C LEU A 168 -12.27 -5.77 -14.57
N PRO A 169 -11.50 -5.84 -13.49
CA PRO A 169 -10.40 -6.80 -13.44
C PRO A 169 -10.82 -8.24 -13.19
N VAL A 170 -9.95 -9.15 -13.64
CA VAL A 170 -10.01 -10.56 -13.32
C VAL A 170 -8.92 -10.83 -12.29
N ILE A 171 -9.28 -11.44 -11.17
CA ILE A 171 -8.35 -11.68 -10.08
C ILE A 171 -8.00 -13.17 -10.06
N PRO A 172 -6.75 -13.55 -10.29
CA PRO A 172 -6.38 -14.96 -10.23
C PRO A 172 -6.25 -15.45 -8.80
N SER A 173 -6.42 -16.76 -8.64
CA SER A 173 -6.45 -17.38 -7.32
C SER A 173 -5.11 -18.02 -6.99
N TYR A 174 -4.76 -17.97 -5.70
CA TYR A 174 -3.50 -18.47 -5.16
C TYR A 174 -3.59 -18.38 -3.65
N LYS A 175 -3.04 -19.39 -2.97
CA LYS A 175 -3.08 -19.46 -1.50
C LYS A 175 -1.66 -19.29 -0.97
N THR A 176 -1.18 -18.05 -0.99
CA THR A 176 0.21 -17.77 -0.70
C THR A 176 0.35 -16.40 -0.05
N LYS A 177 1.59 -16.04 0.26
CA LYS A 177 1.96 -14.69 0.67
C LYS A 177 3.31 -14.25 0.13
N GLU A 178 4.08 -15.14 -0.51
CA GLU A 178 5.42 -14.78 -0.97
C GLU A 178 5.36 -13.78 -2.13
N LEU A 179 4.40 -13.96 -3.04
CA LEU A 179 4.22 -12.98 -4.11
C LEU A 179 3.48 -11.75 -3.60
N GLY A 180 2.53 -11.94 -2.69
CA GLY A 180 1.79 -10.83 -2.12
C GLY A 180 0.45 -10.61 -2.81
N ASN A 181 -0.13 -9.45 -2.51
CA ASN A 181 -1.48 -9.14 -2.96
C ASN A 181 -1.47 -8.73 -4.43
N HIS A 182 -2.35 -9.34 -5.23
CA HIS A 182 -2.45 -9.03 -6.65
C HIS A 182 -3.00 -7.63 -6.84
N VAL A 183 -2.51 -6.97 -7.90
CA VAL A 183 -2.84 -5.57 -8.17
C VAL A 183 -4.05 -5.51 -9.07
N ASN A 184 -5.09 -4.82 -8.60
CA ASN A 184 -6.21 -4.41 -9.44
C ASN A 184 -6.46 -2.93 -9.18
N ASN A 185 -7.40 -2.35 -9.94
CA ASN A 185 -7.67 -0.92 -9.85
C ASN A 185 -8.13 -0.48 -8.46
N PHE A 186 -8.56 -1.41 -7.61
CA PHE A 186 -9.29 -1.05 -6.40
C PHE A 186 -8.45 -1.16 -5.13
N ASN A 187 -7.35 -1.90 -5.14
CA ASN A 187 -6.54 -2.05 -3.93
C ASN A 187 -5.31 -1.15 -3.97
N PHE A 188 -5.58 0.15 -4.07
CA PHE A 188 -4.58 1.19 -4.11
C PHE A 188 -4.87 2.12 -2.94
N LYS A 189 -3.85 2.36 -2.11
CA LYS A 189 -4.01 3.24 -0.97
C LYS A 189 -4.39 4.64 -1.43
N PHE A 190 -5.10 5.35 -0.57
CA PHE A 190 -5.41 6.75 -0.82
C PHE A 190 -5.77 7.42 0.50
N THR A 191 -5.63 8.74 0.52
CA THR A 191 -6.05 9.55 1.66
C THR A 191 -7.15 10.49 1.22
N MET A 192 -8.02 10.83 2.18
CA MET A 192 -9.07 11.82 1.95
C MET A 192 -8.73 13.07 2.73
N SER A 193 -9.03 14.22 2.15
CA SER A 193 -8.73 15.51 2.76
C SER A 193 -9.18 15.56 4.22
N GLY A 194 -8.24 15.84 5.11
CA GLY A 194 -8.51 15.89 6.53
C GLY A 194 -8.23 14.62 7.31
N TRP A 195 -7.81 13.55 6.63
CA TRP A 195 -7.51 12.27 7.28
C TRP A 195 -6.09 11.88 6.90
N GLU A 196 -5.20 11.80 7.90
CA GLU A 196 -3.83 11.41 7.62
C GLU A 196 -3.70 9.91 7.36
N ALA A 197 -4.55 9.09 7.98
CA ALA A 197 -4.49 7.66 7.75
C ALA A 197 -4.98 7.32 6.35
N PRO A 198 -4.32 6.41 5.64
CA PRO A 198 -4.76 6.03 4.30
C PRO A 198 -5.83 4.95 4.33
N PHE A 199 -6.70 4.99 3.32
CA PHE A 199 -7.76 4.00 3.21
C PHE A 199 -7.47 3.07 2.04
N VAL A 200 -8.17 1.94 2.01
CA VAL A 200 -7.98 0.95 0.96
C VAL A 200 -9.30 0.22 0.74
N PHE A 201 -9.60 -0.09 -0.52
CA PHE A 201 -10.67 -1.00 -0.90
C PHE A 201 -10.09 -2.39 -1.11
N ARG A 202 -10.83 -3.41 -0.67
CA ARG A 202 -10.43 -4.80 -0.91
C ARG A 202 -11.60 -5.56 -1.50
N VAL A 203 -11.29 -6.48 -2.42
CA VAL A 203 -12.26 -7.35 -3.07
C VAL A 203 -12.09 -8.75 -2.48
N GLU A 204 -13.14 -9.29 -1.88
CA GLU A 204 -12.99 -10.59 -1.23
C GLU A 204 -13.44 -11.70 -2.18
N ASP A 205 -12.93 -12.90 -1.93
CA ASP A 205 -13.26 -14.07 -2.76
C ASP A 205 -14.46 -14.79 -2.15
N ARG A 206 -15.64 -14.23 -2.41
CA ARG A 206 -16.90 -14.76 -1.89
C ARG A 206 -18.02 -14.09 -2.65
N HIS A 207 -19.17 -14.75 -2.68
CA HIS A 207 -20.34 -14.26 -3.40
C HIS A 207 -21.48 -13.83 -2.49
N GLU A 208 -21.32 -13.96 -1.17
CA GLU A 208 -22.30 -13.46 -0.22
C GLU A 208 -21.62 -13.24 1.12
N LEU A 209 -22.15 -12.31 1.89
CA LEU A 209 -21.62 -11.92 3.19
C LEU A 209 -22.47 -12.43 4.36
N GLY A 210 -23.04 -13.64 4.22
CA GLY A 210 -23.85 -14.19 5.28
C GLY A 210 -23.07 -14.40 6.58
N LYS A 211 -21.83 -14.86 6.47
CA LYS A 211 -21.03 -15.07 7.68
C LYS A 211 -20.55 -13.75 8.25
N GLU A 212 -20.12 -12.83 7.38
CA GLU A 212 -19.71 -11.52 7.85
C GLU A 212 -20.81 -10.83 8.65
N GLN A 213 -22.07 -11.05 8.27
CA GLN A 213 -23.18 -10.35 8.89
C GLN A 213 -23.45 -10.85 10.31
N GLU A 214 -23.26 -12.14 10.55
CA GLU A 214 -23.45 -12.66 11.90
C GLU A 214 -22.35 -12.16 12.83
N LEU A 215 -21.10 -12.09 12.36
CA LEU A 215 -19.99 -11.81 13.25
C LEU A 215 -19.98 -10.36 13.72
N HIS A 216 -20.53 -9.44 12.93
CA HIS A 216 -20.45 -8.03 13.31
C HIS A 216 -21.42 -7.67 14.44
N SER A 217 -22.18 -8.63 14.96
CA SER A 217 -23.00 -8.40 16.14
C SER A 217 -22.42 -9.06 17.38
N TYR A 218 -21.22 -9.64 17.27
CA TYR A 218 -20.56 -10.32 18.37
C TYR A 218 -19.35 -9.54 18.83
N GLY A 219 -18.98 -9.75 20.10
CA GLY A 219 -17.85 -9.05 20.66
C GLY A 219 -16.55 -9.34 19.93
N VAL A 220 -16.44 -10.51 19.30
CA VAL A 220 -15.23 -10.85 18.57
C VAL A 220 -14.94 -9.84 17.45
N SER A 221 -15.95 -9.11 16.98
CA SER A 221 -15.69 -8.15 15.91
C SER A 221 -14.76 -7.01 16.33
N LYS A 222 -14.47 -6.86 17.64
CA LYS A 222 -13.47 -5.89 18.05
C LYS A 222 -12.15 -6.13 17.35
N TYR A 223 -11.86 -7.37 16.97
CA TYR A 223 -10.61 -7.71 16.32
C TYR A 223 -10.70 -7.60 14.80
N PHE A 224 -11.78 -7.06 14.27
CA PHE A 224 -11.89 -6.82 12.84
C PHE A 224 -11.41 -5.41 12.53
N ILE A 225 -10.66 -5.27 11.44
CA ILE A 225 -10.36 -3.93 10.94
C ILE A 225 -11.67 -3.22 10.67
N GLU A 226 -11.75 -1.96 11.08
CA GLU A 226 -13.01 -1.22 10.94
C GLU A 226 -13.34 -1.03 9.47
N ASP A 227 -14.48 -1.58 9.05
CA ASP A 227 -14.98 -1.39 7.69
C ASP A 227 -15.94 -0.22 7.65
N TYR A 228 -15.78 0.62 6.62
CA TYR A 228 -16.59 1.83 6.48
C TYR A 228 -17.62 1.75 5.37
N SER A 229 -17.48 0.80 4.43
CA SER A 229 -18.44 0.69 3.36
C SER A 229 -18.41 -0.74 2.84
N VAL A 230 -19.56 -1.23 2.39
CA VAL A 230 -19.71 -2.57 1.85
C VAL A 230 -20.73 -2.54 0.72
N PHE A 231 -20.39 -3.18 -0.41
CA PHE A 231 -21.33 -3.29 -1.53
C PHE A 231 -20.81 -4.36 -2.49
N MET A 232 -21.74 -5.01 -3.18
CA MET A 232 -21.40 -6.00 -4.19
C MET A 232 -21.06 -5.32 -5.51
N MET A 233 -20.16 -5.94 -6.27
CA MET A 233 -19.67 -5.36 -7.51
C MET A 233 -19.55 -6.43 -8.58
N ARG A 234 -19.70 -6.02 -9.84
CA ARG A 234 -19.58 -6.93 -10.98
C ARG A 234 -18.11 -7.15 -11.32
N PHE A 235 -17.74 -8.41 -11.52
CA PHE A 235 -16.40 -8.77 -11.98
C PHE A 235 -16.52 -9.76 -13.13
N LYS A 236 -15.40 -9.96 -13.82
CA LYS A 236 -15.33 -10.96 -14.87
C LYS A 236 -14.75 -12.27 -14.30
N ALA A 237 -15.35 -13.38 -14.69
CA ALA A 237 -14.99 -14.69 -14.16
C ALA A 237 -13.89 -15.32 -15.00
N GLU A 238 -13.55 -16.58 -14.68
CA GLU A 238 -12.61 -17.32 -15.53
C GLU A 238 -13.22 -17.59 -16.89
N ASP A 239 -14.53 -17.86 -16.95
CA ASP A 239 -15.22 -18.08 -18.20
C ASP A 239 -15.52 -16.78 -18.94
N GLY A 240 -15.45 -15.64 -18.26
CA GLY A 240 -15.81 -14.37 -18.84
C GLY A 240 -17.18 -13.85 -18.44
N SER A 241 -17.99 -14.70 -17.83
CA SER A 241 -19.32 -14.29 -17.36
C SER A 241 -19.18 -13.37 -16.15
N THR A 242 -20.30 -12.77 -15.77
CA THR A 242 -20.31 -11.80 -14.68
C THR A 242 -20.40 -12.51 -13.34
N VAL A 243 -19.50 -12.16 -12.42
CA VAL A 243 -19.53 -12.65 -11.05
C VAL A 243 -19.67 -11.45 -10.12
N TYR A 244 -20.19 -11.72 -8.93
CA TYR A 244 -20.49 -10.68 -7.96
C TYR A 244 -19.69 -10.90 -6.69
N LYS A 245 -18.87 -9.93 -6.33
CA LYS A 245 -18.00 -9.95 -5.17
C LYS A 245 -18.21 -8.71 -4.32
N PRO A 246 -18.08 -8.83 -3.00
CA PRO A 246 -18.15 -7.65 -2.14
C PRO A 246 -16.89 -6.81 -2.25
N VAL A 247 -17.08 -5.49 -2.25
CA VAL A 247 -15.98 -4.54 -2.15
C VAL A 247 -16.11 -3.84 -0.81
N ILE A 248 -15.05 -3.85 -0.02
CA ILE A 248 -15.09 -3.35 1.34
C ILE A 248 -14.02 -2.28 1.50
N LEU A 249 -14.43 -1.12 2.02
CA LEU A 249 -13.52 -0.03 2.34
C LEU A 249 -13.11 -0.08 3.80
N SER A 250 -11.82 0.11 4.05
CA SER A 250 -11.30 0.12 5.41
C SER A 250 -10.01 0.93 5.42
N GLN A 251 -9.49 1.16 6.62
CA GLN A 251 -8.20 1.80 6.75
C GLN A 251 -7.10 0.82 6.34
N PHE A 252 -6.00 1.36 5.85
CA PHE A 252 -4.85 0.54 5.48
C PHE A 252 -4.10 0.19 6.76
N ALA A 253 -3.88 -1.11 6.99
CA ALA A 253 -3.14 -1.54 8.18
C ALA A 253 -1.67 -1.11 8.05
N ASN A 254 -1.24 -0.24 8.96
CA ASN A 254 0.04 0.46 8.81
C ASN A 254 1.25 -0.31 9.32
N GLN A 255 1.08 -1.51 9.89
CA GLN A 255 2.24 -2.23 10.42
C GLN A 255 2.34 -3.64 9.86
N ASN A 256 1.84 -3.86 8.65
CA ASN A 256 1.92 -5.14 7.94
C ASN A 256 1.23 -6.21 8.80
N ASN A 257 1.88 -7.32 9.10
CA ASN A 257 1.25 -8.44 9.79
C ASN A 257 2.16 -8.92 10.92
N LEU A 258 1.68 -9.93 11.66
CA LEU A 258 2.43 -10.41 12.82
C LEU A 258 3.74 -11.07 12.44
N GLU A 259 3.80 -11.72 11.28
CA GLU A 259 5.05 -12.34 10.84
C GLU A 259 6.15 -11.29 10.68
N GLU A 260 5.83 -10.17 10.03
CA GLU A 260 6.82 -9.12 9.86
C GLU A 260 7.15 -8.44 11.19
N ILE A 261 6.19 -8.41 12.11
CA ILE A 261 6.44 -7.84 13.43
C ILE A 261 7.49 -8.66 14.17
N ALA A 262 7.40 -9.99 14.08
CA ALA A 262 8.39 -10.84 14.72
C ALA A 262 9.77 -10.67 14.10
N LYS A 263 9.83 -10.50 12.78
CA LYS A 263 11.14 -10.37 12.13
C LYS A 263 11.82 -9.07 12.52
N GLN A 264 11.07 -8.03 12.84
CA GLN A 264 11.68 -6.78 13.28
C GLN A 264 12.29 -6.91 14.67
N LEU A 265 11.83 -7.86 15.46
CA LEU A 265 12.38 -8.04 16.80
C LEU A 265 13.77 -8.63 16.77
N LYS A 266 14.18 -9.22 15.63
CA LYS A 266 15.53 -9.74 15.50
C LYS A 266 16.57 -8.66 15.72
N ASP A 267 16.27 -7.42 15.32
CA ASP A 267 17.23 -6.32 15.39
C ASP A 267 16.87 -5.33 16.48
N GLY A 268 16.23 -5.79 17.55
CA GLY A 268 15.96 -4.95 18.69
C GLY A 268 16.59 -5.51 19.95
N SER A 269 16.27 -4.94 21.10
CA SER A 269 16.81 -5.46 22.36
C SER A 269 16.22 -6.84 22.64
N PRO A 270 17.05 -7.82 23.02
CA PRO A 270 16.51 -9.18 23.22
C PRO A 270 15.56 -9.27 24.39
N LYS A 271 15.72 -8.46 25.44
CA LYS A 271 14.80 -8.54 26.56
C LYS A 271 13.40 -8.06 26.22
N ASN A 272 13.20 -7.47 25.05
CA ASN A 272 11.86 -7.04 24.63
C ASN A 272 11.05 -8.15 23.99
N ILE A 273 11.69 -9.24 23.57
CA ILE A 273 11.00 -10.24 22.75
C ILE A 273 9.86 -10.89 23.53
N ALA A 274 10.17 -11.48 24.69
CA ALA A 274 9.14 -12.18 25.44
C ALA A 274 8.01 -11.28 25.93
N PRO A 275 8.26 -10.08 26.45
CA PRO A 275 7.14 -9.21 26.82
C PRO A 275 6.28 -8.80 25.64
N ARG A 276 6.89 -8.56 24.48
CA ARG A 276 6.09 -8.15 23.34
C ARG A 276 5.28 -9.31 22.79
N ILE A 277 5.83 -10.53 22.83
CA ILE A 277 5.05 -11.71 22.50
C ILE A 277 3.83 -11.80 23.41
N GLY A 278 4.00 -11.52 24.70
CA GLY A 278 2.85 -11.47 25.58
C GLY A 278 1.81 -10.48 25.11
N TYR A 279 2.24 -9.26 24.75
CA TYR A 279 1.30 -8.24 24.32
C TYR A 279 0.53 -8.68 23.08
N TYR A 280 1.22 -9.26 22.08
CA TYR A 280 0.54 -9.66 20.86
C TYR A 280 -0.32 -10.89 21.07
N PHE A 281 0.17 -11.88 21.81
CA PHE A 281 -0.57 -13.12 21.95
C PHE A 281 -1.69 -13.02 22.96
N VAL A 282 -1.65 -12.04 23.86
CA VAL A 282 -2.83 -11.76 24.66
C VAL A 282 -4.01 -11.36 23.76
N GLN A 283 -3.71 -10.68 22.65
CA GLN A 283 -4.77 -10.33 21.72
C GLN A 283 -5.21 -11.54 20.89
N LEU A 284 -4.24 -12.31 20.36
CA LEU A 284 -4.57 -13.51 19.59
C LEU A 284 -5.42 -14.48 20.41
N THR A 285 -5.02 -14.71 21.66
CA THR A 285 -5.74 -15.65 22.52
C THR A 285 -7.15 -15.16 22.84
N ASP A 286 -7.30 -13.86 23.14
CA ASP A 286 -8.63 -13.32 23.41
C ASP A 286 -9.51 -13.39 22.18
N PHE A 287 -8.94 -13.12 20.99
CA PHE A 287 -9.71 -13.25 19.76
C PHE A 287 -10.20 -14.67 19.55
N CYS A 288 -9.32 -15.67 19.77
CA CYS A 288 -9.69 -17.06 19.56
C CYS A 288 -10.81 -17.49 20.49
N LEU A 289 -10.68 -17.18 21.78
CA LEU A 289 -11.73 -17.53 22.75
C LEU A 289 -13.04 -16.82 22.42
N LYS A 290 -12.95 -15.55 22.01
CA LYS A 290 -14.16 -14.80 21.68
C LYS A 290 -14.79 -15.33 20.40
N LEU A 291 -13.97 -15.74 19.42
CA LEU A 291 -14.50 -16.36 18.22
C LEU A 291 -15.17 -17.70 18.54
N ILE A 292 -14.53 -18.50 19.40
CA ILE A 292 -15.09 -19.79 19.78
C ILE A 292 -16.39 -19.61 20.55
N GLU A 293 -16.52 -18.51 21.29
CA GLU A 293 -17.75 -18.25 22.02
C GLU A 293 -18.94 -18.08 21.08
N THR A 294 -18.72 -17.59 19.86
CA THR A 294 -19.80 -17.42 18.89
C THR A 294 -20.09 -18.69 18.12
N HIS A 295 -19.51 -19.83 18.52
CA HIS A 295 -19.59 -21.06 17.75
C HIS A 295 -19.04 -20.86 16.34
N ASN A 296 -17.95 -20.11 16.24
CA ASN A 296 -17.21 -19.94 15.00
C ASN A 296 -15.76 -20.31 15.26
N TYR A 297 -15.07 -20.73 14.19
CA TYR A 297 -13.73 -21.26 14.34
C TYR A 297 -12.87 -20.79 13.18
N HIS A 298 -11.57 -20.66 13.43
CA HIS A 298 -10.63 -20.15 12.42
C HIS A 298 -9.65 -21.25 12.05
N PRO A 299 -9.81 -21.90 10.89
CA PRO A 299 -8.94 -23.02 10.52
C PRO A 299 -7.64 -22.62 9.85
N ASP A 300 -7.39 -21.33 9.63
CA ASP A 300 -6.16 -20.90 8.99
C ASP A 300 -5.39 -19.91 9.86
N ILE A 301 -5.13 -20.27 11.12
CA ILE A 301 -4.38 -19.40 12.00
C ILE A 301 -2.91 -19.47 11.64
N LYS A 302 -2.33 -18.32 11.31
CA LYS A 302 -0.90 -18.19 11.08
C LYS A 302 -0.55 -16.71 11.18
N LEU A 303 0.72 -16.43 11.51
CA LEU A 303 1.11 -15.06 11.83
C LEU A 303 0.76 -14.09 10.71
N ASN A 304 1.05 -14.46 9.46
CA ASN A 304 0.82 -13.49 8.38
C ASN A 304 -0.66 -13.32 8.04
N ASN A 305 -1.56 -14.09 8.66
CA ASN A 305 -3.00 -13.89 8.50
C ASN A 305 -3.57 -12.91 9.51
N PHE A 306 -2.74 -12.29 10.33
CA PHE A 306 -3.20 -11.32 11.32
C PHE A 306 -2.50 -10.00 11.05
N LEU A 307 -3.26 -9.00 10.65
CA LEU A 307 -2.68 -7.68 10.41
C LEU A 307 -2.36 -6.99 11.73
N VAL A 308 -1.45 -6.04 11.66
CA VAL A 308 -1.14 -5.18 12.79
C VAL A 308 -1.29 -3.75 12.32
N HIS A 309 -2.09 -2.98 13.07
CA HIS A 309 -2.39 -1.59 12.74
C HIS A 309 -2.42 -0.82 14.04
N ASN A 310 -1.53 0.16 14.19
CA ASN A 310 -1.39 0.89 15.44
C ASN A 310 -1.16 -0.06 16.61
N ASN A 311 -0.27 -1.03 16.40
CA ASN A 311 0.08 -2.05 17.40
C ASN A 311 -1.11 -2.86 17.86
N ARG A 312 -2.15 -2.97 17.04
CA ARG A 312 -3.32 -3.78 17.36
C ARG A 312 -3.39 -4.97 16.41
N VAL A 313 -3.46 -6.17 16.96
CA VAL A 313 -3.60 -7.36 16.14
C VAL A 313 -5.02 -7.45 15.61
N LEU A 314 -5.17 -7.51 14.29
CA LEU A 314 -6.48 -7.50 13.67
C LEU A 314 -6.51 -8.53 12.55
N VAL A 315 -7.72 -8.90 12.15
CA VAL A 315 -7.93 -9.87 11.08
C VAL A 315 -8.83 -9.24 10.04
N SER A 316 -8.50 -9.47 8.77
CA SER A 316 -9.35 -9.04 7.67
C SER A 316 -9.79 -10.20 6.78
N ASP A 317 -9.06 -11.31 6.78
CA ASP A 317 -9.44 -12.49 6.01
C ASP A 317 -10.32 -13.34 6.91
N ARG A 318 -11.64 -13.23 6.73
CA ARG A 318 -12.59 -14.04 7.47
C ARG A 318 -13.37 -14.96 6.55
N LYS A 319 -12.95 -15.07 5.29
CA LYS A 319 -13.59 -15.98 4.35
C LYS A 319 -13.47 -17.44 4.82
N THR A 320 -12.49 -17.74 5.67
CA THR A 320 -12.23 -19.12 6.09
C THR A 320 -12.94 -19.52 7.37
N PHE A 321 -13.57 -18.59 8.07
CA PHE A 321 -14.27 -18.91 9.30
C PHE A 321 -15.37 -19.93 9.02
N THR A 322 -15.57 -20.85 9.96
CA THR A 322 -16.68 -21.81 9.86
C THR A 322 -17.39 -21.90 11.19
N THR A 323 -18.69 -22.20 11.11
CA THR A 323 -19.49 -22.50 12.29
C THR A 323 -19.42 -23.98 12.68
N ASN A 324 -18.74 -24.80 11.89
CA ASN A 324 -18.69 -26.24 12.12
C ASN A 324 -17.53 -26.54 13.06
N ASP A 325 -17.84 -27.03 14.25
CA ASP A 325 -16.77 -27.37 15.19
C ASP A 325 -16.12 -28.72 14.87
N ASN A 326 -16.78 -29.56 14.08
CA ASN A 326 -16.26 -30.88 13.72
C ASN A 326 -16.41 -31.12 12.22
N PRO A 327 -15.69 -30.36 11.39
CA PRO A 327 -15.81 -30.52 9.95
C PRO A 327 -14.84 -31.56 9.40
N LEU A 328 -15.13 -31.99 8.17
CA LEU A 328 -14.19 -32.86 7.49
C LEU A 328 -13.07 -32.03 6.89
N ALA A 329 -11.99 -32.71 6.50
CA ALA A 329 -10.78 -32.00 6.06
C ALA A 329 -11.05 -31.22 4.78
N SER A 330 -11.94 -31.70 3.94
CA SER A 330 -12.29 -31.04 2.69
C SER A 330 -13.19 -29.83 2.88
N GLU A 331 -13.68 -29.58 4.09
CA GLU A 331 -14.60 -28.48 4.34
C GLU A 331 -13.96 -27.27 5.01
N ILE A 332 -12.63 -27.20 5.06
CA ILE A 332 -11.91 -26.09 5.69
C ILE A 332 -10.73 -25.72 4.82
N LEU A 333 -10.39 -24.43 4.83
CA LEU A 333 -9.20 -23.93 4.16
C LEU A 333 -8.12 -23.64 5.20
N THR A 334 -6.93 -24.22 4.99
CA THR A 334 -5.84 -24.05 5.94
C THR A 334 -4.50 -24.14 5.21
N SER A 335 -3.43 -23.75 5.90
CA SER A 335 -2.09 -23.81 5.35
C SER A 335 -1.36 -25.04 5.85
N PRO A 336 -0.96 -25.96 4.97
CA PRO A 336 -0.39 -27.23 5.43
C PRO A 336 0.83 -27.10 6.33
N LEU A 337 1.63 -26.05 6.17
CA LEU A 337 2.82 -25.89 7.01
C LEU A 337 2.46 -25.75 8.49
N PHE A 338 1.29 -25.18 8.79
CA PHE A 338 0.88 -24.95 10.17
C PHE A 338 -0.26 -25.86 10.61
N ALA A 339 -0.75 -26.72 9.73
CA ALA A 339 -1.89 -27.57 10.05
C ALA A 339 -1.47 -28.73 10.95
N PRO A 340 -2.35 -29.15 11.86
CA PRO A 340 -2.05 -30.32 12.69
C PRO A 340 -2.01 -31.60 11.85
N ASP A 341 -1.38 -32.63 12.41
CA ASP A 341 -1.18 -33.87 11.66
CA ASP A 341 -1.18 -33.88 11.67
C ASP A 341 -2.51 -34.55 11.35
N GLU A 342 -3.52 -34.39 12.21
CA GLU A 342 -4.82 -34.99 11.91
C GLU A 342 -5.38 -34.45 10.61
N PHE A 343 -5.04 -33.21 10.24
CA PHE A 343 -5.42 -32.69 8.95
C PHE A 343 -4.51 -33.20 7.85
N LEU A 344 -3.20 -33.24 8.10
CA LEU A 344 -2.26 -33.67 7.07
C LEU A 344 -2.47 -35.13 6.68
N LYS A 345 -3.00 -35.95 7.59
CA LYS A 345 -3.20 -37.35 7.29
C LYS A 345 -4.38 -37.60 6.35
N CYS A 346 -5.11 -36.56 5.96
CA CYS A 346 -6.19 -36.65 4.99
C CYS A 346 -5.77 -36.20 3.60
N LEU A 347 -4.50 -35.87 3.39
CA LEU A 347 -4.00 -35.39 2.11
C LEU A 347 -3.07 -36.41 1.49
N LEU A 348 -2.92 -36.33 0.16
CA LEU A 348 -1.84 -37.01 -0.55
C LEU A 348 -0.77 -35.99 -0.93
N PHE A 349 0.46 -36.48 -1.04
CA PHE A 349 1.60 -35.61 -1.34
C PHE A 349 2.40 -36.19 -2.50
N ASN A 350 2.92 -35.30 -3.34
CA ASN A 350 3.80 -35.68 -4.43
C ASN A 350 5.21 -35.76 -3.89
N LYS A 351 6.20 -35.81 -4.78
CA LYS A 351 7.58 -35.72 -4.34
C LYS A 351 7.82 -34.36 -3.69
N GLU A 352 8.78 -34.33 -2.75
CA GLU A 352 9.15 -33.13 -2.01
C GLU A 352 8.07 -32.69 -1.02
N GLY A 353 6.89 -33.34 -1.06
CA GLY A 353 5.90 -33.09 -0.04
C GLY A 353 4.88 -32.00 -0.29
N ASP A 354 4.34 -31.91 -1.50
CA ASP A 354 3.30 -30.90 -1.68
C ASP A 354 1.91 -31.56 -1.73
N PRO A 355 0.93 -30.98 -1.05
CA PRO A 355 -0.43 -31.53 -1.11
C PRO A 355 -1.00 -31.46 -2.53
N VAL A 356 -1.53 -32.59 -2.99
CA VAL A 356 -2.11 -32.70 -4.32
C VAL A 356 -3.56 -33.15 -4.29
N GLY A 357 -4.11 -33.46 -3.13
CA GLY A 357 -5.49 -33.91 -3.06
C GLY A 357 -5.81 -34.47 -1.68
N TYR A 358 -6.93 -35.18 -1.62
CA TYR A 358 -7.40 -35.83 -0.41
C TYR A 358 -7.36 -37.34 -0.56
N ASN A 359 -7.13 -38.05 0.55
CA ASN A 359 -7.15 -39.50 0.54
C ASN A 359 -8.47 -40.00 1.17
N ARG A 360 -8.56 -41.32 1.35
CA ARG A 360 -9.75 -41.94 1.92
C ARG A 360 -10.18 -41.29 3.24
N ASN A 361 -9.20 -40.89 4.05
CA ASN A 361 -9.54 -40.34 5.37
C ASN A 361 -10.41 -39.09 5.27
N ALA A 362 -10.27 -38.32 4.20
CA ALA A 362 -11.02 -37.07 4.08
C ALA A 362 -12.52 -37.30 3.99
N LEU A 363 -12.94 -38.53 3.70
CA LEU A 363 -14.36 -38.84 3.56
C LEU A 363 -15.06 -39.05 4.89
N TRP A 364 -14.32 -39.19 5.98
CA TRP A 364 -14.90 -39.46 7.30
C TRP A 364 -14.18 -38.78 8.45
N LYS A 365 -12.89 -38.49 8.34
CA LYS A 365 -12.16 -37.94 9.49
C LYS A 365 -12.53 -36.49 9.71
N ARG A 366 -12.88 -36.17 10.95
CA ARG A 366 -13.29 -34.83 11.35
C ARG A 366 -12.26 -34.19 12.26
N MET A 367 -12.20 -32.87 12.22
CA MET A 367 -11.30 -32.09 13.05
C MET A 367 -12.08 -31.51 14.22
N ASN A 368 -11.51 -31.54 15.41
CA ASN A 368 -12.04 -30.78 16.53
C ASN A 368 -11.44 -29.38 16.43
N MET A 369 -12.24 -28.42 15.95
CA MET A 369 -11.70 -27.09 15.67
C MET A 369 -11.03 -26.42 16.87
N PRO A 370 -11.59 -26.45 18.09
CA PRO A 370 -10.85 -25.85 19.22
C PRO A 370 -9.45 -26.45 19.42
N GLN A 371 -9.32 -27.77 19.39
CA GLN A 371 -7.99 -28.38 19.49
C GLN A 371 -7.16 -28.10 18.24
N PHE A 372 -7.81 -28.07 17.08
CA PHE A 372 -7.15 -27.64 15.85
C PHE A 372 -6.57 -26.24 16.02
N MET A 373 -7.36 -25.31 16.58
CA MET A 373 -6.88 -23.95 16.75
C MET A 373 -5.75 -23.87 17.76
N ALA A 374 -5.82 -24.68 18.82
CA ALA A 374 -4.74 -24.71 19.81
C ALA A 374 -3.41 -25.08 19.15
N TYR A 375 -3.42 -26.10 18.29
CA TYR A 375 -2.20 -26.47 17.58
C TYR A 375 -1.68 -25.30 16.76
N GLN A 376 -2.55 -24.70 15.95
CA GLN A 376 -2.11 -23.61 15.07
C GLN A 376 -1.64 -22.40 15.87
N LEU A 377 -2.32 -22.10 16.99
CA LEU A 377 -1.83 -21.05 17.87
C LEU A 377 -0.45 -21.39 18.42
N GLY A 378 -0.23 -22.68 18.71
CA GLY A 378 1.10 -23.09 19.15
C GLY A 378 2.16 -22.89 18.08
N MET A 379 1.83 -23.25 16.84
CA MET A 379 2.77 -23.05 15.74
C MET A 379 2.96 -21.58 15.43
N ALA A 380 1.94 -20.75 15.69
CA ALA A 380 2.12 -19.31 15.54
C ALA A 380 3.11 -18.78 16.57
N LEU A 381 3.01 -19.25 17.81
CA LEU A 381 3.99 -18.87 18.82
C LEU A 381 5.38 -19.38 18.46
N LYS A 382 5.46 -20.61 17.93
CA LYS A 382 6.75 -21.17 17.57
C LYS A 382 7.40 -20.39 16.42
N GLN A 383 6.61 -20.05 15.40
CA GLN A 383 7.15 -19.26 14.29
C GLN A 383 7.56 -17.88 14.77
N PHE A 384 6.76 -17.26 15.65
CA PHE A 384 7.12 -15.97 16.19
C PHE A 384 8.46 -16.03 16.92
N LEU A 385 8.61 -16.98 17.85
CA LEU A 385 9.85 -17.08 18.59
C LEU A 385 11.06 -17.29 17.69
N ILE A 386 10.92 -18.19 16.71
CA ILE A 386 12.06 -18.52 15.86
C ILE A 386 12.45 -17.33 14.99
N LEU A 387 11.46 -16.61 14.45
CA LEU A 387 11.75 -15.50 13.55
C LEU A 387 12.45 -14.33 14.23
N THR A 388 12.46 -14.27 15.56
CA THR A 388 13.30 -13.29 16.26
C THR A 388 14.77 -13.70 16.31
N GLN A 389 15.10 -14.93 15.91
CA GLN A 389 16.47 -15.42 15.92
C GLN A 389 17.02 -15.76 14.55
N LEU A 390 16.19 -16.20 13.62
CA LEU A 390 16.63 -16.61 12.29
C LEU A 390 15.94 -15.77 11.23
N ASP A 391 16.61 -15.62 10.09
CA ASP A 391 16.04 -14.85 9.00
C ASP A 391 14.93 -15.61 8.29
N GLU A 392 15.04 -16.94 8.23
CA GLU A 392 14.01 -17.80 7.66
C GLU A 392 13.68 -18.91 8.63
N LEU A 393 12.54 -19.55 8.41
CA LEU A 393 12.16 -20.69 9.22
C LEU A 393 13.09 -21.87 8.91
N PRO A 394 13.49 -22.63 9.92
CA PRO A 394 14.38 -23.76 9.67
C PRO A 394 13.62 -24.94 9.07
N ASP A 395 14.39 -25.84 8.46
CA ASP A 395 13.78 -26.99 7.82
C ASP A 395 13.10 -27.93 8.82
N ASP A 396 13.55 -27.91 10.08
CA ASP A 396 12.97 -28.76 11.11
C ASP A 396 11.88 -28.07 11.90
N PHE A 397 11.20 -27.09 11.28
CA PHE A 397 10.23 -26.27 12.00
C PHE A 397 9.03 -27.09 12.48
N ARG A 398 8.59 -28.07 11.69
CA ARG A 398 7.45 -28.87 12.06
C ARG A 398 7.81 -30.01 13.00
N ASN A 399 9.08 -30.27 13.23
CA ASN A 399 9.50 -31.33 14.13
C ASN A 399 9.22 -30.95 15.57
N PRO A 400 8.34 -31.66 16.29
CA PRO A 400 8.05 -31.28 17.67
C PRO A 400 9.24 -31.52 18.61
N ASP A 401 10.12 -32.46 18.29
CA ASP A 401 11.29 -32.69 19.13
C ASP A 401 12.29 -31.54 19.05
N HIS A 402 12.15 -30.64 18.09
CA HIS A 402 13.01 -29.47 17.98
C HIS A 402 12.20 -28.25 18.40
N SER A 403 12.38 -27.83 19.65
CA SER A 403 11.60 -26.76 20.24
C SER A 403 12.08 -25.40 19.75
N ALA A 404 11.25 -24.39 19.99
CA ALA A 404 11.62 -23.03 19.60
C ALA A 404 12.85 -22.55 20.36
N VAL A 405 12.97 -22.92 21.63
CA VAL A 405 14.12 -22.49 22.42
C VAL A 405 15.42 -23.09 21.91
N SER A 406 15.35 -24.20 21.16
CA SER A 406 16.57 -24.79 20.59
C SER A 406 17.18 -23.93 19.50
N HIS A 407 16.50 -22.88 19.05
CA HIS A 407 17.09 -21.94 18.09
C HIS A 407 17.57 -20.67 18.76
N PHE A 408 17.57 -20.62 20.09
CA PHE A 408 18.04 -19.46 20.84
C PHE A 408 19.42 -19.75 21.41
N LYS A 409 20.38 -18.85 21.16
CA LYS A 409 21.72 -19.07 21.67
C LYS A 409 21.82 -18.83 23.16
N THR A 410 21.14 -17.80 23.66
CA THR A 410 21.14 -17.45 25.08
C THR A 410 19.71 -17.19 25.52
N PRO A 411 18.93 -18.23 25.77
CA PRO A 411 17.52 -18.05 26.10
C PRO A 411 17.32 -17.55 27.52
N SER A 412 16.38 -16.63 27.68
CA SER A 412 15.97 -16.23 29.01
C SER A 412 14.91 -17.20 29.52
N ARG A 413 14.53 -17.02 30.80
CA ARG A 413 13.53 -17.90 31.39
C ARG A 413 12.18 -17.78 30.67
N GLN A 414 11.81 -16.57 30.26
CA GLN A 414 10.52 -16.38 29.58
C GLN A 414 10.51 -17.10 28.24
N ILE A 415 11.64 -17.12 27.54
CA ILE A 415 11.73 -17.87 26.29
C ILE A 415 11.60 -19.36 26.55
N ILE A 416 12.26 -19.85 27.60
CA ILE A 416 12.12 -21.25 28.01
C ILE A 416 10.67 -21.59 28.32
N ASN A 417 9.99 -20.71 29.05
CA ASN A 417 8.60 -20.97 29.43
C ASN A 417 7.67 -20.92 28.22
N LEU A 418 7.90 -19.95 27.32
CA LEU A 418 7.09 -19.87 26.11
C LEU A 418 7.33 -21.06 25.20
N SER A 419 8.58 -21.52 25.11
CA SER A 419 8.87 -22.70 24.30
C SER A 419 8.13 -23.92 24.83
N LEU A 420 8.03 -24.05 26.16
CA LEU A 420 7.28 -25.16 26.73
C LEU A 420 5.79 -25.08 26.37
N LEU A 421 5.22 -23.86 26.39
CA LEU A 421 3.82 -23.70 25.99
C LEU A 421 3.59 -24.17 24.55
N VAL A 422 4.53 -23.87 23.65
CA VAL A 422 4.43 -24.35 22.27
C VAL A 422 4.27 -25.86 22.25
N GLN A 423 5.12 -26.57 22.99
CA GLN A 423 5.06 -28.02 23.02
C GLN A 423 3.76 -28.51 23.64
N GLU A 424 3.24 -27.78 24.63
CA GLU A 424 1.98 -28.20 25.23
C GLU A 424 0.81 -28.01 24.28
N LEU A 425 0.88 -27.00 23.40
CA LEU A 425 -0.22 -26.76 22.47
C LEU A 425 -0.14 -27.64 21.23
N THR A 426 1.05 -28.16 20.89
CA THR A 426 1.26 -28.84 19.62
C THR A 426 1.47 -30.34 19.79
N ARG A 427 0.91 -30.94 20.84
CA ARG A 427 1.01 -32.39 20.96
C ARG A 427 0.27 -33.05 19.81
N LEU A 428 0.67 -34.29 19.54
CA LEU A 428 0.11 -35.01 18.40
C LEU A 428 -1.37 -35.34 18.65
N ASP A 429 -1.67 -35.93 19.79
CA ASP A 429 -3.04 -36.26 20.15
C ASP A 429 -3.82 -34.98 20.41
N PRO A 430 -4.87 -34.68 19.64
CA PRO A 430 -5.58 -33.41 19.86
C PRO A 430 -6.22 -33.30 21.24
N ASP A 431 -6.65 -34.43 21.81
CA ASP A 431 -7.29 -34.41 23.13
C ASP A 431 -6.30 -34.17 24.26
N LYS A 432 -5.00 -34.28 24.00
CA LYS A 432 -3.98 -34.04 25.01
C LYS A 432 -3.27 -32.70 24.79
N ARG A 433 -3.73 -31.90 23.84
CA ARG A 433 -3.18 -30.56 23.67
C ARG A 433 -3.70 -29.64 24.77
N MET A 434 -2.85 -28.72 25.18
CA MET A 434 -3.31 -27.63 26.03
C MET A 434 -4.40 -26.85 25.29
N THR A 435 -5.46 -26.49 26.01
CA THR A 435 -6.49 -25.65 25.42
C THR A 435 -6.03 -24.19 25.39
N ILE A 436 -6.68 -23.42 24.54
CA ILE A 436 -6.38 -22.00 24.43
C ILE A 436 -6.66 -21.28 25.75
N LYS A 437 -7.70 -21.71 26.47
CA LYS A 437 -8.01 -21.13 27.78
C LYS A 437 -6.87 -21.35 28.77
N GLN A 438 -6.35 -22.59 28.83
CA GLN A 438 -5.23 -22.87 29.71
C GLN A 438 -4.01 -22.04 29.34
N PHE A 439 -3.73 -21.96 28.03
CA PHE A 439 -2.65 -21.11 27.54
C PHE A 439 -2.85 -19.67 28.03
N GLN A 440 -4.08 -19.17 27.96
CA GLN A 440 -4.34 -17.80 28.39
C GLN A 440 -4.00 -17.60 29.86
N THR A 441 -4.31 -18.59 30.69
CA THR A 441 -3.98 -18.51 32.10
C THR A 441 -2.47 -18.44 32.32
N LEU A 442 -1.72 -19.27 31.60
CA LEU A 442 -0.29 -19.40 31.87
C LEU A 442 0.55 -18.24 31.33
N LEU A 443 0.03 -17.50 30.35
CA LEU A 443 0.81 -16.40 29.77
C LEU A 443 1.21 -15.38 30.82
N ASN A 444 0.37 -15.15 31.84
CA ASN A 444 0.69 -14.19 32.89
C ASN A 444 1.75 -14.67 33.86
N PHE A 445 2.16 -15.94 33.77
CA PHE A 445 3.18 -16.48 34.67
C PHE A 445 4.51 -16.70 33.97
N LYS A 446 4.67 -16.19 32.74
CA LYS A 446 5.87 -16.46 31.96
C LYS A 446 7.14 -15.92 32.61
N ASN A 447 7.04 -14.96 33.53
CA ASN A 447 8.25 -14.47 34.19
C ASN A 447 8.70 -15.37 35.33
N LEU A 448 7.98 -16.47 35.60
CA LEU A 448 8.37 -17.36 36.68
C LEU A 448 9.68 -18.06 36.36
N PRO A 449 10.45 -18.43 37.37
CA PRO A 449 11.60 -19.34 37.15
C PRO A 449 11.13 -20.61 36.47
N PRO A 450 11.91 -21.14 35.51
CA PRO A 450 11.43 -22.29 34.73
C PRO A 450 10.88 -23.44 35.56
N ASP A 451 11.52 -23.76 36.68
CA ASP A 451 10.98 -24.85 37.51
C ASP A 451 9.63 -24.47 38.10
N ALA A 452 9.48 -23.22 38.56
CA ALA A 452 8.19 -22.78 39.08
C ALA A 452 7.14 -22.71 37.98
N PHE A 453 7.55 -22.37 36.75
CA PHE A 453 6.60 -22.32 35.65
C PHE A 453 6.16 -23.72 35.27
N TYR A 454 7.06 -24.70 35.33
CA TYR A 454 6.65 -26.07 35.06
C TYR A 454 5.62 -26.53 36.09
N GLN A 455 5.83 -26.17 37.36
CA GLN A 455 4.84 -26.50 38.37
C GLN A 455 3.49 -25.85 38.07
N LYS A 456 3.51 -24.61 37.56
CA LYS A 456 2.27 -23.95 37.21
C LYS A 456 1.52 -24.70 36.11
N VAL A 457 2.25 -25.19 35.10
CA VAL A 457 1.64 -25.99 34.04
C VAL A 457 1.01 -27.25 34.63
N GLU A 458 1.68 -27.88 35.60
CA GLU A 458 1.15 -29.08 36.19
C GLU A 458 -0.15 -28.82 36.95
N GLU A 459 -0.26 -27.64 37.58
CA GLU A 459 -1.50 -27.30 38.27
C GLU A 459 -2.63 -27.02 37.28
N VAL A 460 -2.29 -26.40 36.15
CA VAL A 460 -3.33 -26.04 35.18
C VAL A 460 -3.72 -27.24 34.33
N PHE A 461 -2.73 -28.05 33.91
CA PHE A 461 -2.92 -29.15 32.97
C PHE A 461 -2.19 -30.35 33.55
N PRO A 462 -2.81 -31.09 34.45
CA PRO A 462 -2.10 -32.15 35.17
C PRO A 462 -1.61 -33.24 34.24
N SER A 463 -0.41 -33.77 34.55
CA SER A 463 0.21 -34.81 33.74
C SER A 463 -0.56 -36.13 33.80
N SER A 464 -1.39 -36.33 34.83
CA SER A 464 -2.23 -37.53 34.86
C SER A 464 -3.14 -37.58 33.64
N GLN A 465 -3.61 -36.43 33.17
CA GLN A 465 -4.49 -36.35 32.00
C GLN A 465 -3.77 -36.53 30.67
N LEU A 466 -2.49 -36.91 30.69
CA LEU A 466 -1.78 -37.29 29.49
C LEU A 466 -1.40 -38.75 29.48
N GLY A 467 -1.82 -39.51 30.49
CA GLY A 467 -1.47 -40.91 30.59
C GLY A 467 -0.05 -41.20 31.02
N ILE A 468 0.70 -40.17 31.41
CA ILE A 468 2.10 -40.34 31.81
C ILE A 468 2.27 -40.36 33.32
N ALA A 469 1.18 -40.42 34.07
CA ALA A 469 1.27 -40.42 35.52
C ALA A 469 2.08 -41.60 36.05
N GLU A 470 2.02 -42.74 35.35
CA GLU A 470 2.80 -43.90 35.76
C GLU A 470 4.29 -43.60 35.75
N ASP A 471 4.78 -42.99 34.67
CA ASP A 471 6.21 -42.70 34.56
C ASP A 471 6.62 -41.43 35.29
N ILE A 472 5.65 -40.57 35.64
CA ILE A 472 6.00 -39.38 36.42
C ILE A 472 6.38 -39.79 37.84
N GLU A 473 5.67 -40.75 38.43
CA GLU A 473 6.05 -41.25 39.73
C GLU A 473 7.34 -42.06 39.66
N ALA A 474 7.60 -42.69 38.51
CA ALA A 474 8.84 -43.45 38.37
C ALA A 474 10.07 -42.54 38.35
N LEU A 475 9.97 -41.38 37.69
CA LEU A 475 11.07 -40.41 37.70
C LEU A 475 11.13 -39.65 39.02
N ASN A 476 9.97 -39.42 39.65
CA ASN A 476 9.97 -38.69 40.92
C ASN A 476 10.49 -39.55 42.05
N LYS A 477 10.20 -40.86 42.01
CA LYS A 477 10.72 -41.77 43.02
C LYS A 477 12.25 -41.72 43.07
N VAL A 478 12.89 -41.78 41.90
CA VAL A 478 14.35 -41.76 41.87
C VAL A 478 14.88 -40.37 42.22
N LEU A 479 14.17 -39.32 41.77
CA LEU A 479 14.60 -37.95 42.09
C LEU A 479 14.40 -37.63 43.56
N ASN A 480 13.43 -38.26 44.22
CA ASN A 480 13.24 -38.06 45.65
C ASN A 480 14.20 -38.90 46.50
N SER A 481 15.04 -39.71 45.86
CA SER A 481 16.00 -40.54 46.58
C SER A 481 17.23 -39.72 46.95
N ASP A 482 17.87 -40.14 48.05
CA ASP A 482 19.05 -39.44 48.56
C ASP A 482 20.31 -39.79 47.81
N LEU A 483 20.27 -40.81 46.95
CA LEU A 483 21.46 -41.24 46.23
C LEU A 483 21.87 -40.21 45.17
N LYS A 484 23.16 -40.17 44.88
CA LYS A 484 23.71 -39.26 43.87
C LYS A 484 24.86 -39.93 43.15
N GLY A 485 25.11 -39.48 41.93
CA GLY A 485 26.20 -40.03 41.13
C GLY A 485 25.77 -41.28 40.38
N GLU A 486 26.75 -42.14 40.10
CA GLU A 486 26.48 -43.38 39.37
C GLU A 486 25.59 -44.33 40.15
N ALA A 487 25.64 -44.27 41.50
CA ALA A 487 24.78 -45.12 42.31
C ALA A 487 23.31 -44.81 42.08
N LEU A 488 22.99 -43.55 41.79
CA LEU A 488 21.63 -43.19 41.42
C LEU A 488 21.33 -43.53 39.97
N LEU A 489 22.36 -43.64 39.12
CA LEU A 489 22.14 -43.83 37.69
C LEU A 489 21.63 -45.23 37.37
N LYS A 490 22.00 -46.24 38.15
CA LYS A 490 21.54 -47.59 37.86
C LYS A 490 20.15 -47.85 38.44
N GLN A 491 19.69 -47.04 39.39
CA GLN A 491 18.29 -47.04 39.76
C GLN A 491 17.48 -46.13 38.84
N ALA A 492 18.17 -45.34 38.01
CA ALA A 492 17.54 -44.51 36.99
C ALA A 492 17.70 -45.07 35.59
N ASN A 493 18.50 -46.13 35.42
CA ASN A 493 18.62 -46.77 34.10
C ASN A 493 17.31 -47.40 33.64
N PRO A 494 16.58 -48.17 34.47
CA PRO A 494 15.31 -48.74 33.97
C PRO A 494 14.32 -47.71 33.49
N VAL A 495 14.08 -46.65 34.27
CA VAL A 495 13.12 -45.63 33.87
C VAL A 495 13.59 -44.90 32.62
N PHE A 496 14.91 -44.75 32.44
CA PHE A 496 15.43 -44.09 31.24
C PHE A 496 15.06 -44.87 29.98
N THR A 497 15.33 -46.18 29.97
CA THR A 497 15.05 -46.99 28.78
C THR A 497 13.56 -47.07 28.51
N LYS A 498 12.72 -47.09 29.55
CA LYS A 498 11.28 -47.04 29.36
C LYS A 498 10.84 -45.75 28.67
N LEU A 499 11.61 -44.67 28.84
CA LEU A 499 11.28 -43.40 28.21
C LEU A 499 11.78 -43.31 26.77
N SER A 500 12.80 -44.06 26.40
CA SER A 500 13.24 -44.06 25.02
C SER A 500 12.31 -44.88 24.11
N LYS A 501 11.35 -45.59 24.69
CA LYS A 501 10.38 -46.36 23.91
C LYS A 501 9.05 -45.62 23.88
N TYR A 502 9.06 -44.47 23.20
CA TYR A 502 7.89 -43.63 23.03
C TYR A 502 7.78 -43.26 21.56
N ASP A 503 6.64 -43.58 20.93
CA ASP A 503 6.50 -43.32 19.50
C ASP A 503 6.60 -41.84 19.18
N PRO A 504 5.81 -40.94 19.79
CA PRO A 504 6.27 -39.55 19.88
C PRO A 504 6.77 -39.26 21.28
N LYS A 505 7.92 -38.60 21.40
CA LYS A 505 8.46 -38.30 22.72
C LYS A 505 7.53 -37.31 23.43
N GLU A 506 7.18 -37.64 24.68
CA GLU A 506 6.38 -36.74 25.51
C GLU A 506 7.30 -35.71 26.17
N THR A 507 7.07 -34.44 25.85
CA THR A 507 7.97 -33.37 26.28
C THR A 507 8.07 -33.31 27.80
N ARG A 508 6.98 -33.55 28.51
CA ARG A 508 7.01 -33.40 29.97
C ARG A 508 7.91 -34.46 30.62
N LEU A 509 8.03 -35.63 29.99
CA LEU A 509 8.95 -36.64 30.50
C LEU A 509 10.39 -36.37 30.04
N THR A 510 10.54 -35.82 28.84
CA THR A 510 11.88 -35.43 28.38
C THR A 510 12.48 -34.35 29.28
N ARG A 511 11.64 -33.52 29.91
CA ARG A 511 12.15 -32.45 30.75
C ARG A 511 12.53 -32.95 32.14
N LEU A 512 11.74 -33.86 32.70
CA LEU A 512 12.04 -34.38 34.03
C LEU A 512 13.19 -35.38 34.01
N ALA A 513 13.34 -36.11 32.91
CA ALA A 513 14.45 -37.06 32.81
C ALA A 513 15.80 -36.35 32.81
N GLU A 514 15.85 -35.12 32.26
CA GLU A 514 17.11 -34.37 32.23
C GLU A 514 17.51 -33.90 33.62
N LYS A 515 16.57 -33.36 34.40
CA LYS A 515 16.90 -32.98 35.76
C LYS A 515 17.34 -34.18 36.58
N LEU A 516 16.86 -35.37 36.23
CA LEU A 516 17.31 -36.59 36.89
C LEU A 516 18.64 -37.06 36.32
N ALA A 517 18.88 -36.83 35.03
CA ALA A 517 20.18 -37.14 34.44
C ALA A 517 21.29 -36.30 35.05
N ILE A 518 21.00 -35.03 35.34
CA ILE A 518 22.00 -34.14 35.93
C ILE A 518 22.48 -34.69 37.27
N ARG A 519 21.55 -35.13 38.11
CA ARG A 519 21.90 -35.63 39.44
C ARG A 519 22.71 -36.92 39.38
N CYS A 520 22.60 -37.66 38.27
CA CYS A 520 23.32 -38.92 38.12
C CYS A 520 24.79 -38.73 37.76
N PHE A 521 25.20 -37.53 37.33
CA PHE A 521 26.55 -37.31 36.81
C PHE A 521 27.40 -36.60 37.86
N ASN A 522 28.07 -37.39 38.70
CA ASN A 522 29.05 -36.88 39.67
C ASN A 522 29.81 -38.05 40.33
N ASN B 2 -18.70 -1.77 30.49
CA ASN B 2 -18.39 -1.16 29.21
C ASN B 2 -17.04 -0.45 29.25
N ALA B 3 -16.81 0.30 30.32
CA ALA B 3 -15.57 1.07 30.49
C ALA B 3 -14.57 0.40 31.42
N GLU B 4 -15.02 -0.35 32.42
CA GLU B 4 -14.12 -1.06 33.31
C GLU B 4 -13.96 -2.54 32.92
N ALA B 5 -13.87 -2.83 31.62
CA ALA B 5 -13.79 -4.22 31.19
C ALA B 5 -12.38 -4.75 31.35
N THR B 6 -12.28 -6.08 31.52
CA THR B 6 -11.00 -6.76 31.61
C THR B 6 -10.97 -7.94 30.65
N LEU B 7 -9.78 -8.45 30.40
CA LEU B 7 -9.60 -9.65 29.60
C LEU B 7 -9.61 -10.89 30.47
N GLY B 8 -9.80 -12.03 29.84
CA GLY B 8 -9.53 -13.29 30.51
C GLY B 8 -8.05 -13.43 30.78
N SER B 9 -7.72 -14.04 31.91
CA SER B 9 -6.33 -14.17 32.32
C SER B 9 -6.26 -15.11 33.52
N GLY B 10 -5.04 -15.53 33.84
CA GLY B 10 -4.79 -16.14 35.13
C GLY B 10 -4.96 -15.11 36.23
N ASN B 11 -4.97 -15.59 37.47
CA ASN B 11 -5.21 -14.68 38.58
C ASN B 11 -3.99 -13.78 38.74
N LEU B 12 -4.18 -12.48 38.53
CA LEU B 12 -3.06 -11.55 38.49
C LEU B 12 -2.47 -11.30 39.88
N ARG B 13 -3.29 -11.41 40.92
N ARG B 13 -3.30 -11.39 40.92
CA ARG B 13 -2.76 -11.29 42.28
CA ARG B 13 -2.78 -11.31 42.28
C ARG B 13 -1.76 -12.40 42.57
C ARG B 13 -1.72 -12.37 42.52
N GLN B 14 -1.90 -13.54 41.91
CA GLN B 14 -0.91 -14.62 42.07
C GLN B 14 0.28 -14.43 41.15
N ALA B 15 0.07 -13.85 39.96
CA ALA B 15 1.17 -13.69 39.00
C ALA B 15 2.21 -12.68 39.45
N VAL B 16 1.87 -11.79 40.38
CA VAL B 16 2.83 -10.80 40.87
C VAL B 16 3.51 -11.23 42.17
N MET B 17 3.09 -12.33 42.78
CA MET B 17 3.70 -12.78 44.02
C MET B 17 5.14 -13.21 43.81
N LEU B 18 5.97 -12.93 44.80
CA LEU B 18 7.38 -13.34 44.75
C LEU B 18 7.47 -14.86 44.80
N PRO B 19 8.05 -15.50 43.79
CA PRO B 19 8.19 -16.96 43.82
C PRO B 19 9.11 -17.41 44.96
N GLU B 20 8.89 -18.64 45.41
CA GLU B 20 9.71 -19.20 46.48
C GLU B 20 11.18 -19.21 46.09
N GLY B 21 12.03 -18.75 47.00
CA GLY B 21 13.47 -18.78 46.80
C GLY B 21 13.99 -17.85 45.73
N GLU B 22 13.19 -16.86 45.32
CA GLU B 22 13.58 -15.95 44.26
C GLU B 22 14.11 -14.66 44.87
N ASP B 23 15.19 -14.14 44.27
CA ASP B 23 15.73 -12.87 44.70
C ASP B 23 14.75 -11.76 44.35
N LEU B 24 14.49 -10.87 45.31
CA LEU B 24 13.51 -9.82 45.09
C LEU B 24 13.95 -8.90 43.95
N ASN B 25 15.25 -8.60 43.87
CA ASN B 25 15.74 -7.73 42.82
C ASN B 25 15.46 -8.31 41.44
N GLU B 26 15.66 -9.62 41.28
CA GLU B 26 15.44 -10.23 39.98
C GLU B 26 13.96 -10.24 39.62
N TRP B 27 13.10 -10.44 40.63
CA TRP B 27 11.66 -10.41 40.39
C TRP B 27 11.19 -9.02 39.98
N ILE B 28 11.80 -7.97 40.52
CA ILE B 28 11.46 -6.62 40.09
C ILE B 28 12.00 -6.36 38.70
N ALA B 29 13.21 -6.84 38.42
CA ALA B 29 13.82 -6.59 37.12
C ALA B 29 12.97 -7.14 35.99
N VAL B 30 12.60 -8.42 36.06
CA VAL B 30 11.95 -9.06 34.93
C VAL B 30 10.54 -8.53 34.73
N ASN B 31 9.85 -8.15 35.81
CA ASN B 31 8.51 -7.60 35.65
C ASN B 31 8.55 -6.14 35.22
N THR B 32 9.59 -5.39 35.64
CA THR B 32 9.76 -4.03 35.15
C THR B 32 9.99 -4.02 33.64
N VAL B 33 10.83 -4.93 33.13
CA VAL B 33 11.05 -5.02 31.69
C VAL B 33 9.75 -5.38 30.99
N ASP B 34 8.95 -6.27 31.60
CA ASP B 34 7.67 -6.64 31.02
C ASP B 34 6.73 -5.44 30.97
N PHE B 35 6.58 -4.73 32.10
CA PHE B 35 5.61 -3.64 32.17
C PHE B 35 6.00 -2.49 31.25
N PHE B 36 7.29 -2.20 31.14
CA PHE B 36 7.72 -1.15 30.23
C PHE B 36 7.29 -1.46 28.80
N ASN B 37 7.51 -2.70 28.37
CA ASN B 37 7.13 -3.08 27.01
C ASN B 37 5.62 -2.98 26.80
N GLN B 38 4.83 -3.37 27.80
CA GLN B 38 3.38 -3.28 27.69
CA GLN B 38 3.38 -3.28 27.69
C GLN B 38 2.94 -1.83 27.50
N ILE B 39 3.35 -0.94 28.42
CA ILE B 39 2.94 0.46 28.33
C ILE B 39 3.55 1.12 27.09
N ASN B 40 4.72 0.68 26.66
CA ASN B 40 5.29 1.18 25.42
C ASN B 40 4.41 0.80 24.24
N MET B 41 3.96 -0.46 24.19
CA MET B 41 3.09 -0.90 23.11
C MET B 41 1.75 -0.18 23.16
N LEU B 42 1.19 -0.04 24.36
CA LEU B 42 -0.14 0.58 24.49
C LEU B 42 -0.09 2.05 24.13
N TYR B 43 0.96 2.77 24.54
CA TYR B 43 1.09 4.16 24.12
C TYR B 43 1.26 4.27 22.62
N GLY B 44 1.90 3.28 21.98
CA GLY B 44 2.00 3.28 20.54
C GLY B 44 0.67 3.21 19.82
N THR B 45 -0.39 2.73 20.49
CA THR B 45 -1.70 2.61 19.85
C THR B 45 -2.40 3.95 19.70
N ILE B 46 -2.20 4.88 20.62
CA ILE B 46 -2.85 6.19 20.59
C ILE B 46 -1.87 7.30 20.28
N THR B 47 -0.63 6.96 19.88
CA THR B 47 0.41 7.96 19.71
C THR B 47 0.03 9.01 18.65
N GLU B 48 -0.77 8.63 17.65
CA GLU B 48 -1.16 9.59 16.63
C GLU B 48 -2.20 10.58 17.14
N PHE B 49 -2.86 10.26 18.26
CA PHE B 49 -3.82 11.16 18.88
C PHE B 49 -3.22 12.00 19.99
N CYS B 50 -2.01 11.67 20.44
CA CYS B 50 -1.29 12.45 21.43
C CYS B 50 -0.30 13.35 20.67
N THR B 51 -0.68 14.61 20.47
CA THR B 51 0.07 15.54 19.66
C THR B 51 0.50 16.74 20.48
N GLU B 52 1.28 17.62 19.85
CA GLU B 52 1.67 18.86 20.50
C GLU B 52 0.46 19.75 20.77
N ALA B 53 -0.53 19.73 19.87
CA ALA B 53 -1.70 20.56 20.05
C ALA B 53 -2.67 19.96 21.07
N SER B 54 -2.77 18.64 21.10
CA SER B 54 -3.69 18.00 22.04
C SER B 54 -3.17 18.08 23.47
N CYS B 55 -1.86 17.90 23.66
CA CYS B 55 -1.26 17.83 25.00
C CYS B 55 -0.03 18.73 25.06
N PRO B 56 -0.23 20.06 25.17
CA PRO B 56 0.92 20.96 25.17
C PRO B 56 1.81 20.81 26.40
N VAL B 57 1.30 20.28 27.50
CA VAL B 57 2.11 19.98 28.68
C VAL B 57 1.79 18.56 29.13
N MET B 58 2.80 17.84 29.58
CA MET B 58 2.58 16.49 30.08
C MET B 58 1.77 16.54 31.36
N SER B 59 0.69 15.78 31.41
CA SER B 59 -0.22 15.90 32.55
C SER B 59 -1.00 14.60 32.68
N ALA B 60 -1.74 14.51 33.79
CA ALA B 60 -2.71 13.46 34.03
C ALA B 60 -4.02 14.11 34.49
N GLY B 61 -4.61 14.92 33.61
CA GLY B 61 -5.74 15.73 33.99
C GLY B 61 -5.27 17.09 34.45
N PRO B 62 -6.20 18.05 34.53
CA PRO B 62 -5.82 19.43 34.90
C PRO B 62 -5.18 19.57 36.28
N ARG B 63 -5.28 18.56 37.14
CA ARG B 63 -4.77 18.67 38.51
C ARG B 63 -3.39 18.07 38.69
N TYR B 64 -2.80 17.47 37.65
CA TYR B 64 -1.53 16.77 37.81
C TYR B 64 -0.64 17.06 36.60
N GLU B 65 0.21 18.06 36.73
CA GLU B 65 1.20 18.39 35.71
C GLU B 65 2.51 17.69 36.04
N TYR B 66 3.15 17.11 35.02
CA TYR B 66 4.38 16.34 35.20
C TYR B 66 5.54 17.06 34.54
N HIS B 67 6.62 17.25 35.29
CA HIS B 67 7.87 17.74 34.75
C HIS B 67 8.88 16.60 34.69
N TRP B 68 9.85 16.74 33.79
CA TRP B 68 10.85 15.71 33.56
C TRP B 68 12.11 16.06 34.34
N ALA B 69 12.53 15.16 35.23
CA ALA B 69 13.74 15.33 36.02
C ALA B 69 14.89 14.69 35.26
N ASP B 70 15.74 15.52 34.65
CA ASP B 70 16.84 15.02 33.85
C ASP B 70 17.85 14.28 34.72
N GLY B 71 18.45 13.25 34.14
CA GLY B 71 19.44 12.45 34.85
C GLY B 71 20.86 12.81 34.48
N THR B 72 21.03 13.62 33.45
CA THR B 72 22.35 14.00 32.97
C THR B 72 22.65 15.49 33.07
N ASN B 73 21.63 16.35 32.98
CA ASN B 73 21.80 17.79 33.10
C ASN B 73 21.28 18.28 34.44
N ILE B 74 21.98 19.24 35.04
CA ILE B 74 21.59 19.81 36.31
C ILE B 74 20.73 21.03 35.99
N LYS B 75 19.41 20.87 36.07
CA LYS B 75 18.49 21.95 35.80
C LYS B 75 17.13 21.58 36.38
N LYS B 76 16.31 22.62 36.59
CA LYS B 76 14.98 22.42 37.13
C LYS B 76 14.21 21.43 36.25
N PRO B 77 13.36 20.58 36.83
CA PRO B 77 12.57 19.66 36.04
C PRO B 77 11.79 20.40 34.95
N ILE B 78 11.79 19.82 33.75
CA ILE B 78 11.39 20.53 32.54
C ILE B 78 9.90 20.35 32.33
N LYS B 79 9.21 21.46 32.06
CA LYS B 79 7.81 21.45 31.64
C LYS B 79 7.77 21.29 30.13
N CYS B 80 7.25 20.17 29.65
CA CYS B 80 7.22 19.90 28.22
C CYS B 80 5.92 19.18 27.86
N SER B 81 5.69 19.04 26.56
CA SER B 81 4.50 18.40 26.04
C SER B 81 4.51 16.91 26.35
N ALA B 82 3.32 16.30 26.32
CA ALA B 82 3.22 14.87 26.55
C ALA B 82 3.93 14.03 25.48
N PRO B 83 3.84 14.33 24.18
CA PRO B 83 4.65 13.56 23.22
C PRO B 83 6.14 13.68 23.47
N LYS B 84 6.64 14.88 23.75
CA LYS B 84 8.07 15.04 24.02
C LYS B 84 8.46 14.33 25.31
N TYR B 85 7.63 14.44 26.35
CA TYR B 85 7.92 13.78 27.62
C TYR B 85 7.99 12.27 27.44
N ILE B 86 6.96 11.69 26.81
CA ILE B 86 6.84 10.24 26.74
C ILE B 86 7.79 9.65 25.72
N ASP B 87 8.01 10.31 24.58
CA ASP B 87 8.94 9.80 23.59
C ASP B 87 10.36 9.76 24.14
N TYR B 88 10.67 10.65 25.09
CA TYR B 88 11.96 10.61 25.75
C TYR B 88 11.99 9.63 26.92
N LEU B 89 10.84 9.44 27.58
CA LEU B 89 10.78 8.50 28.69
C LEU B 89 11.04 7.07 28.21
N MET B 90 10.47 6.70 27.07
CA MET B 90 10.64 5.34 26.57
C MET B 90 12.08 5.09 26.17
N THR B 91 12.72 6.05 25.50
CA THR B 91 14.14 5.90 25.19
C THR B 91 14.98 5.84 26.46
N TRP B 92 14.62 6.64 27.46
CA TRP B 92 15.36 6.67 28.71
C TRP B 92 15.25 5.34 29.46
N VAL B 93 14.03 4.78 29.53
CA VAL B 93 13.87 3.52 30.25
C VAL B 93 14.57 2.36 29.51
N GLN B 94 14.44 2.33 28.17
CA GLN B 94 15.08 1.26 27.42
C GLN B 94 16.59 1.24 27.64
N ASP B 95 17.20 2.42 27.82
CA ASP B 95 18.63 2.47 28.07
C ASP B 95 18.97 1.87 29.43
N GLN B 96 18.12 2.07 30.43
CA GLN B 96 18.37 1.43 31.73
C GLN B 96 18.25 -0.08 31.64
N LEU B 97 17.29 -0.57 30.85
CA LEU B 97 17.08 -2.01 30.76
C LEU B 97 18.17 -2.68 29.93
N ASP B 98 18.69 -1.98 28.93
CA ASP B 98 19.76 -2.55 28.11
C ASP B 98 21.12 -2.49 28.79
N ASP B 99 21.27 -1.68 29.84
CA ASP B 99 22.53 -1.56 30.55
C ASP B 99 22.70 -2.75 31.48
N GLU B 100 23.74 -3.56 31.23
CA GLU B 100 23.93 -4.77 32.02
C GLU B 100 24.56 -4.50 33.39
N THR B 101 25.05 -3.27 33.63
CA THR B 101 25.41 -2.90 34.99
C THR B 101 24.16 -2.68 35.85
N LEU B 102 23.06 -2.27 35.24
CA LEU B 102 21.85 -1.95 35.99
C LEU B 102 20.87 -3.11 36.04
N PHE B 103 20.61 -3.73 34.90
CA PHE B 103 19.66 -4.84 34.78
C PHE B 103 20.42 -6.06 34.25
N PRO B 104 21.25 -6.70 35.09
CA PRO B 104 22.09 -7.80 34.61
C PRO B 104 21.26 -8.98 34.13
N SER B 105 21.63 -9.51 32.97
CA SER B 105 20.97 -10.69 32.41
C SER B 105 21.83 -11.95 32.48
N LYS B 106 23.11 -11.83 32.86
CA LYS B 106 23.98 -12.98 33.00
C LYS B 106 23.92 -13.55 34.42
N ILE B 107 24.50 -14.73 34.58
CA ILE B 107 24.35 -15.48 35.84
C ILE B 107 25.09 -14.79 36.98
N GLY B 108 26.40 -14.57 36.80
CA GLY B 108 27.24 -14.11 37.88
C GLY B 108 27.41 -12.62 38.03
N VAL B 109 26.56 -11.85 37.38
CA VAL B 109 26.61 -10.38 37.45
C VAL B 109 25.55 -9.92 38.44
N PRO B 110 25.93 -9.30 39.55
CA PRO B 110 24.95 -8.92 40.58
C PRO B 110 24.29 -7.59 40.27
N PHE B 111 23.18 -7.36 40.97
CA PHE B 111 22.49 -6.09 40.86
C PHE B 111 23.25 -5.01 41.62
N PRO B 112 23.20 -3.76 41.15
CA PRO B 112 23.88 -2.69 41.87
C PRO B 112 23.21 -2.41 43.21
N LYS B 113 23.95 -1.72 44.07
CA LYS B 113 23.41 -1.34 45.37
C LYS B 113 22.20 -0.43 45.22
N ASN B 114 22.19 0.42 44.20
CA ASN B 114 21.11 1.39 43.99
C ASN B 114 20.03 0.88 43.04
N PHE B 115 19.96 -0.43 42.80
CA PHE B 115 19.01 -0.97 41.83
C PHE B 115 17.58 -0.65 42.22
N MET B 116 17.25 -0.73 43.51
CA MET B 116 15.87 -0.54 43.94
C MET B 116 15.41 0.89 43.71
N SER B 117 16.32 1.86 43.86
CA SER B 117 15.97 3.24 43.55
C SER B 117 15.83 3.45 42.05
N VAL B 118 16.67 2.79 41.26
CA VAL B 118 16.56 2.91 39.81
C VAL B 118 15.23 2.33 39.34
N ALA B 119 14.90 1.12 39.77
CA ALA B 119 13.66 0.49 39.33
C ALA B 119 12.44 1.26 39.78
N LYS B 120 12.50 1.89 40.95
CA LYS B 120 11.32 2.62 41.43
C LYS B 120 11.14 3.93 40.69
N THR B 121 12.22 4.58 40.29
CA THR B 121 12.11 5.73 39.39
C THR B 121 11.47 5.32 38.06
N ILE B 122 11.93 4.19 37.49
CA ILE B 122 11.35 3.69 36.25
C ILE B 122 9.86 3.44 36.42
N LEU B 123 9.49 2.65 37.44
CA LEU B 123 8.08 2.30 37.63
C LEU B 123 7.22 3.52 37.93
N LYS B 124 7.78 4.54 38.60
CA LYS B 124 7.01 5.76 38.83
C LYS B 124 6.65 6.43 37.51
N ARG B 125 7.61 6.54 36.60
CA ARG B 125 7.34 7.21 35.32
C ARG B 125 6.51 6.35 34.38
N LEU B 126 6.56 5.02 34.53
CA LEU B 126 5.62 4.20 33.76
C LEU B 126 4.19 4.48 34.19
N PHE B 127 3.97 4.70 35.49
CA PHE B 127 2.64 5.03 35.95
C PHE B 127 2.14 6.33 35.33
N ARG B 128 3.05 7.30 35.18
CA ARG B 128 2.64 8.58 34.62
C ARG B 128 2.15 8.45 33.18
N VAL B 129 2.59 7.42 32.45
CA VAL B 129 2.09 7.22 31.09
C VAL B 129 0.69 6.62 31.11
N TYR B 130 0.47 5.61 31.95
CA TYR B 130 -0.89 5.11 32.17
C TYR B 130 -1.83 6.25 32.55
N ALA B 131 -1.42 7.09 33.50
CA ALA B 131 -2.29 8.14 34.00
C ALA B 131 -2.63 9.15 32.89
N HIS B 132 -1.65 9.46 32.05
CA HIS B 132 -1.91 10.39 30.95
C HIS B 132 -2.86 9.78 29.93
N ILE B 133 -2.67 8.49 29.61
CA ILE B 133 -3.56 7.82 28.67
C ILE B 133 -5.00 7.82 29.19
N TYR B 134 -5.19 7.44 30.46
CA TYR B 134 -6.54 7.35 31.01
C TYR B 134 -7.23 8.72 31.04
N HIS B 135 -6.50 9.77 31.42
CA HIS B 135 -7.12 11.08 31.62
C HIS B 135 -7.34 11.82 30.31
N GLN B 136 -6.43 11.68 29.34
CA GLN B 136 -6.41 12.50 28.15
C GLN B 136 -6.71 11.75 26.86
N HIS B 137 -6.75 10.41 26.90
CA HIS B 137 -6.92 9.68 25.64
C HIS B 137 -7.79 8.44 25.78
N PHE B 138 -8.60 8.34 26.84
CA PHE B 138 -9.48 7.18 26.95
C PHE B 138 -10.50 7.16 25.83
N ASP B 139 -10.85 8.33 25.29
CA ASP B 139 -11.75 8.38 24.14
C ASP B 139 -11.15 7.67 22.93
N SER B 140 -9.85 7.88 22.66
CA SER B 140 -9.20 7.17 21.57
C SER B 140 -9.08 5.68 21.88
N VAL B 141 -8.84 5.35 23.15
CA VAL B 141 -8.81 3.94 23.57
C VAL B 141 -10.14 3.26 23.26
N MET B 142 -11.24 3.98 23.46
CA MET B 142 -12.55 3.39 23.21
C MET B 142 -12.82 3.25 21.72
N GLN B 143 -12.29 4.14 20.88
CA GLN B 143 -12.45 4.01 19.44
C GLN B 143 -11.65 2.85 18.87
N LEU B 144 -10.58 2.44 19.55
CA LEU B 144 -9.80 1.29 19.14
C LEU B 144 -10.26 0.00 19.80
N GLN B 145 -11.29 0.07 20.66
CA GLN B 145 -11.87 -1.12 21.29
C GLN B 145 -10.83 -1.89 22.11
N GLU B 146 -9.96 -1.16 22.82
CA GLU B 146 -8.88 -1.79 23.57
C GLU B 146 -8.95 -1.49 25.06
N GLU B 147 -10.11 -1.09 25.58
CA GLU B 147 -10.18 -0.77 26.99
C GLU B 147 -9.92 -1.99 27.86
N ALA B 148 -10.27 -3.19 27.38
CA ALA B 148 -10.02 -4.39 28.17
C ALA B 148 -8.53 -4.68 28.27
N HIS B 149 -7.79 -4.48 27.18
CA HIS B 149 -6.35 -4.74 27.20
C HIS B 149 -5.62 -3.70 28.02
N LEU B 150 -6.02 -2.43 27.88
CA LEU B 150 -5.44 -1.38 28.71
C LEU B 150 -5.71 -1.63 30.18
N ASN B 151 -6.98 -1.91 30.54
CA ASN B 151 -7.31 -2.13 31.95
C ASN B 151 -6.57 -3.35 32.50
N THR B 152 -6.47 -4.42 31.71
CA THR B 152 -5.78 -5.62 32.19
C THR B 152 -4.29 -5.37 32.37
N SER B 153 -3.66 -4.67 31.43
CA SER B 153 -2.25 -4.31 31.61
C SER B 153 -2.06 -3.42 32.82
N PHE B 154 -2.92 -2.41 32.98
CA PHE B 154 -2.81 -1.54 34.15
C PHE B 154 -3.11 -2.31 35.44
N LYS B 155 -4.09 -3.22 35.40
CA LYS B 155 -4.37 -4.07 36.55
C LYS B 155 -3.16 -4.88 36.96
N HIS B 156 -2.49 -5.52 36.00
CA HIS B 156 -1.30 -6.29 36.29
C HIS B 156 -0.19 -5.40 36.84
N PHE B 157 0.03 -4.24 36.19
CA PHE B 157 1.09 -3.34 36.61
C PHE B 157 0.84 -2.83 38.03
N ILE B 158 -0.39 -2.40 38.32
CA ILE B 158 -0.64 -1.81 39.64
C ILE B 158 -0.73 -2.88 40.72
N PHE B 159 -1.10 -4.12 40.37
CA PHE B 159 -1.06 -5.19 41.36
C PHE B 159 0.38 -5.49 41.77
N PHE B 160 1.32 -5.34 40.84
CA PHE B 160 2.72 -5.58 41.16
C PHE B 160 3.29 -4.44 42.01
N VAL B 161 2.92 -3.21 41.67
CA VAL B 161 3.33 -2.07 42.48
C VAL B 161 2.80 -2.22 43.90
N GLN B 162 1.54 -2.62 44.04
CA GLN B 162 0.95 -2.78 45.37
C GLN B 162 1.56 -3.95 46.13
N GLU B 163 1.87 -5.05 45.42
CA GLU B 163 2.42 -6.22 46.10
C GLU B 163 3.72 -5.90 46.82
N PHE B 164 4.54 -5.01 46.24
CA PHE B 164 5.85 -4.70 46.79
C PHE B 164 6.00 -3.23 47.18
N ASN B 165 4.95 -2.42 47.07
CA ASN B 165 4.93 -1.04 47.54
C ASN B 165 6.02 -0.20 46.86
N LEU B 166 5.98 -0.18 45.53
CA LEU B 166 7.05 0.43 44.75
C LEU B 166 6.76 1.85 44.30
N ILE B 167 5.53 2.33 44.44
CA ILE B 167 5.18 3.70 44.12
C ILE B 167 4.45 4.31 45.32
N ASP B 168 4.82 5.55 45.66
CA ASP B 168 4.18 6.23 46.77
C ASP B 168 2.71 6.48 46.47
N ARG B 169 1.88 6.39 47.51
CA ARG B 169 0.44 6.55 47.34
C ARG B 169 0.10 7.93 46.78
N ARG B 170 0.82 8.96 47.21
CA ARG B 170 0.56 10.30 46.70
C ARG B 170 0.78 10.37 45.20
N GLU B 171 1.75 9.61 44.69
CA GLU B 171 1.99 9.56 43.25
C GLU B 171 0.89 8.80 42.53
N LEU B 172 0.24 7.84 43.21
CA LEU B 172 -0.83 7.06 42.60
C LEU B 172 -2.15 7.82 42.57
N ALA B 173 -2.20 9.02 43.17
CA ALA B 173 -3.45 9.76 43.29
C ALA B 173 -4.22 9.98 41.99
N PRO B 174 -3.59 10.28 40.84
CA PRO B 174 -4.40 10.55 39.63
C PRO B 174 -5.29 9.38 39.21
N LEU B 175 -5.06 8.17 39.70
CA LEU B 175 -5.89 7.02 39.32
C LEU B 175 -6.38 6.24 40.52
N GLN B 176 -6.53 6.90 41.68
CA GLN B 176 -6.89 6.17 42.89
C GLN B 176 -8.26 5.51 42.78
N GLU B 177 -9.22 6.20 42.16
CA GLU B 177 -10.56 5.61 42.00
C GLU B 177 -10.48 4.37 41.13
N LEU B 178 -9.66 4.40 40.08
CA LEU B 178 -9.55 3.25 39.18
C LEU B 178 -8.80 2.11 39.85
N ILE B 179 -7.75 2.42 40.60
CA ILE B 179 -7.01 1.39 41.32
C ILE B 179 -7.93 0.65 42.28
N GLU B 180 -8.72 1.41 43.05
CA GLU B 180 -9.67 0.78 43.97
C GLU B 180 -10.72 -0.05 43.23
N LYS B 181 -11.23 0.45 42.10
CA LYS B 181 -12.26 -0.27 41.37
C LYS B 181 -11.73 -1.58 40.80
N LEU B 182 -10.49 -1.59 40.32
CA LEU B 182 -9.89 -2.80 39.76
C LEU B 182 -9.36 -3.74 40.84
N GLY B 183 -9.24 -3.29 42.08
CA GLY B 183 -8.64 -4.12 43.11
C GLY B 183 -9.61 -4.62 44.16
N SER B 184 -10.89 -4.31 44.00
CA SER B 184 -11.91 -4.76 44.95
C SER B 184 -12.17 -6.25 44.81
N LYS C 4 21.29 -23.35 -27.12
CA LYS C 4 22.65 -23.60 -26.69
C LYS C 4 23.65 -22.80 -27.52
N ASN C 5 23.44 -21.49 -27.62
CA ASN C 5 24.32 -20.61 -28.36
C ASN C 5 25.47 -20.06 -27.52
N THR C 6 25.61 -20.51 -26.28
CA THR C 6 26.63 -19.98 -25.38
C THR C 6 27.94 -20.77 -25.44
N MET C 7 27.95 -21.91 -26.14
CA MET C 7 29.07 -22.84 -26.00
C MET C 7 30.37 -22.40 -26.69
N PRO C 8 30.36 -21.69 -27.83
CA PRO C 8 31.63 -21.17 -28.34
C PRO C 8 32.28 -20.14 -27.45
N LEU C 9 31.52 -19.40 -26.65
CA LEU C 9 32.10 -18.45 -25.72
C LEU C 9 32.45 -19.09 -24.38
N VAL C 10 31.76 -20.16 -23.99
CA VAL C 10 32.17 -20.92 -22.82
C VAL C 10 33.55 -21.52 -23.06
N ILE C 11 33.81 -21.99 -24.29
CA ILE C 11 35.13 -22.53 -24.62
C ILE C 11 36.19 -21.44 -24.53
N ALA C 12 35.89 -20.26 -25.08
CA ALA C 12 36.85 -19.18 -25.05
C ALA C 12 37.14 -18.73 -23.62
N TYR C 13 36.10 -18.66 -22.79
CA TYR C 13 36.31 -18.34 -21.38
C TYR C 13 37.22 -19.35 -20.71
N ASN C 14 36.96 -20.64 -20.91
CA ASN C 14 37.79 -21.66 -20.29
C ASN C 14 39.23 -21.59 -20.79
N ASN C 15 39.40 -21.24 -22.07
CA ASN C 15 40.72 -21.16 -22.69
C ASN C 15 41.44 -19.86 -22.41
N ALA C 16 40.77 -18.85 -21.88
CA ALA C 16 41.43 -17.58 -21.64
C ALA C 16 42.45 -17.73 -20.53
N PRO C 17 43.67 -17.20 -20.68
CA PRO C 17 44.60 -17.17 -19.56
C PRO C 17 44.04 -16.27 -18.47
N GLU C 18 44.40 -16.58 -17.23
CA GLU C 18 43.86 -15.86 -16.08
C GLU C 18 44.74 -14.70 -15.65
N ASP C 19 45.78 -14.38 -16.42
CA ASP C 19 46.33 -13.04 -16.36
C ASP C 19 45.32 -12.05 -16.90
N ASP C 20 44.54 -12.50 -17.87
CA ASP C 20 43.57 -11.65 -18.57
C ASP C 20 42.16 -11.91 -18.03
N LYS C 21 41.96 -11.53 -16.77
CA LYS C 21 40.63 -11.68 -16.20
C LYS C 21 39.67 -10.66 -16.78
N ILE C 22 40.18 -9.64 -17.47
CA ILE C 22 39.31 -8.77 -18.24
C ILE C 22 38.68 -9.52 -19.39
N GLN C 23 39.46 -10.35 -20.08
CA GLN C 23 38.90 -11.19 -21.14
C GLN C 23 37.90 -12.19 -20.56
N LYS C 24 38.19 -12.74 -19.38
CA LYS C 24 37.25 -13.62 -18.72
C LYS C 24 35.94 -12.91 -18.43
N LEU C 25 36.03 -11.71 -17.85
CA LEU C 25 34.81 -10.96 -17.56
C LEU C 25 34.09 -10.56 -18.85
N PHE C 26 34.85 -10.29 -19.92
CA PHE C 26 34.24 -9.96 -21.20
C PHE C 26 33.38 -11.09 -21.71
N TYR C 27 33.83 -12.34 -21.54
CA TYR C 27 33.05 -13.47 -22.02
C TYR C 27 31.92 -13.82 -21.07
N LEU C 28 32.07 -13.53 -19.78
CA LEU C 28 30.94 -13.70 -18.86
C LEU C 28 29.83 -12.73 -19.20
N GLN C 29 30.17 -11.46 -19.48
CA GLN C 29 29.14 -10.48 -19.81
C GLN C 29 28.56 -10.70 -21.19
N LYS C 30 29.37 -11.18 -22.14
CA LYS C 30 28.86 -11.51 -23.47
C LYS C 30 27.85 -12.66 -23.39
N ILE C 31 28.18 -13.71 -22.64
CA ILE C 31 27.24 -14.82 -22.46
C ILE C 31 25.98 -14.33 -21.75
N ASN C 32 26.15 -13.48 -20.73
CA ASN C 32 24.99 -12.96 -20.00
C ASN C 32 24.06 -12.17 -20.92
N TYR C 33 24.63 -11.42 -21.87
CA TYR C 33 23.80 -10.64 -22.78
C TYR C 33 22.95 -11.53 -23.68
N LEU C 34 23.41 -12.76 -23.95
CA LEU C 34 22.63 -13.64 -24.82
C LEU C 34 21.66 -14.50 -24.03
N LEU C 35 21.97 -14.82 -22.77
CA LEU C 35 21.02 -15.60 -21.98
C LEU C 35 19.76 -14.80 -21.69
N ASN C 36 19.87 -13.46 -21.63
CA ASN C 36 18.69 -12.63 -21.40
C ASN C 36 17.75 -12.58 -22.60
N LYS C 37 18.24 -12.87 -23.81
CA LYS C 37 17.38 -12.92 -24.98
C LYS C 37 17.11 -14.35 -25.47
N THR C 38 17.38 -15.35 -24.63
CA THR C 38 17.24 -16.76 -24.99
C THR C 38 16.14 -17.38 -24.14
N GLN C 39 15.20 -18.08 -24.78
CA GLN C 39 14.18 -18.82 -24.04
C GLN C 39 14.79 -19.99 -23.30
N LEU C 40 14.46 -20.13 -22.03
CA LEU C 40 15.01 -21.20 -21.19
C LEU C 40 14.16 -22.45 -21.33
N ASN C 41 14.82 -23.59 -21.57
CA ASN C 41 14.19 -24.90 -21.50
C ASN C 41 14.62 -25.59 -20.21
N ASP C 42 14.28 -26.88 -20.09
CA ASP C 42 14.59 -27.63 -18.88
C ASP C 42 16.10 -27.70 -18.66
N ASP C 43 16.87 -28.00 -19.71
CA ASP C 43 18.30 -28.20 -19.55
C ASP C 43 19.03 -26.88 -19.32
N LEU C 44 18.69 -25.84 -20.07
CA LEU C 44 19.34 -24.55 -19.86
C LEU C 44 18.98 -23.96 -18.52
N PHE C 45 17.81 -24.31 -17.97
CA PHE C 45 17.37 -23.74 -16.69
C PHE C 45 18.29 -24.14 -15.54
N ASP C 46 18.54 -25.45 -15.37
CA ASP C 46 19.37 -25.86 -14.25
C ASP C 46 20.84 -25.46 -14.44
N TRP C 47 21.27 -25.21 -15.68
CA TRP C 47 22.63 -24.73 -15.90
C TRP C 47 22.80 -23.31 -15.36
N ILE C 48 21.86 -22.41 -15.68
CA ILE C 48 21.92 -21.05 -15.19
C ILE C 48 21.62 -21.03 -13.69
N ASN C 49 21.10 -22.12 -13.15
CA ASN C 49 20.81 -22.26 -11.73
C ASN C 49 21.72 -23.30 -11.08
N ASP C 50 22.91 -23.50 -11.66
CA ASP C 50 23.85 -24.48 -11.16
C ASP C 50 24.77 -23.79 -10.14
N ALA C 51 24.65 -24.20 -8.87
CA ALA C 51 25.38 -23.56 -7.79
C ALA C 51 26.71 -24.22 -7.48
N GLU C 52 26.90 -25.48 -7.87
CA GLU C 52 28.17 -26.15 -7.62
C GLU C 52 29.21 -25.69 -8.64
N GLU C 53 30.48 -26.00 -8.34
CA GLU C 53 31.56 -25.53 -9.19
C GLU C 53 31.41 -26.07 -10.61
N GLY C 54 31.79 -25.26 -11.59
CA GLY C 54 31.45 -25.54 -12.96
C GLY C 54 30.14 -24.95 -13.41
N GLY C 55 29.41 -24.28 -12.52
CA GLY C 55 28.12 -23.73 -12.84
C GLY C 55 28.18 -22.23 -13.10
N TRP C 56 27.15 -21.74 -13.79
CA TRP C 56 27.08 -20.33 -14.15
C TRP C 56 27.08 -19.44 -12.91
N LEU C 57 26.25 -19.78 -11.92
CA LEU C 57 26.13 -18.92 -10.74
C LEU C 57 27.41 -18.94 -9.90
N ASN C 58 28.06 -20.08 -9.80
CA ASN C 58 29.30 -20.16 -9.04
C ASN C 58 30.35 -19.21 -9.58
N GLU C 59 30.46 -19.11 -10.91
CA GLU C 59 31.50 -18.29 -11.50
C GLU C 59 31.18 -16.80 -11.41
N LEU C 60 29.90 -16.43 -11.38
CA LEU C 60 29.55 -15.04 -11.17
C LEU C 60 29.80 -14.60 -9.73
N ALA C 61 29.57 -15.52 -8.77
CA ALA C 61 29.87 -15.22 -7.38
C ALA C 61 31.35 -14.93 -7.16
N LYS C 62 32.23 -15.59 -7.93
CA LYS C 62 33.66 -15.32 -7.81
C LYS C 62 33.96 -13.85 -8.03
N PHE C 63 33.24 -13.21 -8.95
CA PHE C 63 33.45 -11.81 -9.29
C PHE C 63 32.49 -10.88 -8.57
N SER C 64 31.81 -11.36 -7.52
CA SER C 64 30.85 -10.56 -6.76
C SER C 64 29.78 -9.97 -7.67
N ILE C 65 29.26 -10.81 -8.55
CA ILE C 65 28.23 -10.43 -9.53
C ILE C 65 26.96 -11.20 -9.22
N ASN C 66 25.86 -10.48 -9.05
CA ASN C 66 24.58 -11.10 -8.68
C ASN C 66 23.85 -11.53 -9.94
N PRO C 67 23.51 -12.82 -10.09
CA PRO C 67 22.80 -13.24 -11.30
C PRO C 67 21.40 -12.68 -11.40
N ASN C 68 20.78 -12.30 -10.29
CA ASN C 68 19.42 -11.80 -10.27
C ASN C 68 19.36 -10.28 -10.32
N ALA C 69 20.48 -9.61 -10.52
CA ALA C 69 20.51 -8.16 -10.54
C ALA C 69 19.84 -7.62 -11.80
N SER C 70 19.33 -6.39 -11.69
CA SER C 70 18.73 -5.72 -12.84
C SER C 70 19.79 -5.49 -13.92
N PHE C 71 19.31 -5.17 -15.13
CA PHE C 71 20.21 -4.95 -16.25
C PHE C 71 21.27 -3.90 -15.90
N PHE C 72 20.84 -2.77 -15.33
CA PHE C 72 21.75 -1.67 -15.08
C PHE C 72 22.78 -2.01 -14.01
N LEU C 73 22.33 -2.59 -12.89
CA LEU C 73 23.28 -2.79 -11.80
C LEU C 73 24.18 -3.99 -12.04
N LYS C 74 23.68 -5.03 -12.73
CA LYS C 74 24.58 -6.11 -13.13
C LYS C 74 25.67 -5.59 -14.06
N GLY C 75 25.34 -4.61 -14.91
CA GLY C 75 26.37 -3.98 -15.73
C GLY C 75 27.40 -3.25 -14.90
N MET C 76 26.95 -2.56 -13.85
CA MET C 76 27.88 -1.83 -12.99
C MET C 76 28.71 -2.76 -12.13
N GLN C 77 28.19 -3.94 -11.80
CA GLN C 77 29.00 -4.92 -11.07
C GLN C 77 30.08 -5.50 -11.97
N PHE C 78 29.76 -5.73 -13.24
CA PHE C 78 30.79 -6.11 -14.21
C PHE C 78 31.85 -5.03 -14.32
N ALA C 79 31.41 -3.76 -14.40
CA ALA C 79 32.34 -2.65 -14.49
C ALA C 79 33.25 -2.59 -13.28
N LYS C 80 32.71 -2.95 -12.10
CA LYS C 80 33.53 -2.97 -10.89
C LYS C 80 34.57 -4.07 -10.94
N ALA C 81 34.17 -5.27 -11.37
CA ALA C 81 35.13 -6.37 -11.44
C ALA C 81 36.20 -6.11 -12.48
N ILE C 82 35.82 -5.53 -13.63
CA ILE C 82 36.78 -5.25 -14.68
C ILE C 82 37.75 -4.16 -14.24
N THR C 83 37.27 -3.16 -13.49
CA THR C 83 38.14 -2.07 -13.06
C THR C 83 39.21 -2.52 -12.08
N GLU C 84 38.99 -3.64 -11.38
CA GLU C 84 40.01 -4.19 -10.50
C GLU C 84 41.23 -4.72 -11.27
N GLU C 85 41.12 -4.86 -12.59
CA GLU C 85 42.17 -5.46 -13.40
C GLU C 85 42.82 -4.48 -14.37
N ILE C 86 42.38 -3.23 -14.43
CA ILE C 86 42.93 -2.27 -15.38
C ILE C 86 44.18 -1.64 -14.77
N LYS C 87 45.28 -1.71 -15.50
CA LYS C 87 46.55 -1.14 -15.04
C LYS C 87 46.89 0.19 -15.69
N ASN C 88 46.49 0.42 -16.94
CA ASN C 88 46.71 1.71 -17.59
C ASN C 88 45.44 2.53 -17.45
N LYS C 89 45.53 3.61 -16.69
CA LYS C 89 44.36 4.39 -16.32
C LYS C 89 44.04 5.40 -17.41
N PRO C 90 42.81 5.41 -17.95
CA PRO C 90 42.50 6.32 -19.07
C PRO C 90 42.40 7.77 -18.66
N GLU C 91 42.15 8.65 -19.63
CA GLU C 91 41.93 10.06 -19.37
C GLU C 91 40.70 10.24 -18.49
N ILE C 92 40.91 10.64 -17.24
CA ILE C 92 39.82 10.73 -16.27
C ILE C 92 38.96 11.95 -16.60
N ASN C 93 37.71 11.70 -16.97
CA ASN C 93 36.71 12.75 -17.20
C ASN C 93 35.37 12.18 -16.73
N SER C 94 35.03 12.43 -15.47
CA SER C 94 33.79 11.86 -14.92
C SER C 94 32.59 12.73 -15.28
N SER C 95 32.70 14.05 -15.11
CA SER C 95 31.63 14.96 -15.43
C SER C 95 31.35 15.06 -16.93
N GLU C 96 32.22 14.54 -17.78
CA GLU C 96 32.09 14.68 -19.22
C GLU C 96 31.56 13.44 -19.92
N VAL C 97 31.22 12.39 -19.19
CA VAL C 97 30.79 11.13 -19.79
C VAL C 97 29.28 10.99 -19.63
N ASN C 98 28.64 10.39 -20.63
CA ASN C 98 27.22 10.12 -20.62
C ASN C 98 27.04 8.61 -20.44
N ILE C 99 26.44 8.23 -19.30
CA ILE C 99 26.38 6.82 -18.93
C ILE C 99 25.58 6.02 -19.95
N TYR C 100 24.55 6.62 -20.54
CA TYR C 100 23.76 5.91 -21.53
C TYR C 100 24.57 5.63 -22.79
N HIS C 101 25.41 6.58 -23.21
CA HIS C 101 26.24 6.34 -24.37
C HIS C 101 27.26 5.25 -24.10
N LEU C 102 27.84 5.22 -22.90
CA LEU C 102 28.78 4.16 -22.54
C LEU C 102 28.10 2.79 -22.54
N MET C 103 26.89 2.71 -21.97
CA MET C 103 26.17 1.44 -21.93
C MET C 103 25.80 0.96 -23.32
N GLN C 104 25.33 1.87 -24.17
CA GLN C 104 24.94 1.49 -25.53
C GLN C 104 26.11 0.91 -26.30
N GLU C 105 27.28 1.54 -26.21
CA GLU C 105 28.43 1.09 -26.95
C GLU C 105 29.03 -0.18 -26.35
N ARG C 106 28.92 -0.35 -25.03
CA ARG C 106 29.31 -1.62 -24.43
C ARG C 106 28.42 -2.76 -24.90
N ASP C 107 27.10 -2.53 -24.93
CA ASP C 107 26.17 -3.58 -25.34
C ASP C 107 26.36 -3.95 -26.80
N GLN C 108 26.76 -2.98 -27.63
CA GLN C 108 27.02 -3.28 -29.03
C GLN C 108 28.26 -4.15 -29.18
N LEU C 109 29.24 -3.98 -28.30
CA LEU C 109 30.41 -4.86 -28.29
C LEU C 109 30.01 -6.28 -27.94
N LEU C 110 29.22 -6.44 -26.86
CA LEU C 110 28.74 -7.75 -26.48
C LEU C 110 27.82 -8.36 -27.53
N LYS C 111 27.18 -7.52 -28.36
CA LYS C 111 26.20 -8.01 -29.32
C LYS C 111 26.87 -8.69 -30.50
N GLU C 112 27.96 -8.14 -31.00
CA GLU C 112 28.49 -8.62 -32.26
C GLU C 112 30.01 -8.48 -32.42
N VAL C 113 30.73 -7.98 -31.42
CA VAL C 113 32.16 -7.71 -31.57
C VAL C 113 32.95 -8.78 -30.80
N GLU C 114 34.02 -9.27 -31.43
CA GLU C 114 34.94 -10.21 -30.81
C GLU C 114 35.92 -9.46 -29.90
N PHE C 115 36.51 -10.20 -28.96
CA PHE C 115 37.37 -9.58 -27.97
C PHE C 115 38.61 -8.95 -28.58
N GLU C 116 39.11 -9.53 -29.67
CA GLU C 116 40.36 -9.04 -30.27
C GLU C 116 40.22 -7.63 -30.83
N LYS C 117 39.00 -7.24 -31.21
CA LYS C 117 38.78 -5.95 -31.85
C LYS C 117 38.37 -4.86 -30.87
N CYS C 118 38.20 -5.17 -29.59
CA CYS C 118 37.64 -4.19 -28.67
C CYS C 118 38.16 -4.33 -27.23
N ALA C 119 39.21 -5.12 -26.98
CA ALA C 119 39.64 -5.41 -25.62
C ALA C 119 39.88 -4.15 -24.80
N THR C 120 40.64 -3.19 -25.35
CA THR C 120 40.99 -2.00 -24.57
C THR C 120 39.80 -1.07 -24.43
N ARG C 121 39.05 -0.85 -25.53
CA ARG C 121 37.85 -0.01 -25.42
C ARG C 121 36.83 -0.64 -24.49
N TYR C 122 36.79 -1.98 -24.42
CA TYR C 122 35.91 -2.63 -23.45
C TYR C 122 36.36 -2.32 -22.02
N ALA C 123 37.66 -2.17 -21.81
CA ALA C 123 38.15 -1.84 -20.48
C ALA C 123 37.92 -0.36 -20.17
N GLU C 124 38.10 0.50 -21.17
CA GLU C 124 37.92 1.94 -20.95
C GLU C 124 36.47 2.26 -20.62
N ILE C 125 35.52 1.64 -21.33
CA ILE C 125 34.10 1.85 -21.05
C ILE C 125 33.77 1.42 -19.63
N ASN C 126 34.21 0.23 -19.24
CA ASN C 126 33.89 -0.27 -17.91
C ASN C 126 34.57 0.56 -16.83
N PHE C 127 35.78 1.05 -17.10
CA PHE C 127 36.43 1.97 -16.17
C PHE C 127 35.61 3.25 -16.01
N LEU C 128 35.15 3.81 -17.13
CA LEU C 128 34.38 5.05 -17.06
C LEU C 128 33.06 4.84 -16.34
N LEU C 129 32.38 3.70 -16.60
CA LEU C 129 31.17 3.37 -15.85
C LEU C 129 31.45 3.30 -14.36
N ASN C 130 32.50 2.58 -13.97
CA ASN C 130 32.85 2.47 -12.56
C ASN C 130 33.23 3.82 -11.96
N GLU C 131 33.86 4.68 -12.75
CA GLU C 131 34.22 6.00 -12.26
C GLU C 131 32.99 6.81 -11.88
N LEU C 132 31.91 6.68 -12.65
CA LEU C 132 30.67 7.35 -12.31
C LEU C 132 30.08 6.80 -11.01
N ALA C 133 30.17 5.48 -10.82
CA ALA C 133 29.66 4.87 -9.59
C ALA C 133 30.42 5.33 -8.36
N LEU C 134 31.66 5.79 -8.51
CA LEU C 134 32.48 6.20 -7.38
C LEU C 134 32.44 7.68 -7.09
N ASN C 135 32.37 8.53 -8.13
CA ASN C 135 32.52 9.96 -7.98
C ASN C 135 31.31 10.78 -8.41
N ASP C 136 30.33 10.18 -9.08
CA ASP C 136 29.10 10.87 -9.46
C ASP C 136 28.03 10.55 -8.42
N LYS C 137 27.54 11.58 -7.74
CA LYS C 137 26.61 11.34 -6.65
C LYS C 137 25.33 10.68 -7.13
N LYS C 138 24.80 11.14 -8.27
CA LYS C 138 23.59 10.53 -8.81
C LYS C 138 23.79 9.02 -9.06
N THR C 139 24.82 8.67 -9.83
CA THR C 139 25.07 7.27 -10.15
C THR C 139 25.37 6.44 -8.89
N LYS C 140 26.10 7.03 -7.93
CA LYS C 140 26.53 6.28 -6.76
C LYS C 140 25.34 5.83 -5.91
N GLU C 141 24.36 6.70 -5.70
CA GLU C 141 23.22 6.34 -4.86
C GLU C 141 22.27 5.39 -5.57
N ILE C 142 22.23 5.43 -6.91
CA ILE C 142 21.44 4.43 -7.64
C ILE C 142 22.02 3.04 -7.40
N VAL C 143 23.35 2.92 -7.48
CA VAL C 143 23.98 1.63 -7.24
C VAL C 143 23.79 1.21 -5.80
N GLU C 144 23.86 2.16 -4.86
CA GLU C 144 23.71 1.85 -3.45
C GLU C 144 22.27 1.46 -3.11
N ARG C 145 21.28 2.10 -3.73
CA ARG C 145 19.90 1.78 -3.43
C ARG C 145 19.53 0.40 -3.96
N GLN C 146 19.88 0.14 -5.21
CA GLN C 146 19.56 -1.16 -5.81
C GLN C 146 20.34 -2.29 -5.13
N THR C 147 21.59 -2.03 -4.76
CA THR C 147 22.36 -3.04 -4.04
C THR C 147 21.71 -3.38 -2.71
N GLU C 148 21.22 -2.37 -1.99
CA GLU C 148 20.60 -2.62 -0.70
C GLU C 148 19.29 -3.37 -0.86
N ILE C 149 18.43 -2.90 -1.78
CA ILE C 149 17.14 -3.56 -2.03
C ILE C 149 17.35 -5.00 -2.48
N LEU C 150 18.28 -5.20 -3.42
CA LEU C 150 18.61 -6.56 -3.84
C LEU C 150 19.08 -7.39 -2.65
N ARG C 151 19.72 -6.75 -1.67
CA ARG C 151 20.17 -7.53 -0.52
C ARG C 151 19.01 -7.85 0.42
N LEU C 152 18.01 -6.95 0.56
CA LEU C 152 16.98 -7.29 1.56
C LEU C 152 15.88 -8.17 0.98
N VAL C 153 15.82 -8.36 -0.35
CA VAL C 153 14.82 -9.27 -0.92
C VAL C 153 15.44 -10.61 -1.31
N ALA C 154 16.72 -10.83 -1.03
CA ALA C 154 17.32 -12.13 -1.25
C ALA C 154 16.56 -13.24 -0.56
N PRO C 155 16.17 -13.14 0.72
CA PRO C 155 15.38 -14.23 1.32
C PRO C 155 14.05 -14.45 0.63
N LYS C 156 13.34 -13.37 0.29
CA LYS C 156 12.07 -13.51 -0.41
C LYS C 156 12.24 -14.08 -1.81
N ILE C 157 13.35 -13.71 -2.48
CA ILE C 157 13.57 -14.15 -3.86
C ILE C 157 13.68 -15.67 -3.93
N LYS C 158 14.48 -16.26 -3.04
CA LYS C 158 14.55 -17.71 -3.03
C LYS C 158 13.29 -18.33 -2.43
N ALA C 159 12.63 -17.63 -1.50
CA ALA C 159 11.37 -18.12 -0.97
C ALA C 159 10.28 -18.13 -2.04
N ILE C 160 10.25 -17.11 -2.89
CA ILE C 160 9.32 -17.12 -4.01
C ILE C 160 9.62 -18.29 -4.94
N LYS C 161 10.89 -18.43 -5.32
CA LYS C 161 11.28 -19.58 -6.13
C LYS C 161 11.16 -20.88 -5.35
N GLY C 162 11.40 -20.85 -4.04
CA GLY C 162 11.27 -22.03 -3.22
C GLY C 162 9.90 -22.38 -2.70
N GLU C 163 8.87 -21.60 -3.01
CA GLU C 163 7.53 -21.93 -2.54
C GLU C 163 6.86 -22.87 -3.53
N SER C 164 5.95 -23.69 -3.02
CA SER C 164 5.31 -24.72 -3.84
C SER C 164 4.63 -24.12 -5.07
N ILE C 165 4.58 -24.92 -6.13
CA ILE C 165 4.02 -24.48 -7.40
C ILE C 165 2.51 -24.71 -7.46
N ASP C 166 2.01 -25.72 -6.73
CA ASP C 166 0.57 -25.94 -6.65
C ASP C 166 -0.17 -24.79 -5.98
N ASN C 167 0.49 -24.07 -5.06
CA ASN C 167 -0.19 -22.97 -4.37
C ASN C 167 0.00 -21.61 -5.05
N LEU C 168 0.82 -21.51 -6.05
CA LEU C 168 1.06 -20.27 -6.78
C LEU C 168 0.21 -20.21 -8.04
N PRO C 169 -0.14 -19.02 -8.52
CA PRO C 169 -1.18 -18.92 -9.54
C PRO C 169 -0.71 -19.50 -10.87
N VAL C 170 -1.70 -19.82 -11.72
CA VAL C 170 -1.44 -20.39 -13.03
C VAL C 170 -1.49 -19.28 -14.07
N ILE C 171 -0.45 -19.22 -14.90
CA ILE C 171 -0.29 -18.20 -15.93
C ILE C 171 -0.57 -18.84 -17.28
N PRO C 172 -1.64 -18.44 -17.99
CA PRO C 172 -1.93 -18.97 -19.32
C PRO C 172 -1.09 -18.33 -20.41
N ASN C 185 -1.20 -9.06 -16.54
CA ASN C 185 -2.29 -9.33 -15.60
C ASN C 185 -1.73 -9.74 -14.25
N PHE C 186 -0.47 -10.16 -14.23
CA PHE C 186 0.08 -10.83 -13.05
C PHE C 186 1.09 -9.98 -12.30
N ASN C 187 0.65 -8.84 -11.78
CA ASN C 187 1.46 -7.98 -10.93
C ASN C 187 1.01 -8.18 -9.49
N PHE C 188 1.98 -8.42 -8.60
CA PHE C 188 1.67 -8.69 -7.19
C PHE C 188 2.41 -7.72 -6.28
N LYS C 189 1.64 -6.94 -5.51
CA LYS C 189 2.20 -6.06 -4.50
C LYS C 189 2.74 -6.86 -3.32
N PHE C 190 3.77 -6.33 -2.67
CA PHE C 190 4.26 -6.92 -1.42
C PHE C 190 5.08 -5.88 -0.68
N THR C 191 5.27 -6.12 0.61
CA THR C 191 6.12 -5.26 1.44
C THR C 191 7.35 -6.05 1.88
N MET C 192 8.45 -5.32 2.07
CA MET C 192 9.73 -5.91 2.46
C MET C 192 10.06 -5.60 3.91
N SER C 193 10.74 -6.56 4.55
CA SER C 193 11.16 -6.42 5.94
C SER C 193 11.81 -5.06 6.20
N GLY C 194 12.88 -4.75 5.46
CA GLY C 194 13.64 -3.53 5.65
C GLY C 194 13.25 -2.34 4.82
N TRP C 195 12.25 -2.45 3.95
CA TRP C 195 11.82 -1.36 3.08
C TRP C 195 10.34 -1.09 3.30
N GLU C 196 10.03 0.13 3.76
CA GLU C 196 8.63 0.48 4.02
C GLU C 196 7.86 0.69 2.73
N ALA C 197 8.53 1.14 1.67
CA ALA C 197 7.86 1.33 0.39
C ALA C 197 7.52 -0.03 -0.21
N PRO C 198 6.35 -0.17 -0.84
CA PRO C 198 5.97 -1.46 -1.40
C PRO C 198 6.58 -1.70 -2.77
N PHE C 199 6.85 -2.97 -3.05
CA PHE C 199 7.39 -3.43 -4.32
C PHE C 199 6.33 -4.27 -5.05
N VAL C 200 6.65 -4.63 -6.29
CA VAL C 200 5.76 -5.44 -7.10
C VAL C 200 6.57 -6.48 -7.85
N PHE C 201 6.07 -7.71 -7.86
CA PHE C 201 6.56 -8.74 -8.76
C PHE C 201 5.62 -8.83 -9.95
N ARG C 202 6.18 -8.94 -11.13
CA ARG C 202 5.41 -9.10 -12.35
C ARG C 202 5.93 -10.29 -13.11
N VAL C 203 5.03 -11.04 -13.75
CA VAL C 203 5.40 -12.23 -14.50
C VAL C 203 5.41 -11.85 -15.97
N GLU C 204 6.59 -11.89 -16.56
CA GLU C 204 6.86 -11.46 -17.94
C GLU C 204 7.00 -12.66 -18.86
N ASP C 205 6.91 -12.38 -20.17
CA ASP C 205 7.09 -13.36 -21.23
C ASP C 205 8.56 -13.43 -21.65
N ARG C 206 8.87 -14.42 -22.51
CA ARG C 206 10.25 -14.64 -22.94
C ARG C 206 10.76 -13.56 -23.90
N HIS C 207 9.87 -12.78 -24.50
CA HIS C 207 10.26 -11.74 -25.44
C HIS C 207 10.06 -10.36 -24.85
N GLU C 208 9.60 -10.28 -23.61
CA GLU C 208 9.51 -9.02 -22.88
C GLU C 208 10.82 -8.64 -22.20
N LEU C 209 11.74 -9.58 -22.00
CA LEU C 209 12.98 -9.34 -21.27
C LEU C 209 14.16 -9.05 -22.18
N GLY C 210 14.26 -9.73 -23.32
CA GLY C 210 15.31 -9.39 -24.28
C GLY C 210 15.16 -7.97 -24.80
N LYS C 211 13.92 -7.52 -24.98
CA LYS C 211 13.67 -6.17 -25.48
C LYS C 211 13.97 -5.12 -24.40
N GLU C 212 13.57 -5.40 -23.15
CA GLU C 212 13.90 -4.50 -22.05
C GLU C 212 15.40 -4.26 -21.96
N GLN C 213 16.20 -5.25 -22.34
CA GLN C 213 17.65 -5.18 -22.17
C GLN C 213 18.27 -4.20 -23.16
N GLU C 214 17.73 -4.12 -24.38
CA GLU C 214 18.23 -3.12 -25.32
C GLU C 214 17.86 -1.71 -24.89
N LEU C 215 16.63 -1.55 -24.37
CA LEU C 215 16.12 -0.23 -24.04
C LEU C 215 16.72 0.33 -22.77
N HIS C 216 17.18 -0.52 -21.85
CA HIS C 216 17.68 -0.02 -20.58
CA HIS C 216 17.70 -0.06 -20.57
C HIS C 216 18.98 0.77 -20.70
N SER C 217 19.61 0.76 -21.87
CA SER C 217 20.82 1.52 -22.11
C SER C 217 20.56 2.85 -22.81
N TYR C 218 19.29 3.20 -23.01
CA TYR C 218 18.90 4.42 -23.69
C TYR C 218 18.32 5.42 -22.70
N GLY C 219 18.40 6.71 -23.06
CA GLY C 219 17.91 7.76 -22.19
C GLY C 219 16.42 7.63 -21.88
N VAL C 220 15.64 7.03 -22.77
CA VAL C 220 14.21 6.87 -22.55
C VAL C 220 13.93 6.06 -21.29
N SER C 221 14.91 5.27 -20.82
CA SER C 221 14.70 4.45 -19.65
C SER C 221 14.45 5.26 -18.39
N LYS C 222 14.68 6.58 -18.43
CA LYS C 222 14.29 7.43 -17.30
C LYS C 222 12.80 7.30 -17.00
N TYR C 223 11.98 7.03 -18.02
CA TYR C 223 10.55 6.86 -17.86
C TYR C 223 10.14 5.42 -17.57
N PHE C 224 11.10 4.54 -17.31
CA PHE C 224 10.82 3.16 -16.95
C PHE C 224 10.74 3.03 -15.44
N ILE C 225 9.77 2.24 -14.96
CA ILE C 225 9.76 1.89 -13.54
C ILE C 225 11.09 1.24 -13.20
N GLU C 226 11.65 1.63 -12.06
CA GLU C 226 12.95 1.11 -11.66
C GLU C 226 12.82 -0.38 -11.39
N ASP C 227 13.61 -1.19 -12.08
CA ASP C 227 13.66 -2.62 -11.85
C ASP C 227 14.82 -2.93 -10.90
N TYR C 228 14.55 -3.78 -9.92
CA TYR C 228 15.55 -4.13 -8.92
C TYR C 228 16.09 -5.55 -9.04
N SER C 229 15.32 -6.46 -9.63
CA SER C 229 15.76 -7.84 -9.75
C SER C 229 14.98 -8.53 -10.85
N VAL C 230 15.63 -9.49 -11.50
CA VAL C 230 15.01 -10.30 -12.54
C VAL C 230 15.58 -11.70 -12.45
N PHE C 231 14.71 -12.71 -12.53
CA PHE C 231 15.13 -14.11 -12.50
C PHE C 231 14.01 -14.97 -13.04
N MET C 232 14.38 -16.09 -13.67
CA MET C 232 13.41 -17.02 -14.20
C MET C 232 12.91 -17.95 -13.10
N MET C 233 11.63 -18.32 -13.17
CA MET C 233 11.03 -19.19 -12.18
C MET C 233 10.04 -20.11 -12.88
N ARG C 234 9.87 -21.31 -12.32
CA ARG C 234 8.95 -22.29 -12.87
C ARG C 234 7.52 -21.98 -12.40
N PHE C 235 6.58 -22.02 -13.34
CA PHE C 235 5.16 -21.83 -13.05
C PHE C 235 4.37 -22.97 -13.65
N LYS C 236 3.11 -23.08 -13.24
CA LYS C 236 2.16 -24.01 -13.82
C LYS C 236 1.36 -23.29 -14.90
N ALA C 237 1.16 -23.95 -16.03
CA ALA C 237 0.52 -23.32 -17.18
C ALA C 237 -0.99 -23.58 -17.14
N GLU C 238 -1.69 -23.17 -18.20
CA GLU C 238 -3.11 -23.46 -18.29
C GLU C 238 -3.37 -24.95 -18.44
N ASP C 239 -2.49 -25.66 -19.15
CA ASP C 239 -2.64 -27.11 -19.33
C ASP C 239 -2.22 -27.90 -18.10
N GLY C 240 -1.48 -27.29 -17.17
CA GLY C 240 -0.94 -27.99 -16.02
C GLY C 240 0.53 -28.32 -16.12
N SER C 241 1.12 -28.21 -17.31
CA SER C 241 2.56 -28.43 -17.44
C SER C 241 3.33 -27.25 -16.87
N THR C 242 4.62 -27.44 -16.69
CA THR C 242 5.48 -26.40 -16.12
C THR C 242 5.96 -25.47 -17.23
N VAL C 243 5.81 -24.17 -17.00
CA VAL C 243 6.29 -23.16 -17.93
C VAL C 243 7.30 -22.27 -17.21
N TYR C 244 8.18 -21.65 -17.99
CA TYR C 244 9.28 -20.86 -17.46
C TYR C 244 9.12 -19.43 -17.93
N LYS C 245 8.93 -18.51 -16.99
CA LYS C 245 8.72 -17.11 -17.29
C LYS C 245 9.68 -16.26 -16.45
N PRO C 246 10.16 -15.14 -17.01
CA PRO C 246 10.92 -14.20 -16.20
C PRO C 246 9.99 -13.42 -15.28
N VAL C 247 10.39 -13.28 -14.03
CA VAL C 247 9.68 -12.44 -13.07
C VAL C 247 10.62 -11.31 -12.64
N ILE C 248 10.10 -10.09 -12.65
CA ILE C 248 10.90 -8.89 -12.43
C ILE C 248 10.39 -8.20 -11.18
N LEU C 249 11.30 -7.87 -10.28
CA LEU C 249 10.98 -7.10 -9.09
C LEU C 249 11.19 -5.62 -9.40
N SER C 250 10.20 -4.80 -9.07
CA SER C 250 10.27 -3.39 -9.42
C SER C 250 9.42 -2.58 -8.46
N GLN C 251 9.55 -1.26 -8.56
CA GLN C 251 8.84 -0.38 -7.65
C GLN C 251 7.35 -0.35 -7.95
N PHE C 252 6.56 -0.16 -6.90
CA PHE C 252 5.12 -0.03 -7.00
C PHE C 252 4.74 1.41 -7.29
N ALA C 253 4.03 1.64 -8.39
CA ALA C 253 3.50 2.98 -8.69
C ALA C 253 2.31 3.26 -7.76
N ASN C 254 2.45 4.27 -6.89
CA ASN C 254 1.48 4.42 -5.81
C ASN C 254 0.19 5.11 -6.24
N GLN C 255 0.07 5.55 -7.49
CA GLN C 255 -1.12 6.23 -7.96
C GLN C 255 -1.72 5.55 -9.18
N ASN C 256 -1.47 4.24 -9.34
CA ASN C 256 -2.03 3.43 -10.42
C ASN C 256 -1.60 4.02 -11.75
N ASN C 257 -2.51 4.42 -12.63
CA ASN C 257 -2.18 4.85 -13.98
C ASN C 257 -2.87 6.18 -14.29
N LEU C 258 -2.60 6.70 -15.49
CA LEU C 258 -3.11 8.01 -15.87
C LEU C 258 -4.62 8.02 -16.04
N GLU C 259 -5.21 6.91 -16.50
CA GLU C 259 -6.66 6.85 -16.63
C GLU C 259 -7.34 7.09 -15.29
N GLU C 260 -6.82 6.45 -14.23
CA GLU C 260 -7.38 6.65 -12.90
C GLU C 260 -7.10 8.06 -12.38
N ILE C 261 -5.98 8.66 -12.79
CA ILE C 261 -5.69 10.03 -12.36
C ILE C 261 -6.72 10.99 -12.94
N ALA C 262 -7.13 10.78 -14.20
CA ALA C 262 -8.10 11.66 -14.82
C ALA C 262 -9.46 11.57 -14.12
N LYS C 263 -9.87 10.37 -13.71
CA LYS C 263 -11.16 10.24 -13.07
C LYS C 263 -11.16 10.85 -11.68
N GLN C 264 -10.01 10.91 -11.02
CA GLN C 264 -9.94 11.57 -9.72
C GLN C 264 -10.06 13.08 -9.84
N LEU C 265 -9.76 13.65 -11.00
CA LEU C 265 -9.88 15.08 -11.21
C LEU C 265 -11.33 15.53 -11.32
N LYS C 266 -12.26 14.58 -11.55
CA LYS C 266 -13.68 14.90 -11.62
C LYS C 266 -14.16 15.57 -10.34
N ASP C 267 -13.61 15.18 -9.19
CA ASP C 267 -14.02 15.69 -7.88
C ASP C 267 -12.97 16.59 -7.25
N GLY C 268 -12.23 17.33 -8.07
CA GLY C 268 -11.31 18.33 -7.56
C GLY C 268 -11.67 19.70 -8.08
N SER C 269 -10.82 20.70 -7.84
CA SER C 269 -11.08 22.03 -8.36
C SER C 269 -11.01 22.01 -9.88
N PRO C 270 -11.98 22.60 -10.58
CA PRO C 270 -11.96 22.55 -12.05
C PRO C 270 -10.80 23.31 -12.66
N LYS C 271 -10.32 24.37 -11.99
CA LYS C 271 -9.21 25.13 -12.54
C LYS C 271 -7.91 24.35 -12.54
N ASN C 272 -7.84 23.21 -11.86
CA ASN C 272 -6.62 22.41 -11.81
C ASN C 272 -6.49 21.43 -12.97
N ILE C 273 -7.58 21.18 -13.71
CA ILE C 273 -7.57 20.12 -14.73
C ILE C 273 -6.55 20.43 -15.83
N ALA C 274 -6.70 21.57 -16.47
CA ALA C 274 -5.82 21.89 -17.59
C ALA C 274 -4.35 22.01 -17.21
N PRO C 275 -3.97 22.67 -16.11
CA PRO C 275 -2.53 22.69 -15.76
C PRO C 275 -1.98 21.31 -15.41
N ARG C 276 -2.77 20.45 -14.78
CA ARG C 276 -2.27 19.11 -14.46
C ARG C 276 -2.15 18.26 -15.70
N ILE C 277 -3.08 18.43 -16.65
CA ILE C 277 -2.95 17.78 -17.95
C ILE C 277 -1.65 18.22 -18.62
N GLY C 278 -1.34 19.51 -18.55
CA GLY C 278 -0.07 19.98 -19.10
C GLY C 278 1.11 19.28 -18.47
N TYR C 279 1.10 19.17 -17.13
CA TYR C 279 2.21 18.54 -16.42
C TYR C 279 2.37 17.07 -16.83
N TYR C 280 1.27 16.34 -16.95
CA TYR C 280 1.37 14.92 -17.29
C TYR C 280 1.80 14.72 -18.74
N PHE C 281 1.24 15.51 -19.66
CA PHE C 281 1.52 15.29 -21.07
C PHE C 281 2.85 15.86 -21.51
N VAL C 282 3.43 16.79 -20.74
CA VAL C 282 4.82 17.17 -20.98
C VAL C 282 5.74 15.96 -20.80
N GLN C 283 5.38 15.05 -19.90
CA GLN C 283 6.15 13.82 -19.74
C GLN C 283 5.87 12.83 -20.87
N LEU C 284 4.60 12.66 -21.23
CA LEU C 284 4.25 11.75 -22.32
C LEU C 284 4.93 12.14 -23.62
N THR C 285 4.88 13.43 -23.98
CA THR C 285 5.49 13.85 -25.24
C THR C 285 7.01 13.69 -25.19
N ASP C 286 7.63 14.02 -24.06
CA ASP C 286 9.07 13.83 -23.96
C ASP C 286 9.44 12.36 -24.04
N PHE C 287 8.64 11.48 -23.42
CA PHE C 287 8.90 10.05 -23.54
C PHE C 287 8.76 9.59 -25.00
N CYS C 288 7.71 10.04 -25.68
CA CYS C 288 7.47 9.62 -27.06
C CYS C 288 8.61 10.06 -27.97
N LEU C 289 8.98 11.34 -27.88
CA LEU C 289 10.07 11.85 -28.71
C LEU C 289 11.39 11.14 -28.40
N LYS C 290 11.65 10.86 -27.12
CA LYS C 290 12.88 10.16 -26.76
C LYS C 290 12.84 8.70 -27.21
N LEU C 291 11.68 8.05 -27.12
CA LEU C 291 11.57 6.69 -27.63
C LEU C 291 11.80 6.65 -29.14
N ILE C 292 11.26 7.63 -29.86
CA ILE C 292 11.46 7.70 -31.30
C ILE C 292 12.94 7.93 -31.62
N GLU C 293 13.66 8.64 -30.74
CA GLU C 293 15.08 8.89 -30.96
C GLU C 293 15.89 7.59 -30.98
N THR C 294 15.44 6.58 -30.24
CA THR C 294 16.13 5.28 -30.25
C THR C 294 15.68 4.38 -31.38
N HIS C 295 14.92 4.92 -32.35
CA HIS C 295 14.29 4.12 -33.40
C HIS C 295 13.42 3.01 -32.81
N ASN C 296 12.69 3.36 -31.75
CA ASN C 296 11.71 2.49 -31.15
C ASN C 296 10.36 3.20 -31.13
N TYR C 297 9.29 2.42 -31.14
CA TYR C 297 7.96 2.99 -31.29
C TYR C 297 7.00 2.24 -30.38
N HIS C 298 5.98 2.96 -29.90
CA HIS C 298 5.03 2.41 -28.94
C HIS C 298 3.65 2.34 -29.57
N PRO C 299 3.21 1.16 -30.02
CA PRO C 299 1.93 1.05 -30.72
C PRO C 299 0.72 0.89 -29.81
N ASP C 300 0.91 0.85 -28.49
CA ASP C 300 -0.22 0.69 -27.59
C ASP C 300 -0.29 1.83 -26.59
N ILE C 301 -0.26 3.07 -27.08
CA ILE C 301 -0.33 4.24 -26.20
C ILE C 301 -1.76 4.41 -25.73
N LYS C 302 -1.96 4.38 -24.41
CA LYS C 302 -3.25 4.65 -23.81
C LYS C 302 -3.02 4.97 -22.34
N LEU C 303 -3.97 5.71 -21.76
CA LEU C 303 -3.77 6.25 -20.40
C LEU C 303 -3.43 5.17 -19.39
N ASN C 304 -4.13 4.04 -19.43
CA ASN C 304 -3.91 3.00 -18.43
C ASN C 304 -2.63 2.21 -18.65
N ASN C 305 -1.93 2.44 -19.77
CA ASN C 305 -0.62 1.83 -20.01
C ASN C 305 0.52 2.67 -19.48
N PHE C 306 0.23 3.78 -18.80
CA PHE C 306 1.24 4.65 -18.22
C PHE C 306 1.00 4.72 -16.72
N LEU C 307 1.93 4.16 -15.94
CA LEU C 307 1.80 4.22 -14.49
C LEU C 307 2.15 5.61 -14.00
N VAL C 308 1.65 5.93 -12.81
CA VAL C 308 1.93 7.20 -12.15
C VAL C 308 2.36 6.90 -10.72
N HIS C 309 3.51 7.46 -10.32
CA HIS C 309 4.04 7.29 -8.97
C HIS C 309 4.54 8.64 -8.50
N ASN C 310 3.92 9.18 -7.45
CA ASN C 310 4.20 10.53 -6.96
C ASN C 310 4.09 11.53 -8.11
N ASN C 311 3.03 11.37 -8.90
CA ASN C 311 2.73 12.21 -10.06
C ASN C 311 3.82 12.17 -11.12
N ARG C 312 4.57 11.07 -11.21
CA ARG C 312 5.56 10.89 -12.26
C ARG C 312 5.03 9.81 -13.20
N VAL C 313 4.93 10.16 -14.48
CA VAL C 313 4.48 9.19 -15.47
C VAL C 313 5.60 8.21 -15.75
N LEU C 314 5.30 6.92 -15.63
CA LEU C 314 6.29 5.86 -15.82
C LEU C 314 5.66 4.75 -16.65
N VAL C 315 6.53 3.92 -17.23
CA VAL C 315 6.10 2.83 -18.10
C VAL C 315 6.68 1.53 -17.58
N SER C 316 5.84 0.49 -17.55
CA SER C 316 6.29 -0.86 -17.26
C SER C 316 5.96 -1.85 -18.36
N ASP C 317 4.94 -1.58 -19.18
CA ASP C 317 4.55 -2.45 -20.28
C ASP C 317 5.32 -2.04 -21.52
N ARG C 318 6.39 -2.77 -21.82
CA ARG C 318 7.20 -2.54 -23.02
C ARG C 318 7.17 -3.74 -23.97
N LYS C 319 6.27 -4.69 -23.74
CA LYS C 319 6.17 -5.87 -24.61
C LYS C 319 5.85 -5.50 -26.04
N THR C 320 5.19 -4.38 -26.28
CA THR C 320 4.74 -4.04 -27.62
C THR C 320 5.69 -3.13 -28.38
N PHE C 321 6.75 -2.63 -27.74
CA PHE C 321 7.66 -1.73 -28.43
C PHE C 321 8.26 -2.43 -29.64
N THR C 322 8.43 -1.68 -30.72
CA THR C 322 9.03 -2.21 -31.94
C THR C 322 10.06 -1.22 -32.46
N THR C 323 11.07 -1.76 -33.14
CA THR C 323 12.05 -0.95 -33.86
C THR C 323 11.59 -0.65 -35.28
N ASN C 324 10.46 -1.20 -35.71
CA ASN C 324 9.97 -1.06 -37.07
C ASN C 324 9.11 0.20 -37.16
N ASP C 325 9.56 1.18 -37.93
CA ASP C 325 8.78 2.40 -38.11
C ASP C 325 7.66 2.25 -39.11
N ASN C 326 7.70 1.23 -39.97
CA ASN C 326 6.67 0.99 -40.98
C ASN C 326 6.23 -0.47 -40.98
N PRO C 327 5.61 -0.93 -39.89
CA PRO C 327 5.18 -2.33 -39.81
C PRO C 327 3.77 -2.53 -40.35
N LEU C 328 3.46 -3.79 -40.61
CA LEU C 328 2.10 -4.17 -40.99
C LEU C 328 1.24 -4.35 -39.74
N ALA C 329 -0.08 -4.41 -39.96
CA ALA C 329 -1.01 -4.47 -38.84
C ALA C 329 -0.88 -5.77 -38.04
N SER C 330 -0.48 -6.85 -38.70
CA SER C 330 -0.33 -8.14 -38.03
C SER C 330 0.93 -8.23 -37.19
N GLU C 331 1.84 -7.26 -37.29
CA GLU C 331 3.09 -7.23 -36.55
C GLU C 331 3.04 -6.25 -35.38
N ILE C 332 1.86 -5.80 -34.98
CA ILE C 332 1.69 -4.75 -33.98
C ILE C 332 0.60 -5.20 -33.03
N LEU C 333 0.81 -4.91 -31.74
CA LEU C 333 -0.18 -5.09 -30.67
C LEU C 333 -0.69 -3.70 -30.27
N THR C 334 -2.01 -3.44 -30.36
CA THR C 334 -2.61 -2.13 -29.99
C THR C 334 -4.04 -2.35 -29.48
N SER C 335 -4.62 -1.33 -28.83
CA SER C 335 -5.98 -1.49 -28.36
C SER C 335 -6.92 -0.86 -29.37
N PRO C 336 -7.84 -1.63 -29.97
CA PRO C 336 -8.65 -1.09 -31.07
C PRO C 336 -9.43 0.16 -30.70
N LEU C 337 -9.80 0.32 -29.43
CA LEU C 337 -10.57 1.51 -29.04
C LEU C 337 -9.78 2.78 -29.28
N PHE C 338 -8.45 2.74 -29.15
CA PHE C 338 -7.61 3.93 -29.32
C PHE C 338 -6.77 3.89 -30.59
N ALA C 339 -6.86 2.83 -31.37
CA ALA C 339 -6.04 2.71 -32.56
C ALA C 339 -6.55 3.62 -33.67
N PRO C 340 -5.66 4.14 -34.50
CA PRO C 340 -6.11 4.94 -35.66
C PRO C 340 -6.85 4.08 -36.66
N ASP C 341 -7.62 4.75 -37.52
CA ASP C 341 -8.51 4.06 -38.44
C ASP C 341 -7.73 3.25 -39.47
N GLU C 342 -6.51 3.65 -39.79
CA GLU C 342 -5.67 2.85 -40.69
C GLU C 342 -5.44 1.46 -40.13
N PHE C 343 -5.42 1.32 -38.81
CA PHE C 343 -5.30 0.01 -38.19
C PHE C 343 -6.62 -0.74 -38.20
N LEU C 344 -7.71 -0.06 -37.85
CA LEU C 344 -9.00 -0.73 -37.76
C LEU C 344 -9.46 -1.26 -39.11
N LYS C 345 -9.02 -0.64 -40.19
CA LYS C 345 -9.41 -1.10 -41.52
C LYS C 345 -8.69 -2.40 -41.92
N CYS C 346 -7.80 -2.91 -41.07
CA CYS C 346 -7.14 -4.18 -41.30
C CYS C 346 -7.74 -5.33 -40.51
N LEU C 347 -8.79 -5.07 -39.74
CA LEU C 347 -9.45 -6.09 -38.94
C LEU C 347 -10.86 -6.33 -39.47
N LEU C 348 -11.40 -7.51 -39.19
CA LEU C 348 -12.84 -7.67 -39.29
C LEU C 348 -13.46 -7.77 -37.90
N PHE C 349 -14.72 -7.37 -37.83
CA PHE C 349 -15.48 -7.29 -36.60
C PHE C 349 -16.80 -8.03 -36.81
N ASN C 350 -17.31 -8.62 -35.73
CA ASN C 350 -18.55 -9.38 -35.80
C ASN C 350 -19.75 -8.43 -35.80
N LYS C 351 -20.94 -9.00 -35.61
CA LYS C 351 -22.15 -8.17 -35.52
C LYS C 351 -22.08 -7.21 -34.33
N GLU C 352 -21.64 -7.69 -33.17
CA GLU C 352 -21.59 -6.85 -31.99
C GLU C 352 -20.44 -5.84 -32.03
N GLY C 353 -19.52 -5.97 -32.98
CA GLY C 353 -18.48 -4.99 -33.17
C GLY C 353 -17.22 -5.27 -32.36
N ASP C 354 -16.85 -6.54 -32.26
CA ASP C 354 -15.62 -6.96 -31.59
C ASP C 354 -14.61 -7.44 -32.61
N PRO C 355 -13.34 -7.08 -32.45
CA PRO C 355 -12.31 -7.56 -33.39
C PRO C 355 -12.18 -9.07 -33.35
N VAL C 356 -12.20 -9.69 -34.52
CA VAL C 356 -12.11 -11.14 -34.62
C VAL C 356 -10.95 -11.62 -35.48
N GLY C 357 -10.21 -10.73 -36.13
CA GLY C 357 -9.10 -11.17 -36.96
C GLY C 357 -8.60 -10.06 -37.85
N TYR C 358 -7.81 -10.44 -38.85
CA TYR C 358 -7.26 -9.52 -39.84
C TYR C 358 -7.89 -9.82 -41.20
N ASN C 359 -8.00 -8.78 -42.03
CA ASN C 359 -8.50 -8.96 -43.39
C ASN C 359 -7.34 -8.87 -44.40
N ARG C 360 -7.70 -8.85 -45.69
CA ARG C 360 -6.71 -8.77 -46.77
C ARG C 360 -5.73 -7.63 -46.57
N ASN C 361 -6.23 -6.49 -46.07
CA ASN C 361 -5.39 -5.30 -45.95
C ASN C 361 -4.17 -5.54 -45.06
N ALA C 362 -4.30 -6.43 -44.07
CA ALA C 362 -3.21 -6.65 -43.13
C ALA C 362 -1.97 -7.24 -43.81
N LEU C 363 -2.13 -7.77 -45.02
CA LEU C 363 -1.02 -8.38 -45.74
C LEU C 363 -0.13 -7.38 -46.46
N TRP C 364 -0.54 -6.11 -46.56
CA TRP C 364 0.24 -5.11 -47.29
C TRP C 364 0.22 -3.72 -46.68
N LYS C 365 -0.82 -3.30 -45.97
CA LYS C 365 -0.88 -1.93 -45.46
C LYS C 365 0.05 -1.76 -44.26
N ARG C 366 0.85 -0.71 -44.30
CA ARG C 366 1.83 -0.41 -43.27
C ARG C 366 1.42 0.83 -42.49
N MET C 367 1.89 0.91 -41.25
CA MET C 367 1.64 2.04 -40.37
C MET C 367 2.87 2.94 -40.31
N ASN C 368 2.64 4.25 -40.35
CA ASN C 368 3.70 5.19 -40.02
C ASN C 368 3.69 5.37 -38.51
N MET C 369 4.65 4.73 -37.84
CA MET C 369 4.64 4.69 -36.38
C MET C 369 4.64 6.08 -35.73
N PRO C 370 5.46 7.05 -36.15
CA PRO C 370 5.34 8.39 -35.54
C PRO C 370 3.95 8.99 -35.69
N GLN C 371 3.35 8.92 -36.88
CA GLN C 371 1.99 9.41 -37.08
C GLN C 371 0.98 8.52 -36.35
N PHE C 372 1.25 7.22 -36.28
CA PHE C 372 0.42 6.32 -35.45
C PHE C 372 0.40 6.80 -34.01
N MET C 373 1.57 7.12 -33.45
CA MET C 373 1.67 7.52 -32.06
C MET C 373 0.98 8.86 -31.82
N ALA C 374 1.09 9.78 -32.77
CA ALA C 374 0.42 11.08 -32.62
C ALA C 374 -1.08 10.90 -32.46
N TYR C 375 -1.68 10.01 -33.26
CA TYR C 375 -3.11 9.75 -33.11
C TYR C 375 -3.41 9.23 -31.71
N GLN C 376 -2.68 8.20 -31.28
CA GLN C 376 -2.94 7.59 -29.98
C GLN C 376 -2.72 8.58 -28.85
N LEU C 377 -1.69 9.43 -28.96
CA LEU C 377 -1.49 10.47 -27.98
C LEU C 377 -2.66 11.44 -27.99
N GLY C 378 -3.23 11.70 -29.17
CA GLY C 378 -4.41 12.54 -29.23
C GLY C 378 -5.61 11.92 -28.54
N MET C 379 -5.83 10.62 -28.76
CA MET C 379 -6.95 9.94 -28.10
C MET C 379 -6.71 9.79 -26.60
N ALA C 380 -5.44 9.76 -26.18
CA ALA C 380 -5.15 9.77 -24.76
C ALA C 380 -5.53 11.09 -24.13
N LEU C 381 -5.24 12.20 -24.81
CA LEU C 381 -5.67 13.52 -24.33
C LEU C 381 -7.19 13.62 -24.33
N LYS C 382 -7.85 13.08 -25.36
CA LYS C 382 -9.30 13.14 -25.43
C LYS C 382 -9.94 12.33 -24.31
N GLN C 383 -9.42 11.12 -24.06
CA GLN C 383 -9.96 10.31 -22.97
C GLN C 383 -9.70 10.98 -21.63
N PHE C 384 -8.51 11.56 -21.46
CA PHE C 384 -8.20 12.26 -20.21
C PHE C 384 -9.20 13.39 -19.97
N LEU C 385 -9.37 14.27 -20.96
CA LEU C 385 -10.28 15.40 -20.79
C LEU C 385 -11.69 14.91 -20.48
N ILE C 386 -12.16 13.90 -21.21
CA ILE C 386 -13.53 13.44 -21.04
C ILE C 386 -13.73 12.81 -19.67
N LEU C 387 -12.77 12.00 -19.23
CA LEU C 387 -12.93 11.32 -17.94
C LEU C 387 -12.92 12.27 -16.75
N THR C 388 -12.51 13.53 -16.92
CA THR C 388 -12.69 14.52 -15.85
C THR C 388 -14.11 15.04 -15.78
N GLN C 389 -14.97 14.71 -16.75
CA GLN C 389 -16.35 15.17 -16.75
C GLN C 389 -17.37 14.04 -16.64
N LEU C 390 -17.08 12.86 -17.18
CA LEU C 390 -18.01 11.75 -17.18
C LEU C 390 -17.39 10.57 -16.42
N ASP C 391 -18.26 9.74 -15.84
CA ASP C 391 -17.77 8.58 -15.10
C ASP C 391 -17.27 7.48 -16.04
N GLU C 392 -17.87 7.36 -17.21
CA GLU C 392 -17.43 6.41 -18.22
C GLU C 392 -17.24 7.14 -19.55
N LEU C 393 -16.52 6.50 -20.46
CA LEU C 393 -16.34 7.07 -21.79
C LEU C 393 -17.66 7.03 -22.54
N PRO C 394 -18.00 8.08 -23.29
CA PRO C 394 -19.27 8.08 -24.02
C PRO C 394 -19.23 7.19 -25.24
N ASP C 395 -20.42 6.84 -25.72
CA ASP C 395 -20.51 5.94 -26.88
C ASP C 395 -19.94 6.58 -28.14
N ASP C 396 -19.94 7.92 -28.22
CA ASP C 396 -19.42 8.64 -29.38
C ASP C 396 -17.97 9.06 -29.21
N PHE C 397 -17.20 8.32 -28.41
CA PHE C 397 -15.84 8.75 -28.08
C PHE C 397 -14.94 8.78 -29.30
N ARG C 398 -15.12 7.83 -30.22
CA ARG C 398 -14.27 7.77 -31.41
C ARG C 398 -14.76 8.67 -32.54
N ASN C 399 -15.92 9.30 -32.40
CA ASN C 399 -16.44 10.19 -33.43
C ASN C 399 -15.63 11.49 -33.44
N PRO C 400 -14.93 11.81 -34.53
CA PRO C 400 -14.11 13.03 -34.53
C PRO C 400 -14.93 14.31 -34.49
N ASP C 401 -16.15 14.30 -35.02
CA ASP C 401 -17.00 15.49 -34.97
C ASP C 401 -17.47 15.81 -33.56
N HIS C 402 -17.31 14.89 -32.62
CA HIS C 402 -17.67 15.13 -31.23
C HIS C 402 -16.38 15.32 -30.44
N SER C 403 -16.03 16.57 -30.22
CA SER C 403 -14.78 16.94 -29.57
C SER C 403 -14.86 16.71 -28.06
N ALA C 404 -13.70 16.74 -27.41
CA ALA C 404 -13.67 16.58 -25.96
C ALA C 404 -14.36 17.74 -25.26
N VAL C 405 -14.23 18.95 -25.80
CA VAL C 405 -14.86 20.12 -25.18
C VAL C 405 -16.38 20.05 -25.27
N SER C 406 -16.92 19.25 -26.19
CA SER C 406 -18.37 19.08 -26.29
C SER C 406 -18.96 18.34 -25.09
N HIS C 407 -18.14 17.75 -24.24
CA HIS C 407 -18.59 17.09 -23.02
C HIS C 407 -18.38 17.96 -21.79
N PHE C 408 -17.98 19.22 -21.96
CA PHE C 408 -17.77 20.14 -20.85
C PHE C 408 -18.93 21.12 -20.77
N LYS C 409 -19.52 21.24 -19.58
CA LYS C 409 -20.63 22.17 -19.41
C LYS C 409 -20.14 23.62 -19.37
N THR C 410 -19.00 23.86 -18.72
CA THR C 410 -18.41 25.20 -18.61
C THR C 410 -16.93 25.12 -18.94
N PRO C 411 -16.59 25.07 -20.23
CA PRO C 411 -15.18 24.94 -20.61
C PRO C 411 -14.41 26.24 -20.47
N SER C 412 -13.20 26.14 -19.92
CA SER C 412 -12.28 27.25 -19.90
C SER C 412 -11.53 27.34 -21.22
N ARG C 413 -10.74 28.41 -21.37
CA ARG C 413 -9.97 28.58 -22.61
C ARG C 413 -8.97 27.46 -22.79
N GLN C 414 -8.33 27.01 -21.70
CA GLN C 414 -7.34 25.95 -21.82
C GLN C 414 -7.99 24.65 -22.27
N ILE C 415 -9.21 24.37 -21.80
CA ILE C 415 -9.94 23.18 -22.24
C ILE C 415 -10.29 23.30 -23.72
N ILE C 416 -10.70 24.48 -24.16
CA ILE C 416 -10.95 24.73 -25.57
C ILE C 416 -9.68 24.47 -26.38
N ASN C 417 -8.55 25.00 -25.91
CA ASN C 417 -7.30 24.87 -26.65
C ASN C 417 -6.82 23.42 -26.69
N LEU C 418 -6.94 22.71 -25.57
CA LEU C 418 -6.54 21.30 -25.56
C LEU C 418 -7.44 20.49 -26.47
N SER C 419 -8.73 20.80 -26.50
CA SER C 419 -9.65 20.08 -27.37
C SER C 419 -9.27 20.25 -28.84
N LEU C 420 -8.81 21.43 -29.22
CA LEU C 420 -8.35 21.63 -30.60
C LEU C 420 -7.13 20.77 -30.89
N LEU C 421 -6.20 20.68 -29.94
CA LEU C 421 -5.02 19.83 -30.13
C LEU C 421 -5.42 18.38 -30.39
N VAL C 422 -6.42 17.87 -29.67
CA VAL C 422 -6.91 16.51 -29.91
C VAL C 422 -7.30 16.34 -31.38
N GLN C 423 -8.09 17.28 -31.90
CA GLN C 423 -8.55 17.18 -33.28
C GLN C 423 -7.38 17.30 -34.26
N GLU C 424 -6.36 18.07 -33.92
CA GLU C 424 -5.21 18.20 -34.81
C GLU C 424 -4.35 16.95 -34.82
N LEU C 425 -4.31 16.22 -33.70
CA LEU C 425 -3.52 15.00 -33.65
C LEU C 425 -4.25 13.80 -34.23
N THR C 426 -5.58 13.83 -34.28
CA THR C 426 -6.38 12.65 -34.61
C THR C 426 -7.06 12.75 -35.97
N ARG C 427 -6.52 13.51 -36.90
CA ARG C 427 -7.10 13.49 -38.23
C ARG C 427 -6.97 12.12 -38.87
N LEU C 428 -7.84 11.89 -39.85
CA LEU C 428 -7.90 10.60 -40.51
C LEU C 428 -6.64 10.35 -41.33
N ASP C 429 -6.27 11.31 -42.17
CA ASP C 429 -5.05 11.19 -42.98
C ASP C 429 -3.83 11.28 -42.06
N PRO C 430 -3.00 10.24 -41.99
CA PRO C 430 -1.84 10.29 -41.08
C PRO C 430 -0.85 11.38 -41.43
N ASP C 431 -0.70 11.71 -42.70
CA ASP C 431 0.24 12.74 -43.14
C ASP C 431 -0.22 14.14 -42.81
N LYS C 432 -1.48 14.33 -42.47
CA LYS C 432 -2.02 15.63 -42.08
C LYS C 432 -2.22 15.74 -40.58
N ARG C 433 -1.77 14.74 -39.82
CA ARG C 433 -1.82 14.84 -38.36
C ARG C 433 -0.72 15.75 -37.86
N MET C 434 -1.02 16.48 -36.80
CA MET C 434 0.00 17.19 -36.07
C MET C 434 1.04 16.20 -35.57
N THR C 435 2.32 16.56 -35.69
CA THR C 435 3.37 15.71 -35.14
C THR C 435 3.48 15.89 -33.64
N ILE C 436 4.06 14.88 -32.98
CA ILE C 436 4.26 14.93 -31.55
C ILE C 436 5.18 16.08 -31.17
N LYS C 437 6.14 16.39 -32.03
CA LYS C 437 7.01 17.55 -31.80
C LYS C 437 6.20 18.84 -31.80
N GLN C 438 5.31 19.01 -32.79
CA GLN C 438 4.47 20.20 -32.84
C GLN C 438 3.56 20.28 -31.62
N PHE C 439 2.95 19.15 -31.24
CA PHE C 439 2.10 19.13 -30.06
C PHE C 439 2.85 19.59 -28.82
N GLN C 440 4.09 19.13 -28.65
CA GLN C 440 4.88 19.51 -27.48
C GLN C 440 5.12 21.01 -27.44
N THR C 441 5.37 21.63 -28.59
CA THR C 441 5.55 23.07 -28.62
C THR C 441 4.29 23.80 -28.17
N LEU C 442 3.13 23.35 -28.62
CA LEU C 442 1.90 24.09 -28.39
C LEU C 442 1.37 23.93 -26.97
N LEU C 443 1.82 22.90 -26.24
CA LEU C 443 1.33 22.71 -24.87
C LEU C 443 1.68 23.90 -23.98
N ASN C 444 2.81 24.55 -24.23
CA ASN C 444 3.20 25.70 -23.42
C ASN C 444 2.39 26.95 -23.73
N PHE C 445 1.53 26.92 -24.74
CA PHE C 445 0.69 28.07 -25.08
C PHE C 445 -0.77 27.84 -24.76
N LYS C 446 -1.10 26.80 -23.98
CA LYS C 446 -2.49 26.47 -23.73
C LYS C 446 -3.22 27.56 -22.97
N ASN C 447 -2.52 28.44 -22.28
CA ASN C 447 -3.19 29.53 -21.56
C ASN C 447 -3.58 30.69 -22.47
N LEU C 448 -3.24 30.62 -23.76
CA LEU C 448 -3.58 31.71 -24.66
C LEU C 448 -5.09 31.81 -24.84
N PRO C 449 -5.60 33.00 -25.13
CA PRO C 449 -7.00 33.13 -25.57
C PRO C 449 -7.25 32.26 -26.79
N PRO C 450 -8.41 31.60 -26.86
CA PRO C 450 -8.64 30.63 -27.94
C PRO C 450 -8.32 31.13 -29.35
N ASP C 451 -8.69 32.38 -29.68
CA ASP C 451 -8.37 32.90 -31.01
C ASP C 451 -6.86 33.06 -31.18
N ALA C 452 -6.17 33.54 -30.15
CA ALA C 452 -4.71 33.63 -30.23
C ALA C 452 -4.06 32.26 -30.27
N PHE C 453 -4.67 31.27 -29.62
CA PHE C 453 -4.12 29.93 -29.65
C PHE C 453 -4.27 29.31 -31.03
N TYR C 454 -5.39 29.61 -31.70
CA TYR C 454 -5.59 29.12 -33.06
C TYR C 454 -4.54 29.70 -34.00
N GLN C 455 -4.23 31.00 -33.84
CA GLN C 455 -3.17 31.60 -34.64
C GLN C 455 -1.83 30.91 -34.39
N LYS C 456 -1.56 30.55 -33.13
CA LYS C 456 -0.33 29.84 -32.80
C LYS C 456 -0.26 28.50 -33.51
N VAL C 457 -1.37 27.76 -33.53
CA VAL C 457 -1.42 26.49 -34.25
C VAL C 457 -1.14 26.71 -35.74
N GLU C 458 -1.64 27.82 -36.29
CA GLU C 458 -1.44 28.11 -37.70
C GLU C 458 0.03 28.35 -38.03
N GLU C 459 0.78 28.96 -37.10
CA GLU C 459 2.20 29.18 -37.35
C GLU C 459 2.97 27.87 -37.28
N VAL C 460 2.56 26.97 -36.38
CA VAL C 460 3.29 25.71 -36.20
C VAL C 460 2.91 24.73 -37.29
N PHE C 461 1.63 24.68 -37.65
CA PHE C 461 1.10 23.69 -38.59
C PHE C 461 0.22 24.43 -39.60
N PRO C 462 0.82 24.97 -40.66
CA PRO C 462 0.06 25.83 -41.60
C PRO C 462 -1.02 25.05 -42.34
N SER C 463 -2.14 25.75 -42.61
CA SER C 463 -3.25 25.13 -43.33
C SER C 463 -2.90 24.75 -44.76
N SER C 464 -1.85 25.34 -45.33
CA SER C 464 -1.44 24.95 -46.67
C SER C 464 -1.09 23.47 -46.74
N GLN C 465 -0.47 22.94 -45.69
CA GLN C 465 -0.08 21.53 -45.64
C GLN C 465 -1.24 20.59 -45.36
N LEU C 466 -2.48 21.08 -45.34
CA LEU C 466 -3.64 20.22 -45.26
C LEU C 466 -4.53 20.29 -46.49
N GLY C 467 -4.12 21.03 -47.52
CA GLY C 467 -4.92 21.16 -48.72
C GLY C 467 -6.13 22.05 -48.59
N ILE C 468 -6.31 22.73 -47.47
CA ILE C 468 -7.46 23.59 -47.23
C ILE C 468 -7.13 25.07 -47.43
N ALA C 469 -5.93 25.38 -47.94
CA ALA C 469 -5.54 26.77 -48.12
C ALA C 469 -6.47 27.52 -49.05
N GLU C 470 -7.03 26.84 -50.05
CA GLU C 470 -7.95 27.48 -50.97
C GLU C 470 -9.19 28.00 -50.25
N ASP C 471 -9.77 27.17 -49.37
CA ASP C 471 -11.00 27.54 -48.68
C ASP C 471 -10.75 28.44 -47.47
N ILE C 472 -9.51 28.53 -46.99
CA ILE C 472 -9.20 29.47 -45.91
C ILE C 472 -9.26 30.90 -46.42
N GLU C 473 -8.74 31.14 -47.62
CA GLU C 473 -8.82 32.46 -48.21
C GLU C 473 -10.25 32.83 -48.58
N ALA C 474 -11.08 31.84 -48.92
CA ALA C 474 -12.48 32.11 -49.22
C ALA C 474 -13.24 32.51 -47.97
N LEU C 475 -12.92 31.89 -46.83
CA LEU C 475 -13.59 32.25 -45.58
C LEU C 475 -13.08 33.57 -45.04
N ASN C 476 -11.79 33.86 -45.22
CA ASN C 476 -11.23 35.11 -44.73
C ASN C 476 -11.61 36.30 -45.61
N LYS C 477 -11.72 36.07 -46.92
CA LYS C 477 -12.13 37.15 -47.82
C LYS C 477 -13.48 37.73 -47.41
N VAL C 478 -14.46 36.85 -47.17
CA VAL C 478 -15.78 37.32 -46.77
C VAL C 478 -15.76 37.85 -45.33
N LEU C 479 -14.95 37.24 -44.46
CA LEU C 479 -14.85 37.72 -43.09
C LEU C 479 -14.19 39.09 -43.01
N ASN C 480 -13.32 39.41 -43.98
CA ASN C 480 -12.69 40.72 -44.04
C ASN C 480 -13.58 41.80 -44.63
N SER C 481 -14.78 41.45 -45.08
CA SER C 481 -15.70 42.43 -45.65
C SER C 481 -16.43 43.18 -44.54
N ASP C 482 -16.83 44.41 -44.85
CA ASP C 482 -17.52 45.25 -43.87
C ASP C 482 -19.00 44.92 -43.73
N LEU C 483 -19.57 44.12 -44.63
CA LEU C 483 -20.98 43.79 -44.55
C LEU C 483 -21.25 42.88 -43.36
N LYS C 484 -22.46 43.00 -42.81
CA LYS C 484 -22.86 42.20 -41.67
C LYS C 484 -24.34 41.85 -41.80
N GLY C 485 -24.72 40.77 -41.13
CA GLY C 485 -26.11 40.33 -41.16
C GLY C 485 -26.41 39.44 -42.35
N GLU C 486 -27.67 39.46 -42.80
CA GLU C 486 -28.08 38.63 -43.93
C GLU C 486 -27.36 39.03 -45.21
N ALA C 487 -26.92 40.28 -45.32
CA ALA C 487 -26.19 40.72 -46.50
C ALA C 487 -24.87 39.97 -46.65
N LEU C 488 -24.21 39.63 -45.54
CA LEU C 488 -23.01 38.82 -45.58
C LEU C 488 -23.31 37.33 -45.72
N LEU C 489 -24.51 36.90 -45.31
CA LEU C 489 -24.83 35.48 -45.32
C LEU C 489 -25.07 34.98 -46.74
N LYS C 490 -25.54 35.85 -47.64
CA LYS C 490 -25.81 35.43 -49.00
C LYS C 490 -24.57 35.42 -49.88
N GLN C 491 -23.49 36.08 -49.46
CA GLN C 491 -22.18 35.88 -50.06
C GLN C 491 -21.41 34.76 -49.37
N ALA C 492 -21.90 34.26 -48.24
CA ALA C 492 -21.26 33.18 -47.52
C ALA C 492 -21.94 31.83 -47.75
N ASN C 493 -23.07 31.80 -48.44
CA ASN C 493 -23.69 30.52 -48.78
C ASN C 493 -22.83 29.67 -49.72
N PRO C 494 -22.23 30.21 -50.79
CA PRO C 494 -21.37 29.34 -51.63
C PRO C 494 -20.22 28.71 -50.87
N VAL C 495 -19.48 29.50 -50.08
CA VAL C 495 -18.39 28.94 -49.31
C VAL C 495 -18.92 27.97 -48.25
N PHE C 496 -20.13 28.21 -47.73
CA PHE C 496 -20.71 27.31 -46.75
C PHE C 496 -20.97 25.93 -47.35
N THR C 497 -21.67 25.87 -48.48
CA THR C 497 -21.95 24.58 -49.10
C THR C 497 -20.70 23.92 -49.65
N LYS C 498 -19.74 24.70 -50.16
CA LYS C 498 -18.48 24.13 -50.61
C LYS C 498 -17.74 23.46 -49.47
N LEU C 499 -17.92 23.96 -48.25
CA LEU C 499 -17.33 23.35 -47.06
C LEU C 499 -18.18 22.23 -46.49
N SER C 500 -19.49 22.24 -46.74
CA SER C 500 -20.38 21.18 -46.30
C SER C 500 -20.25 19.91 -47.13
N LYS C 501 -19.48 19.94 -48.22
CA LYS C 501 -19.25 18.76 -49.05
C LYS C 501 -17.86 18.18 -48.72
N TYR C 502 -17.75 17.70 -47.50
CA TYR C 502 -16.51 17.12 -46.98
C TYR C 502 -16.84 15.78 -46.33
N ASP C 503 -16.22 14.71 -46.81
CA ASP C 503 -16.52 13.39 -46.27
C ASP C 503 -16.16 13.28 -44.78
N PRO C 504 -14.92 13.61 -44.34
CA PRO C 504 -14.75 13.96 -42.93
C PRO C 504 -14.61 15.47 -42.76
N LYS C 505 -15.31 16.03 -41.78
CA LYS C 505 -15.26 17.47 -41.57
C LYS C 505 -13.86 17.89 -41.13
N GLU C 506 -13.31 18.90 -41.78
CA GLU C 506 -12.01 19.45 -41.41
C GLU C 506 -12.23 20.43 -40.26
N THR C 507 -11.69 20.09 -39.09
CA THR C 507 -11.95 20.87 -37.88
C THR C 507 -11.49 22.32 -38.03
N ARG C 508 -10.38 22.54 -38.73
CA ARG C 508 -9.81 23.89 -38.83
C ARG C 508 -10.70 24.82 -39.64
N LEU C 509 -11.45 24.27 -40.60
CA LEU C 509 -12.42 25.06 -41.37
C LEU C 509 -13.74 25.22 -40.63
N THR C 510 -14.14 24.20 -39.87
CA THR C 510 -15.34 24.27 -39.06
C THR C 510 -15.27 25.38 -38.02
N ARG C 511 -14.06 25.78 -37.61
CA ARG C 511 -13.93 26.85 -36.63
C ARG C 511 -14.08 28.22 -37.30
N LEU C 512 -13.53 28.37 -38.51
CA LEU C 512 -13.64 29.65 -39.20
C LEU C 512 -15.04 29.85 -39.74
N ALA C 513 -15.72 28.78 -40.15
CA ALA C 513 -17.09 28.91 -40.60
C ALA C 513 -18.02 29.34 -39.48
N GLU C 514 -17.71 28.92 -38.24
CA GLU C 514 -18.54 29.29 -37.11
C GLU C 514 -18.41 30.78 -36.80
N LYS C 515 -17.18 31.30 -36.79
CA LYS C 515 -16.98 32.74 -36.57
C LYS C 515 -17.64 33.56 -37.66
N LEU C 516 -17.78 33.01 -38.86
CA LEU C 516 -18.48 33.73 -39.92
C LEU C 516 -19.99 33.59 -39.76
N ALA C 517 -20.46 32.47 -39.21
CA ALA C 517 -21.87 32.33 -38.92
C ALA C 517 -22.33 33.36 -37.89
N ILE C 518 -21.47 33.69 -36.91
CA ILE C 518 -21.83 34.69 -35.92
C ILE C 518 -22.12 36.02 -36.59
N ARG C 519 -21.23 36.47 -37.48
CA ARG C 519 -21.39 37.75 -38.13
C ARG C 519 -22.54 37.77 -39.11
N CYS C 520 -22.92 36.61 -39.64
CA CYS C 520 -24.02 36.54 -40.61
C CYS C 520 -25.40 36.62 -39.96
N PHE C 521 -25.49 36.32 -38.67
CA PHE C 521 -26.77 36.26 -37.96
C PHE C 521 -26.89 37.55 -37.15
N ASN C 522 -27.48 38.56 -37.77
CA ASN C 522 -27.68 39.86 -37.15
C ASN C 522 -28.64 40.71 -37.98
N ALA D 3 23.90 16.22 -16.31
CA ALA D 3 23.72 17.55 -16.86
C ALA D 3 22.50 18.24 -16.28
N GLU D 4 22.45 19.57 -16.42
CA GLU D 4 21.33 20.41 -16.00
C GLU D 4 20.42 20.74 -17.18
N ALA D 5 20.02 19.70 -17.90
CA ALA D 5 19.32 19.80 -19.18
C ALA D 5 17.88 20.27 -19.00
N THR D 6 17.27 20.62 -20.12
CA THR D 6 15.91 21.09 -20.24
C THR D 6 15.14 20.13 -21.13
N LEU D 7 13.81 20.26 -21.11
CA LEU D 7 12.99 19.46 -22.00
C LEU D 7 12.79 20.17 -23.33
N GLY D 8 12.39 19.40 -24.33
CA GLY D 8 11.92 20.01 -25.56
C GLY D 8 10.62 20.76 -25.32
N SER D 9 10.48 21.90 -25.98
CA SER D 9 9.31 22.75 -25.77
C SER D 9 9.35 23.86 -26.80
N GLY D 10 8.24 24.57 -26.91
CA GLY D 10 8.24 25.86 -27.58
C GLY D 10 9.04 26.85 -26.77
N ASN D 11 9.32 28.00 -27.37
CA ASN D 11 10.16 28.99 -26.71
C ASN D 11 9.36 29.61 -25.57
N LEU D 12 9.85 29.43 -24.34
CA LEU D 12 9.09 29.86 -23.18
C LEU D 12 9.07 31.37 -23.02
N ARG D 13 10.02 32.08 -23.62
CA ARG D 13 10.01 33.54 -23.56
C ARG D 13 8.77 34.10 -24.26
N GLN D 14 8.32 33.43 -25.34
CA GLN D 14 7.10 33.84 -26.01
C GLN D 14 5.86 33.35 -25.28
N ALA D 15 5.95 32.19 -24.64
CA ALA D 15 4.79 31.62 -23.95
C ALA D 15 4.36 32.44 -22.74
N VAL D 16 5.25 33.28 -22.20
CA VAL D 16 4.92 34.14 -21.06
C VAL D 16 4.60 35.57 -21.47
N MET D 17 4.76 35.93 -22.75
CA MET D 17 4.45 37.28 -23.19
C MET D 17 2.95 37.52 -23.07
N LEU D 18 2.59 38.74 -22.70
CA LEU D 18 1.19 39.11 -22.60
C LEU D 18 0.56 39.09 -23.98
N PRO D 19 -0.47 38.27 -24.23
CA PRO D 19 -1.11 38.24 -25.55
C PRO D 19 -1.77 39.57 -25.88
N GLU D 20 -1.92 39.80 -27.19
CA GLU D 20 -2.51 41.03 -27.69
C GLU D 20 -3.92 41.25 -27.15
N GLY D 21 -4.18 42.47 -26.67
CA GLY D 21 -5.51 42.85 -26.22
C GLY D 21 -5.98 42.13 -24.97
N GLU D 22 -5.08 41.53 -24.22
CA GLU D 22 -5.44 40.76 -23.04
C GLU D 22 -5.23 41.58 -21.77
N ASP D 23 -6.17 41.45 -20.84
CA ASP D 23 -6.03 42.10 -19.55
C ASP D 23 -4.90 41.43 -18.75
N LEU D 24 -4.04 42.25 -18.17
CA LEU D 24 -2.90 41.70 -17.45
C LEU D 24 -3.33 40.90 -16.23
N ASN D 25 -4.39 41.33 -15.55
CA ASN D 25 -4.82 40.61 -14.34
C ASN D 25 -5.18 39.17 -14.66
N GLU D 26 -5.91 38.93 -15.76
CA GLU D 26 -6.27 37.56 -16.10
C GLU D 26 -5.06 36.76 -16.55
N TRP D 27 -4.13 37.41 -17.24
CA TRP D 27 -2.91 36.73 -17.66
C TRP D 27 -2.08 36.31 -16.46
N ILE D 28 -2.10 37.10 -15.38
CA ILE D 28 -1.41 36.69 -14.16
C ILE D 28 -2.21 35.58 -13.48
N ALA D 29 -3.54 35.68 -13.47
CA ALA D 29 -4.35 34.70 -12.78
C ALA D 29 -4.17 33.32 -13.39
N VAL D 30 -4.33 33.20 -14.71
CA VAL D 30 -4.36 31.89 -15.33
C VAL D 30 -2.99 31.23 -15.28
N ASN D 31 -1.91 32.02 -15.30
CA ASN D 31 -0.58 31.46 -15.18
C ASN D 31 -0.22 31.14 -13.73
N THR D 32 -0.73 31.92 -12.77
CA THR D 32 -0.53 31.57 -11.37
C THR D 32 -1.18 30.25 -11.03
N VAL D 33 -2.39 30.00 -11.53
CA VAL D 33 -3.04 28.71 -11.31
C VAL D 33 -2.22 27.59 -11.95
N ASP D 34 -1.64 27.84 -13.12
CA ASP D 34 -0.82 26.84 -13.78
C ASP D 34 0.43 26.51 -12.97
N PHE D 35 1.17 27.54 -12.56
CA PHE D 35 2.43 27.32 -11.85
C PHE D 35 2.22 26.68 -10.49
N PHE D 36 1.15 27.08 -9.78
CA PHE D 36 0.87 26.46 -8.48
C PHE D 36 0.68 24.96 -8.61
N ASN D 37 -0.08 24.52 -9.62
CA ASN D 37 -0.25 23.09 -9.82
C ASN D 37 1.07 22.41 -10.16
N GLN D 38 1.90 23.06 -10.98
CA GLN D 38 3.19 22.48 -11.34
C GLN D 38 4.11 22.33 -10.14
N ILE D 39 4.24 23.38 -9.33
CA ILE D 39 5.09 23.27 -8.14
C ILE D 39 4.45 22.36 -7.10
N ASN D 40 3.12 22.30 -7.07
CA ASN D 40 2.46 21.32 -6.20
C ASN D 40 2.78 19.91 -6.64
N MET D 41 2.75 19.64 -7.95
CA MET D 41 3.07 18.32 -8.45
C MET D 41 4.53 17.95 -8.21
N LEU D 42 5.43 18.91 -8.43
CA LEU D 42 6.86 18.61 -8.28
C LEU D 42 7.22 18.36 -6.82
N TYR D 43 6.68 19.16 -5.90
CA TYR D 43 6.96 18.93 -4.49
C TYR D 43 6.40 17.59 -4.02
N GLY D 44 5.29 17.13 -4.63
CA GLY D 44 4.74 15.83 -4.29
C GLY D 44 5.65 14.66 -4.62
N THR D 45 6.60 14.84 -5.54
CA THR D 45 7.50 13.75 -5.91
C THR D 45 8.55 13.48 -4.84
N ILE D 46 8.97 14.52 -4.11
CA ILE D 46 10.00 14.38 -3.09
C ILE D 46 9.43 14.53 -1.68
N THR D 47 8.10 14.57 -1.55
CA THR D 47 7.50 14.85 -0.25
C THR D 47 7.87 13.78 0.78
N GLU D 48 8.13 12.55 0.35
CA GLU D 48 8.51 11.51 1.29
C GLU D 48 9.94 11.69 1.76
N PHE D 49 10.75 12.47 1.04
CA PHE D 49 12.11 12.79 1.46
C PHE D 49 12.19 14.09 2.23
N CYS D 50 11.12 14.89 2.23
CA CYS D 50 11.04 16.13 2.99
C CYS D 50 10.33 15.81 4.30
N THR D 51 11.12 15.60 5.35
CA THR D 51 10.64 15.14 6.64
C THR D 51 10.96 16.16 7.72
N GLU D 52 10.46 15.87 8.94
CA GLU D 52 10.77 16.70 10.09
C GLU D 52 12.25 16.65 10.43
N ALA D 53 12.89 15.49 10.25
CA ALA D 53 14.30 15.35 10.61
C ALA D 53 15.20 15.96 9.55
N SER D 54 14.83 15.84 8.27
CA SER D 54 15.69 16.35 7.21
C SER D 54 15.66 17.88 7.15
N CYS D 55 14.48 18.47 7.34
CA CYS D 55 14.28 19.91 7.22
C CYS D 55 13.51 20.42 8.43
N PRO D 56 14.19 20.55 9.58
CA PRO D 56 13.48 20.98 10.80
C PRO D 56 12.94 22.39 10.74
N VAL D 57 13.49 23.24 9.87
CA VAL D 57 12.95 24.57 9.62
C VAL D 57 12.87 24.77 8.11
N MET D 58 11.84 25.48 7.67
CA MET D 58 11.70 25.77 6.24
C MET D 58 12.81 26.72 5.82
N SER D 59 13.53 26.36 4.75
CA SER D 59 14.70 27.12 4.36
C SER D 59 14.97 26.92 2.87
N ALA D 60 15.94 27.68 2.36
CA ALA D 60 16.50 27.49 1.03
C ALA D 60 18.01 27.50 1.15
N GLY D 61 18.53 26.51 1.87
CA GLY D 61 19.92 26.49 2.26
C GLY D 61 20.10 27.19 3.59
N PRO D 62 21.25 26.95 4.24
CA PRO D 62 21.48 27.53 5.57
C PRO D 62 21.46 29.05 5.60
N ARG D 63 21.50 29.72 4.45
CA ARG D 63 21.58 31.18 4.41
C ARG D 63 20.23 31.85 4.19
N TYR D 64 19.14 31.10 4.02
CA TYR D 64 17.83 31.69 3.74
C TYR D 64 16.76 30.91 4.52
N GLU D 65 16.42 31.43 5.70
CA GLU D 65 15.38 30.85 6.54
C GLU D 65 14.04 31.54 6.29
N TYR D 66 12.98 30.74 6.21
CA TYR D 66 11.65 31.23 5.92
C TYR D 66 10.73 30.99 7.11
N HIS D 67 10.03 32.04 7.53
CA HIS D 67 8.97 31.96 8.51
C HIS D 67 7.63 32.15 7.81
N TRP D 68 6.57 31.66 8.45
CA TRP D 68 5.23 31.70 7.87
C TRP D 68 4.46 32.91 8.40
N ALA D 69 3.99 33.75 7.48
CA ALA D 69 3.19 34.93 7.83
C ALA D 69 1.72 34.55 7.76
N ASP D 70 1.08 34.38 8.91
CA ASP D 70 -0.32 33.98 8.94
C ASP D 70 -1.19 35.09 8.38
N GLY D 71 -2.26 34.70 7.69
CA GLY D 71 -3.18 35.66 7.09
C GLY D 71 -4.46 35.87 7.84
N THR D 72 -4.73 35.01 8.83
CA THR D 72 -5.94 35.09 9.63
C THR D 72 -5.68 35.34 11.11
N ASN D 73 -4.54 34.89 11.64
CA ASN D 73 -4.17 35.15 13.02
C ASN D 73 -3.05 36.18 13.03
N ILE D 74 -3.14 37.11 13.98
CA ILE D 74 -2.18 38.20 14.12
C ILE D 74 -1.12 37.76 15.12
N LYS D 75 0.05 37.33 14.62
CA LYS D 75 1.13 36.86 15.46
C LYS D 75 2.43 36.91 14.65
N LYS D 76 3.54 36.93 15.38
CA LYS D 76 4.85 36.96 14.73
C LYS D 76 4.97 35.77 13.77
N PRO D 77 5.62 35.96 12.62
CA PRO D 77 5.80 34.83 11.69
C PRO D 77 6.47 33.65 12.39
N ILE D 78 5.92 32.46 12.14
CA ILE D 78 6.28 31.27 12.91
C ILE D 78 7.42 30.53 12.21
N LYS D 79 8.42 30.12 12.99
CA LYS D 79 9.47 29.24 12.51
C LYS D 79 8.99 27.80 12.65
N CYS D 80 8.83 27.13 11.52
CA CYS D 80 8.31 25.76 11.50
C CYS D 80 9.07 24.95 10.47
N SER D 81 8.82 23.64 10.47
CA SER D 81 9.50 22.74 9.55
C SER D 81 9.06 23.00 8.12
N ALA D 82 9.90 22.57 7.18
CA ALA D 82 9.57 22.69 5.77
C ALA D 82 8.33 21.88 5.39
N PRO D 83 8.15 20.63 5.85
CA PRO D 83 6.87 19.95 5.54
C PRO D 83 5.66 20.68 6.11
N LYS D 84 5.75 21.16 7.35
CA LYS D 84 4.62 21.90 7.93
C LYS D 84 4.40 23.21 7.18
N TYR D 85 5.47 23.91 6.83
CA TYR D 85 5.36 25.15 6.08
C TYR D 85 4.70 24.91 4.71
N ILE D 86 5.21 23.94 3.96
CA ILE D 86 4.76 23.74 2.59
C ILE D 86 3.39 23.08 2.53
N ASP D 87 3.12 22.14 3.44
CA ASP D 87 1.79 21.51 3.44
C ASP D 87 0.70 22.51 3.74
N TYR D 88 1.03 23.59 4.47
CA TYR D 88 0.07 24.66 4.72
C TYR D 88 0.06 25.68 3.60
N LEU D 89 1.20 25.88 2.92
CA LEU D 89 1.26 26.80 1.80
C LEU D 89 0.38 26.33 0.65
N MET D 90 0.41 25.03 0.36
CA MET D 90 -0.40 24.50 -0.74
C MET D 90 -1.89 24.63 -0.43
N THR D 91 -2.29 24.32 0.81
CA THR D 91 -3.68 24.50 1.19
C THR D 91 -4.07 25.98 1.14
N TRP D 92 -3.17 26.87 1.57
CA TRP D 92 -3.47 28.30 1.57
C TRP D 92 -3.62 28.83 0.16
N VAL D 93 -2.73 28.45 -0.76
CA VAL D 93 -2.81 28.94 -2.13
C VAL D 93 -4.04 28.37 -2.82
N GLN D 94 -4.32 27.07 -2.62
CA GLN D 94 -5.50 26.47 -3.23
C GLN D 94 -6.78 27.16 -2.76
N ASP D 95 -6.82 27.58 -1.49
CA ASP D 95 -7.99 28.29 -0.99
C ASP D 95 -8.11 29.67 -1.62
N GLN D 96 -6.98 30.32 -1.91
CA GLN D 96 -7.02 31.59 -2.61
C GLN D 96 -7.57 31.42 -4.03
N LEU D 97 -7.22 30.30 -4.67
CA LEU D 97 -7.64 30.06 -6.05
C LEU D 97 -9.09 29.63 -6.14
N ASP D 98 -9.60 28.92 -5.13
CA ASP D 98 -11.00 28.52 -5.13
C ASP D 98 -11.92 29.67 -4.78
N ASP D 99 -11.41 30.75 -4.21
CA ASP D 99 -12.24 31.89 -3.85
C ASP D 99 -12.58 32.68 -5.11
N GLU D 100 -13.87 32.72 -5.44
CA GLU D 100 -14.35 33.39 -6.64
C GLU D 100 -14.33 34.90 -6.47
N THR D 101 -14.07 35.37 -5.26
CA THR D 101 -13.81 36.78 -5.00
C THR D 101 -12.45 37.23 -5.53
N LEU D 102 -11.46 36.35 -5.52
CA LEU D 102 -10.08 36.72 -5.84
C LEU D 102 -9.68 36.37 -7.26
N PHE D 103 -10.02 35.16 -7.73
CA PHE D 103 -9.61 34.65 -9.03
C PHE D 103 -10.85 34.40 -9.88
N PRO D 104 -11.45 35.46 -10.43
CA PRO D 104 -12.71 35.29 -11.17
C PRO D 104 -12.53 34.41 -12.39
N SER D 105 -13.42 33.43 -12.53
CA SER D 105 -13.45 32.54 -13.69
C SER D 105 -14.67 32.77 -14.57
N LYS D 106 -15.66 33.53 -14.12
CA LYS D 106 -16.84 33.83 -14.92
C LYS D 106 -16.63 35.13 -15.69
N ILE D 107 -17.55 35.40 -16.62
CA ILE D 107 -17.38 36.51 -17.55
C ILE D 107 -17.48 37.85 -16.84
N GLY D 108 -18.58 38.08 -16.13
CA GLY D 108 -18.89 39.38 -15.59
C GLY D 108 -18.42 39.67 -14.19
N VAL D 109 -17.53 38.86 -13.63
CA VAL D 109 -16.98 39.09 -12.29
C VAL D 109 -15.59 39.69 -12.45
N PRO D 110 -15.37 40.92 -12.00
CA PRO D 110 -14.05 41.55 -12.18
C PRO D 110 -13.07 41.13 -11.09
N PHE D 111 -11.80 41.41 -11.35
CA PHE D 111 -10.77 41.16 -10.36
C PHE D 111 -10.85 42.21 -9.25
N PRO D 112 -10.58 41.84 -8.01
CA PRO D 112 -10.61 42.82 -6.93
C PRO D 112 -9.46 43.80 -7.04
N LYS D 113 -9.58 44.91 -6.31
CA LYS D 113 -8.53 45.92 -6.29
C LYS D 113 -7.22 45.34 -5.75
N ASN D 114 -7.30 44.41 -4.81
CA ASN D 114 -6.11 43.84 -4.18
C ASN D 114 -5.64 42.56 -4.86
N PHE D 115 -6.07 42.30 -6.10
CA PHE D 115 -5.70 41.05 -6.75
C PHE D 115 -4.19 40.96 -6.97
N MET D 116 -3.59 42.04 -7.46
CA MET D 116 -2.17 42.00 -7.81
C MET D 116 -1.30 41.84 -6.58
N SER D 117 -1.73 42.38 -5.44
CA SER D 117 -0.99 42.12 -4.21
C SER D 117 -1.13 40.67 -3.78
N VAL D 118 -2.31 40.09 -3.97
CA VAL D 118 -2.54 38.69 -3.61
C VAL D 118 -1.72 37.76 -4.49
N ALA D 119 -1.78 37.96 -5.81
CA ALA D 119 -1.11 37.04 -6.72
C ALA D 119 0.39 37.04 -6.54
N LYS D 120 0.98 38.20 -6.27
CA LYS D 120 2.44 38.24 -6.11
C LYS D 120 2.89 37.74 -4.75
N THR D 121 2.07 37.89 -3.72
CA THR D 121 2.32 37.17 -2.48
C THR D 121 2.33 35.68 -2.75
N ILE D 122 1.35 35.19 -3.52
CA ILE D 122 1.30 33.78 -3.88
C ILE D 122 2.56 33.38 -4.63
N LEU D 123 2.90 34.11 -5.69
CA LEU D 123 4.05 33.75 -6.50
C LEU D 123 5.35 33.80 -5.70
N LYS D 124 5.46 34.72 -4.73
CA LYS D 124 6.66 34.76 -3.89
C LYS D 124 6.80 33.48 -3.10
N ARG D 125 5.71 32.99 -2.50
CA ARG D 125 5.80 31.78 -1.69
C ARG D 125 5.92 30.53 -2.53
N LEU D 126 5.45 30.57 -3.78
CA LEU D 126 5.70 29.45 -4.69
C LEU D 126 7.18 29.35 -5.00
N PHE D 127 7.87 30.48 -5.15
CA PHE D 127 9.31 30.45 -5.41
C PHE D 127 10.06 29.81 -4.25
N ARG D 128 9.61 30.04 -3.02
CA ARG D 128 10.27 29.45 -1.87
C ARG D 128 10.21 27.92 -1.89
N VAL D 129 9.21 27.35 -2.56
CA VAL D 129 9.13 25.90 -2.67
C VAL D 129 10.15 25.40 -3.67
N TYR D 130 10.24 26.06 -4.83
CA TYR D 130 11.33 25.77 -5.77
C TYR D 130 12.69 25.86 -5.08
N ALA D 131 12.93 26.95 -4.35
CA ALA D 131 14.24 27.17 -3.75
C ALA D 131 14.57 26.10 -2.72
N HIS D 132 13.57 25.65 -1.95
CA HIS D 132 13.82 24.60 -0.96
C HIS D 132 14.13 23.28 -1.65
N ILE D 133 13.42 22.96 -2.74
CA ILE D 133 13.67 21.72 -3.47
C ILE D 133 15.09 21.71 -4.03
N TYR D 134 15.51 22.81 -4.66
CA TYR D 134 16.84 22.86 -5.26
C TYR D 134 17.92 22.76 -4.21
N HIS D 135 17.75 23.42 -3.07
CA HIS D 135 18.83 23.49 -2.09
C HIS D 135 18.90 22.24 -1.22
N GLN D 136 17.76 21.65 -0.88
CA GLN D 136 17.71 20.60 0.12
C GLN D 136 17.31 19.24 -0.43
N HIS D 137 16.87 19.16 -1.69
CA HIS D 137 16.39 17.88 -2.20
C HIS D 137 16.76 17.65 -3.67
N PHE D 138 17.74 18.38 -4.22
CA PHE D 138 18.10 18.13 -5.60
C PHE D 138 18.69 16.74 -5.79
N ASP D 139 19.31 16.17 -4.75
CA ASP D 139 19.78 14.80 -4.83
C ASP D 139 18.62 13.83 -5.04
N SER D 140 17.51 14.04 -4.33
CA SER D 140 16.33 13.19 -4.54
C SER D 140 15.74 13.41 -5.93
N VAL D 141 15.79 14.64 -6.43
CA VAL D 141 15.34 14.93 -7.79
C VAL D 141 16.12 14.10 -8.79
N MET D 142 17.43 13.94 -8.56
CA MET D 142 18.27 13.18 -9.48
C MET D 142 18.00 11.69 -9.40
N GLN D 143 17.62 11.18 -8.22
CA GLN D 143 17.28 9.76 -8.11
C GLN D 143 15.98 9.43 -8.82
N LEU D 144 15.11 10.42 -9.00
CA LEU D 144 13.86 10.24 -9.72
C LEU D 144 13.97 10.62 -11.19
N GLN D 145 15.15 11.05 -11.64
CA GLN D 145 15.41 11.34 -13.05
C GLN D 145 14.47 12.41 -13.59
N GLU D 146 14.20 13.44 -12.78
CA GLU D 146 13.26 14.48 -13.15
C GLU D 146 13.91 15.86 -13.17
N GLU D 147 15.23 15.91 -13.33
CA GLU D 147 15.92 17.20 -13.35
C GLU D 147 15.49 18.04 -14.55
N ALA D 148 15.17 17.40 -15.68
CA ALA D 148 14.76 18.16 -16.85
C ALA D 148 13.41 18.82 -16.65
N HIS D 149 12.47 18.10 -16.01
CA HIS D 149 11.14 18.66 -15.79
C HIS D 149 11.17 19.75 -14.71
N LEU D 150 11.93 19.53 -13.64
CA LEU D 150 12.06 20.57 -12.63
C LEU D 150 12.67 21.83 -13.23
N ASN D 151 13.79 21.68 -13.95
CA ASN D 151 14.44 22.83 -14.55
C ASN D 151 13.51 23.55 -15.55
N THR D 152 12.78 22.76 -16.34
CA THR D 152 11.88 23.36 -17.35
C THR D 152 10.72 24.08 -16.68
N SER D 153 10.11 23.47 -15.67
CA SER D 153 9.03 24.12 -14.94
C SER D 153 9.53 25.39 -14.25
N PHE D 154 10.69 25.33 -13.61
CA PHE D 154 11.25 26.52 -12.98
C PHE D 154 11.63 27.56 -14.02
N LYS D 155 12.15 27.11 -15.16
CA LYS D 155 12.47 28.02 -16.26
C LYS D 155 11.22 28.80 -16.70
N HIS D 156 10.12 28.07 -16.91
CA HIS D 156 8.87 28.71 -17.31
C HIS D 156 8.38 29.66 -16.23
N PHE D 157 8.40 29.22 -14.96
CA PHE D 157 7.89 30.04 -13.87
C PHE D 157 8.71 31.32 -13.72
N ILE D 158 10.04 31.20 -13.73
CA ILE D 158 10.87 32.38 -13.50
C ILE D 158 10.88 33.28 -14.73
N PHE D 159 10.66 32.71 -15.92
CA PHE D 159 10.49 33.55 -17.10
C PHE D 159 9.23 34.39 -17.00
N PHE D 160 8.20 33.88 -16.33
CA PHE D 160 6.97 34.63 -16.15
C PHE D 160 7.14 35.74 -15.12
N VAL D 161 7.80 35.44 -14.01
CA VAL D 161 8.07 36.46 -13.00
C VAL D 161 8.92 37.58 -13.59
N GLN D 162 9.95 37.23 -14.36
CA GLN D 162 10.82 38.24 -14.96
C GLN D 162 10.09 39.05 -16.01
N GLU D 163 9.19 38.40 -16.76
CA GLU D 163 8.47 39.10 -17.82
C GLU D 163 7.68 40.28 -17.28
N PHE D 164 7.11 40.14 -16.07
CA PHE D 164 6.27 41.16 -15.49
C PHE D 164 6.79 41.69 -14.16
N ASN D 165 7.98 41.25 -13.72
CA ASN D 165 8.64 41.78 -12.53
C ASN D 165 7.74 41.65 -11.29
N LEU D 166 7.33 40.40 -11.03
CA LEU D 166 6.36 40.12 -9.99
C LEU D 166 6.96 39.69 -8.66
N ILE D 167 8.24 39.37 -8.62
CA ILE D 167 8.92 39.03 -7.37
C ILE D 167 10.17 39.87 -7.24
N ASP D 168 10.40 40.42 -6.05
CA ASP D 168 11.55 41.28 -5.81
C ASP D 168 12.85 40.50 -6.00
N ARG D 169 13.86 41.20 -6.52
CA ARG D 169 15.16 40.57 -6.78
C ARG D 169 15.78 40.01 -5.51
N ARG D 170 15.60 40.71 -4.38
CA ARG D 170 16.14 40.22 -3.12
C ARG D 170 15.55 38.87 -2.73
N GLU D 171 14.27 38.65 -3.05
CA GLU D 171 13.66 37.36 -2.77
C GLU D 171 14.18 36.27 -3.70
N LEU D 172 14.61 36.64 -4.90
CA LEU D 172 15.13 35.67 -5.86
C LEU D 172 16.56 35.23 -5.56
N ALA D 173 17.21 35.85 -4.56
CA ALA D 173 18.61 35.57 -4.28
C ALA D 173 18.95 34.10 -4.06
N PRO D 174 18.15 33.28 -3.37
CA PRO D 174 18.55 31.88 -3.14
C PRO D 174 18.79 31.08 -4.41
N LEU D 175 18.30 31.54 -5.56
CA LEU D 175 18.51 30.85 -6.82
C LEU D 175 19.03 31.79 -7.89
N GLN D 176 19.74 32.85 -7.48
CA GLN D 176 20.19 33.86 -8.43
C GLN D 176 21.16 33.28 -9.44
N GLU D 177 22.05 32.40 -9.00
CA GLU D 177 23.01 31.79 -9.92
C GLU D 177 22.31 30.94 -10.97
N LEU D 178 21.27 30.21 -10.58
CA LEU D 178 20.58 29.34 -11.53
C LEU D 178 19.70 30.13 -12.50
N ILE D 179 19.05 31.19 -12.01
CA ILE D 179 18.23 32.03 -12.89
C ILE D 179 19.08 32.63 -14.01
N GLU D 180 20.27 33.15 -13.65
CA GLU D 180 21.16 33.72 -14.66
C GLU D 180 21.58 32.68 -15.69
N LYS D 181 21.84 31.45 -15.24
CA LYS D 181 22.34 30.41 -16.14
C LYS D 181 21.32 30.08 -17.22
N LEU D 182 20.02 30.14 -16.90
CA LEU D 182 18.98 29.85 -17.87
C LEU D 182 18.76 30.97 -18.89
N GLY D 183 19.36 32.13 -18.68
CA GLY D 183 19.17 33.26 -19.58
C GLY D 183 20.39 33.60 -20.41
O1 PG4 E . 4.43 3.20 11.01
C1 PG4 E . 4.40 2.93 12.39
C2 PG4 E . 3.38 3.85 13.07
O2 PG4 E . 2.87 3.21 14.20
C3 PG4 E . 2.64 4.05 15.30
C4 PG4 E . 2.99 3.32 16.60
O3 PG4 E . 4.36 3.05 16.64
C5 PG4 E . 4.72 2.04 17.54
C6 PG4 E . 5.60 0.99 16.84
O4 PG4 E . 5.75 -0.14 17.65
C7 PG4 E . 5.87 -1.34 16.94
C8 PG4 E . 7.00 -1.22 15.92
O5 PG4 E . 6.85 -2.22 14.94
C1 PEG F . -41.28 8.09 3.73
O1 PEG F . -42.09 6.97 3.45
C2 PEG F . -40.42 7.82 4.94
O2 PEG F . -40.30 8.99 5.70
C3 PEG F . -40.07 8.78 7.07
C4 PEG F . -40.29 10.09 7.83
O4 PEG F . -41.48 10.69 7.39
C1 PEG G . -46.68 9.53 5.48
O1 PEG G . -46.20 8.92 4.30
C2 PEG G . -45.81 10.74 5.82
O2 PEG G . -46.08 11.15 7.13
C3 PEG G . -45.64 10.27 8.12
C4 PEG G . -44.37 10.81 8.77
O4 PEG G . -43.90 9.91 9.74
C1 PEG H . -5.50 -44.54 7.05
O1 PEG H . -5.08 -44.01 8.27
C2 PEG H . -4.51 -44.15 5.95
O2 PEG H . -5.21 -43.56 4.89
C3 PEG H . -4.61 -43.77 3.64
C4 PEG H . -3.27 -43.05 3.58
O4 PEG H . -2.64 -43.36 2.36
C1 PEG I . 2.32 -19.37 4.86
O1 PEG I . 2.27 -18.15 4.17
C2 PEG I . 3.20 -20.36 4.09
O2 PEG I . 2.61 -21.63 4.10
C3 PEG I . 1.35 -21.68 3.49
C4 PEG I . 1.13 -23.08 2.92
O4 PEG I . 1.59 -24.02 3.84
O1 P6G J . -9.36 10.72 -3.13
C2 P6G J . -8.25 10.36 -3.91
C3 P6G J . -8.68 9.37 -4.99
O4 P6G J . -7.73 8.35 -5.11
C5 P6G J . -8.20 7.17 -5.70
C6 P6G J . -7.26 6.01 -5.35
O7 P6G J . -7.86 4.78 -5.64
C8 P6G J . -9.19 4.64 -5.21
C9 P6G J . -9.71 3.24 -5.53
O10 P6G J . -10.42 3.21 -6.73
C11 P6G J . -11.40 4.21 -6.87
C12 P6G J . -11.84 4.28 -8.33
O13 P6G J . -12.50 5.49 -8.57
C14 P6G J . -11.71 6.62 -8.36
C15 P6G J . -12.40 7.84 -8.96
O16 P6G J . -12.12 8.97 -8.17
C17 P6G J . -13.22 9.46 -7.48
C18 P6G J . -12.77 10.62 -6.58
O19 P6G J . -11.63 10.22 -5.87
O1 P6G K . -19.45 -0.72 18.87
C2 P6G K . -19.16 -1.81 18.03
C3 P6G K . -18.85 -1.34 16.61
O4 P6G K . -17.45 -1.30 16.41
C5 P6G K . -17.03 -0.66 15.24
C6 P6G K . -15.86 0.30 15.50
O7 P6G K . -14.79 -0.34 16.16
C8 P6G K . -13.53 0.19 15.87
C9 P6G K . -12.69 -0.83 15.11
O10 P6G K . -11.70 -1.39 15.93
C11 P6G K . -10.63 -2.00 15.25
C12 P6G K . -9.59 -0.95 14.86
O13 P6G K . -9.55 -0.80 13.46
C14 P6G K . -8.81 0.30 13.02
C15 P6G K . -9.72 1.53 12.92
O16 P6G K . -9.35 2.50 13.86
C17 P6G K . -10.30 3.52 14.02
C18 P6G K . -9.87 4.50 15.12
O19 P6G K . -9.43 5.69 14.52
C1 PEG L . -6.08 -29.87 -2.70
O1 PEG L . -4.90 -29.96 -3.46
C2 PEG L . -5.82 -30.33 -1.27
O2 PEG L . -5.07 -29.37 -0.58
C3 PEG L . -5.78 -28.71 0.43
C4 PEG L . -4.81 -27.99 1.37
O4 PEG L . -4.15 -26.96 0.67
C1 PEG M . -13.63 -34.68 -1.27
O1 PEG M . -13.46 -33.56 -2.10
C2 PEG M . -12.36 -35.53 -1.30
O2 PEG M . -12.62 -36.79 -0.76
C3 PEG M . -12.29 -37.85 -1.61
C4 PEG M . -10.79 -38.12 -1.52
O4 PEG M . -10.35 -38.71 -2.71
C1 PEG N . -42.68 -14.36 5.17
O1 PEG N . -43.32 -13.29 4.52
C2 PEG N . -41.17 -14.17 5.09
O2 PEG N . -40.53 -14.86 6.12
C3 PEG N . -40.81 -14.36 7.41
C4 PEG N . -39.91 -15.03 8.45
O4 PEG N . -40.30 -16.35 8.64
O1 PG4 O . -43.77 -7.57 21.31
C1 PG4 O . -42.64 -8.20 21.81
C2 PG4 O . -42.77 -9.70 21.50
O2 PG4 O . -41.68 -10.37 22.06
C3 PG4 O . -40.83 -10.99 21.14
C4 PG4 O . -40.01 -12.05 21.88
O3 PG4 O . -39.29 -12.82 20.96
C5 PG4 O . -40.09 -13.49 20.03
C6 PG4 O . -39.17 -14.16 18.99
O4 PG4 O . -38.17 -14.88 19.64
C7 PG4 O . -37.53 -15.84 18.83
C8 PG4 O . -38.51 -16.94 18.42
O5 PG4 O . -37.92 -17.78 17.45
ZN ZN P . -1.54 13.02 25.16
C1 PEG Q . -9.68 9.03 35.14
O1 PEG Q . -10.70 9.93 34.77
C2 PEG Q . -10.21 7.60 35.14
O2 PEG Q . -10.11 7.04 33.87
C3 PEG Q . -11.21 7.28 33.04
C4 PEG Q . -11.67 5.98 32.37
O4 PEG Q . -12.18 5.11 33.33
O1 P6G R . 5.99 4.40 51.02
C2 P6G R . 6.23 4.71 49.66
C3 P6G R . 7.35 3.85 49.10
O4 P6G R . 7.72 4.33 47.83
C5 P6G R . 9.10 4.25 47.55
C6 P6G R . 9.75 5.63 47.66
O7 P6G R . 11.05 5.60 47.15
C8 P6G R . 11.92 4.73 47.84
C9 P6G R . 13.22 4.56 47.06
O10 P6G R . 14.17 3.93 47.85
C11 P6G R . 14.31 2.55 47.63
C12 P6G R . 13.77 1.75 48.82
O13 P6G R . 13.33 0.51 48.37
C14 P6G R . 13.02 -0.43 49.37
C15 P6G R . 12.11 -1.52 48.80
O16 P6G R . 10.79 -1.06 48.72
C17 P6G R . 9.85 -1.86 49.38
C18 P6G R . 8.84 -0.97 50.11
O19 P6G R . 8.22 -1.66 51.14
C1 PEG S . 20.11 -12.98 35.36
O1 PEG S . 19.18 -13.96 35.00
C2 PEG S . 20.50 -13.16 36.82
O2 PEG S . 21.17 -12.01 37.27
C3 PEG S . 21.01 -11.74 38.63
C4 PEG S . 22.23 -12.20 39.41
O4 PEG S . 22.36 -11.44 40.58
MN MN T . -0.52 -2.80 -20.98
O1 P6G U . 22.31 12.78 -19.32
C2 P6G U . 22.76 11.90 -18.33
C3 P6G U . 22.28 12.37 -16.96
O4 P6G U . 22.36 11.32 -16.03
C5 P6G U . 23.63 11.15 -15.47
C6 P6G U . 23.78 9.75 -14.87
O7 P6G U . 22.52 9.13 -14.78
C8 P6G U . 22.54 7.85 -14.22
C9 P6G U . 21.33 7.04 -14.72
O10 P6G U . 21.55 5.67 -14.53
C11 P6G U . 20.53 4.84 -15.01
C12 P6G U . 19.80 4.18 -13.84
O13 P6G U . 18.48 3.90 -14.20
C14 P6G U . 17.66 3.48 -13.15
C15 P6G U . 17.59 4.56 -12.06
O16 P6G U . 16.56 5.46 -12.35
C17 P6G U . 15.40 5.30 -11.58
C18 P6G U . 14.15 5.59 -12.41
O19 P6G U . 13.02 5.65 -11.59
C1 PEG V . -10.52 -2.90 -48.81
O1 PEG V . -10.30 -1.53 -48.62
C2 PEG V . -11.18 -3.50 -47.57
O2 PEG V . -11.23 -4.89 -47.68
C3 PEG V . -11.79 -5.53 -46.57
C4 PEG V . -13.21 -5.02 -46.35
O4 PEG V . -13.94 -5.96 -45.61
C1 PEG W . 0.82 12.45 -3.58
O1 PEG W . 1.99 13.22 -3.57
C2 PEG W . 1.15 11.03 -3.14
O2 PEG W . 0.01 10.23 -3.19
C3 PEG W . 0.25 8.87 -2.96
C4 PEG W . -1.07 8.15 -2.72
O4 PEG W . -0.92 7.29 -1.62
C1 PEG X . 35.47 0.27 -31.57
O1 PEG X . 34.80 -0.71 -32.32
C2 PEG X . 36.96 0.26 -31.92
O2 PEG X . 37.65 -0.60 -31.07
C3 PEG X . 38.89 -0.11 -30.64
C4 PEG X . 39.43 -0.96 -29.50
O4 PEG X . 40.50 -0.30 -28.90
C1 PEG Y . 16.16 7.04 -2.66
O1 PEG Y . 17.09 6.00 -2.57
C2 PEG Y . 14.77 6.48 -3.00
O2 PEG Y . 14.28 7.13 -4.13
C3 PEG Y . 13.45 6.32 -4.93
C4 PEG Y . 13.87 6.47 -6.40
O4 PEG Y . 12.98 5.75 -7.23
C1 PEG Z . 37.94 -15.10 -8.86
O1 PEG Z . 38.25 -15.56 -10.15
C2 PEG Z . 38.10 -13.58 -8.81
O2 PEG Z . 39.45 -13.26 -8.89
C3 PEG Z . 39.73 -11.89 -8.81
C4 PEG Z . 41.20 -11.69 -8.43
O4 PEG Z . 41.37 -10.44 -7.83
C1 PEG AA . -7.28 -9.73 -33.90
O1 PEG AA . -8.02 -10.73 -33.24
C2 PEG AA . -7.70 -8.36 -33.37
O2 PEG AA . -6.74 -7.89 -32.46
C3 PEG AA . -6.73 -8.57 -31.23
C4 PEG AA . -6.66 -7.57 -30.08
O4 PEG AA . -7.95 -7.30 -29.62
C1 PEG BA . -6.33 -12.99 -43.29
O1 PEG BA . -7.21 -14.05 -43.01
C2 PEG BA . -5.02 -13.17 -42.52
O2 PEG BA . -4.12 -12.17 -42.88
C3 PEG BA . -3.35 -11.68 -41.82
C4 PEG BA . -2.37 -12.77 -41.36
O4 PEG BA . -2.25 -12.72 -39.96
PG ANP CA . -1.85 -5.68 -19.49
O1G ANP CA . -1.11 -4.85 -20.65
O2G ANP CA . -3.28 -5.34 -19.53
O3G ANP CA . -1.65 -7.22 -19.74
PB ANP CA . 0.12 -6.08 -18.12
O1B ANP CA . 0.71 -6.26 -19.58
O2B ANP CA . 0.08 -7.40 -17.46
N3B ANP CA . -1.28 -5.41 -18.26
PA ANP CA . 0.39 -3.58 -17.41
O1A ANP CA . -0.19 -3.30 -18.86
O2A ANP CA . 1.41 -2.59 -17.09
O3A ANP CA . 1.01 -5.00 -17.43
O5' ANP CA . -0.74 -3.75 -16.37
C5' ANP CA . -1.76 -2.79 -16.27
C4' ANP CA . -2.11 -2.43 -14.83
O4' ANP CA . -1.42 -3.19 -13.88
C3' ANP CA . -1.59 -1.09 -14.61
O3' ANP CA . -2.48 -0.18 -15.20
C2' ANP CA . -1.67 -1.02 -13.13
O2' ANP CA . -2.99 -0.99 -12.74
C1' ANP CA . -1.17 -2.35 -12.76
N9 ANP CA . 0.25 -2.33 -12.56
C8 ANP CA . 1.14 -2.96 -13.28
N7 ANP CA . 2.33 -2.69 -12.79
C5 ANP CA . 2.16 -1.88 -11.77
C6 ANP CA . 3.02 -1.33 -10.96
N6 ANP CA . 4.28 -1.60 -11.17
N1 ANP CA . 2.65 -0.52 -9.99
C2 ANP CA . 1.33 -0.28 -9.83
N3 ANP CA . 0.44 -0.87 -10.70
C4 ANP CA . 0.88 -1.66 -11.64
ZN ZN DA . 12.69 19.50 2.84
O1 PG4 EA . 7.80 43.70 -6.94
C1 PG4 EA . 7.40 45.04 -6.85
C2 PG4 EA . 6.64 45.28 -5.54
O2 PG4 EA . 5.79 44.20 -5.26
C3 PG4 EA . 4.69 44.50 -4.45
C4 PG4 EA . 3.86 45.64 -5.06
O3 PG4 EA . 2.52 45.25 -5.29
C5 PG4 EA . 1.67 46.29 -5.70
C6 PG4 EA . 1.09 45.97 -7.06
O4 PG4 EA . 1.85 46.59 -8.03
C7 PG4 EA . 2.09 45.87 -9.20
C8 PG4 EA . 3.55 46.00 -9.63
O5 PG4 EA . 4.01 44.85 -10.27
C1 PEG FA . 21.48 23.04 -9.01
O1 PEG FA . 21.68 21.79 -8.44
C2 PEG FA . 21.79 24.12 -7.98
O2 PEG FA . 21.15 23.80 -6.77
C3 PEG FA . 22.02 23.65 -5.68
C4 PEG FA . 22.56 25.02 -5.29
O4 PEG FA . 21.51 25.93 -5.30
C1 PEG GA . -11.68 33.25 -20.89
O1 PEG GA . -11.45 33.40 -22.27
C2 PEG GA . -12.05 34.61 -20.29
O2 PEG GA . -12.19 34.49 -18.90
C3 PEG GA . -12.73 35.61 -18.24
C4 PEG GA . -12.72 35.37 -16.73
O4 PEG GA . -12.90 36.59 -16.06
#